data_1GMB
# 
_entry.id   1GMB 
# 
_audit_conform.dict_name       mmcif_pdbx.dic 
_audit_conform.dict_version    5.397 
_audit_conform.dict_location   http://mmcif.pdb.org/dictionaries/ascii/mmcif_pdbx.dic 
# 
loop_
_database_2.database_id 
_database_2.database_code 
_database_2.pdbx_database_accession 
_database_2.pdbx_DOI 
PDB   1GMB         pdb_00001gmb 10.2210/pdb1gmb/pdb 
PDBE  EBI-8555     ?            ?                   
WWPDB D_1290008555 ?            ?                   
# 
loop_
_pdbx_audit_revision_history.ordinal 
_pdbx_audit_revision_history.data_content_type 
_pdbx_audit_revision_history.major_revision 
_pdbx_audit_revision_history.minor_revision 
_pdbx_audit_revision_history.revision_date 
1 'Structure model' 1 0 2002-09-12 
2 'Structure model' 1 1 2011-05-08 
3 'Structure model' 1 2 2011-07-13 
4 'Structure model' 1 3 2017-06-28 
5 'Structure model' 1 4 2019-05-22 
6 'Structure model' 1 5 2023-12-13 
7 'Structure model' 1 6 2024-10-16 
# 
_pdbx_audit_revision_details.ordinal             1 
_pdbx_audit_revision_details.revision_ordinal    1 
_pdbx_audit_revision_details.data_content_type   'Structure model' 
_pdbx_audit_revision_details.provider            repository 
_pdbx_audit_revision_details.type                'Initial release' 
_pdbx_audit_revision_details.description         ? 
_pdbx_audit_revision_details.details             ? 
# 
loop_
_pdbx_audit_revision_group.ordinal 
_pdbx_audit_revision_group.revision_ordinal 
_pdbx_audit_revision_group.data_content_type 
_pdbx_audit_revision_group.group 
1  2 'Structure model' 'Version format compliance' 
2  3 'Structure model' 'Version format compliance' 
3  4 'Structure model' 'Data collection'           
4  5 'Structure model' 'Data collection'           
5  5 'Structure model' 'Derived calculations'      
6  5 'Structure model' 'Refinement description'    
7  6 'Structure model' 'Data collection'           
8  6 'Structure model' 'Database references'       
9  6 'Structure model' 'Derived calculations'      
10 6 'Structure model' Other                       
11 6 'Structure model' 'Refinement description'    
12 7 'Structure model' 'Structure summary'         
# 
loop_
_pdbx_audit_revision_category.ordinal 
_pdbx_audit_revision_category.revision_ordinal 
_pdbx_audit_revision_category.data_content_type 
_pdbx_audit_revision_category.category 
1  4 'Structure model' diffrn_source                 
2  5 'Structure model' refine                        
3  5 'Structure model' struct_conn                   
4  6 'Structure model' chem_comp_atom                
5  6 'Structure model' chem_comp_bond                
6  6 'Structure model' database_2                    
7  6 'Structure model' pdbx_database_status          
8  6 'Structure model' pdbx_initial_refinement_model 
9  6 'Structure model' struct_conn                   
10 6 'Structure model' struct_conn_type              
11 6 'Structure model' struct_site                   
12 7 'Structure model' pdbx_entry_details            
13 7 'Structure model' pdbx_modification_feature     
# 
loop_
_pdbx_audit_revision_item.ordinal 
_pdbx_audit_revision_item.revision_ordinal 
_pdbx_audit_revision_item.data_content_type 
_pdbx_audit_revision_item.item 
1  4 'Structure model' '_diffrn_source.type'                  
2  5 'Structure model' '_refine.pdbx_ls_cross_valid_method'   
3  5 'Structure model' '_struct_conn.pdbx_leaving_atom_flag'  
4  6 'Structure model' '_database_2.pdbx_DOI'                 
5  6 'Structure model' '_database_2.pdbx_database_accession'  
6  6 'Structure model' '_pdbx_database_status.status_code_sf' 
7  6 'Structure model' '_struct_conn.conn_type_id'            
8  6 'Structure model' '_struct_conn.id'                      
9  6 'Structure model' '_struct_conn.pdbx_dist_value'         
10 6 'Structure model' '_struct_conn.pdbx_leaving_atom_flag'  
11 6 'Structure model' '_struct_conn.ptnr1_auth_comp_id'      
12 6 'Structure model' '_struct_conn.ptnr1_auth_seq_id'       
13 6 'Structure model' '_struct_conn.ptnr1_label_asym_id'     
14 6 'Structure model' '_struct_conn.ptnr1_label_atom_id'     
15 6 'Structure model' '_struct_conn.ptnr1_label_comp_id'     
16 6 'Structure model' '_struct_conn.ptnr1_label_seq_id'      
17 6 'Structure model' '_struct_conn.ptnr2_auth_comp_id'      
18 6 'Structure model' '_struct_conn.ptnr2_auth_seq_id'       
19 6 'Structure model' '_struct_conn.ptnr2_label_asym_id'     
20 6 'Structure model' '_struct_conn.ptnr2_label_atom_id'     
21 6 'Structure model' '_struct_conn.ptnr2_label_comp_id'     
22 6 'Structure model' '_struct_conn.ptnr2_label_seq_id'      
23 6 'Structure model' '_struct_conn_type.id'                 
24 6 'Structure model' '_struct_site.pdbx_auth_asym_id'       
25 6 'Structure model' '_struct_site.pdbx_auth_comp_id'       
26 6 'Structure model' '_struct_site.pdbx_auth_seq_id'        
# 
_pdbx_database_status.status_code                     REL 
_pdbx_database_status.entry_id                        1GMB 
_pdbx_database_status.deposit_site                    PDBE 
_pdbx_database_status.process_site                    PDBE 
_pdbx_database_status.SG_entry                        . 
_pdbx_database_status.recvd_initial_deposition_date   2001-09-12 
_pdbx_database_status.pdb_format_compatible           Y 
_pdbx_database_status.status_code_sf                  REL 
_pdbx_database_status.status_code_mr                  ? 
_pdbx_database_status.status_code_cs                  ? 
_pdbx_database_status.methods_development_category    ? 
_pdbx_database_status.status_code_nmr_data            ? 
# 
loop_
_pdbx_database_related.db_name 
_pdbx_database_related.db_id 
_pdbx_database_related.content_type 
_pdbx_database_related.details 
PDB 1GM4 unspecified 'OXIDISED STRUCTURE OF CYTOCHROME C3 FROM DESULFOVIBRIO DESULFURICANS ATCC 27774 AT PH 7.6' 
PDB 3CYR unspecified 'CYTOCHROME C3 FROM DESULFOVIBRIO DESULFURICANS ATCC 27774P'                                
# 
loop_
_audit_author.name 
_audit_author.pdbx_ordinal 
'Bento, I.'      1 
'Louro, R.'      2 
'Matias, P.M.'   3 
'Catarino, T.'   4 
'Baptista, A.M.' 5 
'Soares, C.M.'   6 
'Carrondo, M.A.' 7 
'Turner, D.L.'   8 
'Xavier, A.V.'   9 
# 
loop_
_citation.id 
_citation.title 
_citation.journal_abbrev 
_citation.journal_volume 
_citation.page_first 
_citation.page_last 
_citation.year 
_citation.journal_id_ASTM 
_citation.country 
_citation.journal_id_ISSN 
_citation.journal_id_CSD 
_citation.book_publisher 
_citation.pdbx_database_id_PubMed 
_citation.pdbx_database_id_DOI 
primary 'Conformational Component in the Coupled Transfer of Multiple Electrons and Protons in a Monomeric Tetraheme Cytochrome' 
J.Biol.Chem.    276 44044 ? 2001 JBCHA3 US 0021-9258 0071 ? 11551953 10.1074/JBC.M107136200 
1       
;Refinement of the Three-Dimensional Structures of Cytochrome C3 from Desulfovibrio Vulgaris Hildenborough at 1.67 Angstroms Resolution and from Desulfovibrio Desulfuricans Atcc 27774 at 1.6 Angstrom S Resolution
;
Inorg.Chim.Acta 273 213   ? 1998 ICHAA3 SZ 0020-1693 0155 ? ?        ?                      
2       
;Structure of the Tetraheme Cytochrome from Desulfovibrio Desulfuricans Atcc 27774: X-Ray Diffraction and Electron Paramagnetic Resonance Studies
;
Biochemistry    34  12830 ? 1995 BICHAW US 0006-2960 0033 ? 7548038  10.1021/BI00039A044    
# 
loop_
_citation_author.citation_id 
_citation_author.name 
_citation_author.ordinal 
_citation_author.identifier_ORCID 
primary 'Louro, R.'      1  ? 
primary 'Bento, I.'      2  ? 
primary 'Matias, P.M.'   3  ? 
primary 'Catarino, T.'   4  ? 
primary 'Baptista, A.M.' 5  ? 
primary 'Soares, C.M.'   6  ? 
primary 'Carrondo, M.A.' 7  ? 
primary 'Turner, D.L.'   8  ? 
primary 'Xavier, A.V.'   9  ? 
1       'Simoes, P.'     10 ? 
1       'Matias, P.M.'   11 ? 
1       'Morais, J.'     12 ? 
1       'Wilson, K.'     13 ? 
1       'Dauter, Z.'     14 ? 
1       'Carrondo, M.A.' 15 ? 
2       'Morais, J.'     16 ? 
2       'Palma, P.N.'    17 ? 
2       'Frazao, C.'     18 ? 
2       'Caldeira, J.'   19 ? 
2       'Legall, J.'     20 ? 
2       'Moura, I.'      21 ? 
2       'Moura, J.J.'    22 ? 
2       'Carrondo, M.A.' 23 ? 
# 
loop_
_entity.id 
_entity.type 
_entity.src_method 
_entity.pdbx_description 
_entity.formula_weight 
_entity.pdbx_number_of_molecules 
_entity.pdbx_ec 
_entity.pdbx_mutation 
_entity.pdbx_fragment 
_entity.details 
1 polymer     nat 'CYTOCHROME C3' 11618.471 1  ? ? ? ? 
2 non-polymer syn 'HEME C'        618.503   4  ? ? ? ? 
3 non-polymer syn 'SULFATE ION'   96.063    2  ? ? ? ? 
4 water       nat water           18.015    97 ? ? ? ? 
# 
_entity_poly.entity_id                      1 
_entity_poly.type                           'polypeptide(L)' 
_entity_poly.nstd_linkage                   no 
_entity_poly.nstd_monomer                   no 
_entity_poly.pdbx_seq_one_letter_code       
;APAVPDKPVEVKGSQKTVMFPHAPHEKVECVTCHHLVDGKESYAKCGSSGCHDDLTAKKGEKSLYYVVHARGELKHTSCL
ACHSKVVAEKPELKKDLTGCAKSKCHP
;
_entity_poly.pdbx_seq_one_letter_code_can   
;APAVPDKPVEVKGSQKTVMFPHAPHEKVECVTCHHLVDGKESYAKCGSSGCHDDLTAKKGEKSLYYVVHARGELKHTSCL
ACHSKVVAEKPELKKDLTGCAKSKCHP
;
_entity_poly.pdbx_strand_id                 A 
_entity_poly.pdbx_target_identifier         ? 
# 
loop_
_pdbx_entity_nonpoly.entity_id 
_pdbx_entity_nonpoly.name 
_pdbx_entity_nonpoly.comp_id 
2 'HEME C'      HEC 
3 'SULFATE ION' SO4 
4 water         HOH 
# 
loop_
_entity_poly_seq.entity_id 
_entity_poly_seq.num 
_entity_poly_seq.mon_id 
_entity_poly_seq.hetero 
1 1   ALA n 
1 2   PRO n 
1 3   ALA n 
1 4   VAL n 
1 5   PRO n 
1 6   ASP n 
1 7   LYS n 
1 8   PRO n 
1 9   VAL n 
1 10  GLU n 
1 11  VAL n 
1 12  LYS n 
1 13  GLY n 
1 14  SER n 
1 15  GLN n 
1 16  LYS n 
1 17  THR n 
1 18  VAL n 
1 19  MET n 
1 20  PHE n 
1 21  PRO n 
1 22  HIS n 
1 23  ALA n 
1 24  PRO n 
1 25  HIS n 
1 26  GLU n 
1 27  LYS n 
1 28  VAL n 
1 29  GLU n 
1 30  CYS n 
1 31  VAL n 
1 32  THR n 
1 33  CYS n 
1 34  HIS n 
1 35  HIS n 
1 36  LEU n 
1 37  VAL n 
1 38  ASP n 
1 39  GLY n 
1 40  LYS n 
1 41  GLU n 
1 42  SER n 
1 43  TYR n 
1 44  ALA n 
1 45  LYS n 
1 46  CYS n 
1 47  GLY n 
1 48  SER n 
1 49  SER n 
1 50  GLY n 
1 51  CYS n 
1 52  HIS n 
1 53  ASP n 
1 54  ASP n 
1 55  LEU n 
1 56  THR n 
1 57  ALA n 
1 58  LYS n 
1 59  LYS n 
1 60  GLY n 
1 61  GLU n 
1 62  LYS n 
1 63  SER n 
1 64  LEU n 
1 65  TYR n 
1 66  TYR n 
1 67  VAL n 
1 68  VAL n 
1 69  HIS n 
1 70  ALA n 
1 71  ARG n 
1 72  GLY n 
1 73  GLU n 
1 74  LEU n 
1 75  LYS n 
1 76  HIS n 
1 77  THR n 
1 78  SER n 
1 79  CYS n 
1 80  LEU n 
1 81  ALA n 
1 82  CYS n 
1 83  HIS n 
1 84  SER n 
1 85  LYS n 
1 86  VAL n 
1 87  VAL n 
1 88  ALA n 
1 89  GLU n 
1 90  LYS n 
1 91  PRO n 
1 92  GLU n 
1 93  LEU n 
1 94  LYS n 
1 95  LYS n 
1 96  ASP n 
1 97  LEU n 
1 98  THR n 
1 99  GLY n 
1 100 CYS n 
1 101 ALA n 
1 102 LYS n 
1 103 SER n 
1 104 LYS n 
1 105 CYS n 
1 106 HIS n 
1 107 PRO n 
# 
_entity_src_nat.entity_id                  1 
_entity_src_nat.pdbx_src_id                1 
_entity_src_nat.pdbx_alt_source_flag       sample 
_entity_src_nat.pdbx_beg_seq_num           ? 
_entity_src_nat.pdbx_end_seq_num           ? 
_entity_src_nat.common_name                ? 
_entity_src_nat.pdbx_organism_scientific   'DESULFOVIBRIO DESULFURICANS' 
_entity_src_nat.pdbx_ncbi_taxonomy_id      876 
_entity_src_nat.genus                      ? 
_entity_src_nat.species                    ? 
_entity_src_nat.strain                     ? 
_entity_src_nat.tissue                     ? 
_entity_src_nat.tissue_fraction            ? 
_entity_src_nat.pdbx_secretion             ? 
_entity_src_nat.pdbx_fragment              ? 
_entity_src_nat.pdbx_variant               ? 
_entity_src_nat.pdbx_cell_line             ? 
_entity_src_nat.pdbx_atcc                  27774 
_entity_src_nat.pdbx_cellular_location     ? 
_entity_src_nat.pdbx_organ                 ? 
_entity_src_nat.pdbx_organelle             ? 
_entity_src_nat.pdbx_cell                  ? 
_entity_src_nat.pdbx_plasmid_name          ? 
_entity_src_nat.pdbx_plasmid_details       ? 
_entity_src_nat.details                    ? 
# 
loop_
_chem_comp.id 
_chem_comp.type 
_chem_comp.mon_nstd_flag 
_chem_comp.name 
_chem_comp.pdbx_synonyms 
_chem_comp.formula 
_chem_comp.formula_weight 
ALA 'L-peptide linking' y ALANINE         ? 'C3 H7 N O2'       89.093  
ARG 'L-peptide linking' y ARGININE        ? 'C6 H15 N4 O2 1'   175.209 
ASP 'L-peptide linking' y 'ASPARTIC ACID' ? 'C4 H7 N O4'       133.103 
CYS 'L-peptide linking' y CYSTEINE        ? 'C3 H7 N O2 S'     121.158 
GLN 'L-peptide linking' y GLUTAMINE       ? 'C5 H10 N2 O3'     146.144 
GLU 'L-peptide linking' y 'GLUTAMIC ACID' ? 'C5 H9 N O4'       147.129 
GLY 'peptide linking'   y GLYCINE         ? 'C2 H5 N O2'       75.067  
HEC non-polymer         . 'HEME C'        ? 'C34 H34 Fe N4 O4' 618.503 
HIS 'L-peptide linking' y HISTIDINE       ? 'C6 H10 N3 O2 1'   156.162 
HOH non-polymer         . WATER           ? 'H2 O'             18.015  
LEU 'L-peptide linking' y LEUCINE         ? 'C6 H13 N O2'      131.173 
LYS 'L-peptide linking' y LYSINE          ? 'C6 H15 N2 O2 1'   147.195 
MET 'L-peptide linking' y METHIONINE      ? 'C5 H11 N O2 S'    149.211 
PHE 'L-peptide linking' y PHENYLALANINE   ? 'C9 H11 N O2'      165.189 
PRO 'L-peptide linking' y PROLINE         ? 'C5 H9 N O2'       115.130 
SER 'L-peptide linking' y SERINE          ? 'C3 H7 N O3'       105.093 
SO4 non-polymer         . 'SULFATE ION'   ? 'O4 S -2'          96.063  
THR 'L-peptide linking' y THREONINE       ? 'C4 H9 N O3'       119.119 
TYR 'L-peptide linking' y TYROSINE        ? 'C9 H11 N O3'      181.189 
VAL 'L-peptide linking' y VALINE          ? 'C5 H11 N O2'      117.146 
# 
loop_
_pdbx_poly_seq_scheme.asym_id 
_pdbx_poly_seq_scheme.entity_id 
_pdbx_poly_seq_scheme.seq_id 
_pdbx_poly_seq_scheme.mon_id 
_pdbx_poly_seq_scheme.ndb_seq_num 
_pdbx_poly_seq_scheme.pdb_seq_num 
_pdbx_poly_seq_scheme.auth_seq_num 
_pdbx_poly_seq_scheme.pdb_mon_id 
_pdbx_poly_seq_scheme.auth_mon_id 
_pdbx_poly_seq_scheme.pdb_strand_id 
_pdbx_poly_seq_scheme.pdb_ins_code 
_pdbx_poly_seq_scheme.hetero 
A 1 1   ALA 1   1   1   ALA ALA A . n 
A 1 2   PRO 2   2   2   PRO PRO A . n 
A 1 3   ALA 3   3   3   ALA ALA A . n 
A 1 4   VAL 4   4   4   VAL VAL A . n 
A 1 5   PRO 5   5   5   PRO PRO A . n 
A 1 6   ASP 6   6   6   ASP ASP A . n 
A 1 7   LYS 7   7   7   LYS LYS A . n 
A 1 8   PRO 8   8   8   PRO PRO A . n 
A 1 9   VAL 9   9   9   VAL VAL A . n 
A 1 10  GLU 10  10  10  GLU GLU A . n 
A 1 11  VAL 11  11  11  VAL VAL A . n 
A 1 12  LYS 12  12  12  LYS LYS A . n 
A 1 13  GLY 13  13  13  GLY GLY A . n 
A 1 14  SER 14  14  14  SER SER A . n 
A 1 15  GLN 15  15  15  GLN GLN A . n 
A 1 16  LYS 16  16  16  LYS LYS A . n 
A 1 17  THR 17  17  17  THR THR A . n 
A 1 18  VAL 18  18  18  VAL VAL A . n 
A 1 19  MET 19  19  19  MET MET A . n 
A 1 20  PHE 20  20  20  PHE PHE A . n 
A 1 21  PRO 21  21  21  PRO PRO A . n 
A 1 22  HIS 22  22  22  HIS HIS A . n 
A 1 23  ALA 23  23  23  ALA ALA A . n 
A 1 24  PRO 24  24  24  PRO PRO A . n 
A 1 25  HIS 25  25  25  HIS HIS A . n 
A 1 26  GLU 26  26  26  GLU GLU A . n 
A 1 27  LYS 27  27  27  LYS LYS A . n 
A 1 28  VAL 28  28  28  VAL VAL A . n 
A 1 29  GLU 29  29  29  GLU GLU A . n 
A 1 30  CYS 30  30  30  CYS CYS A . n 
A 1 31  VAL 31  31  31  VAL VAL A . n 
A 1 32  THR 32  32  32  THR THR A . n 
A 1 33  CYS 33  33  33  CYS CYS A . n 
A 1 34  HIS 34  34  34  HIS HIS A . n 
A 1 35  HIS 35  35  35  HIS HIS A . n 
A 1 36  LEU 36  36  36  LEU LEU A . n 
A 1 37  VAL 37  37  37  VAL VAL A . n 
A 1 38  ASP 38  38  38  ASP ASP A . n 
A 1 39  GLY 39  39  39  GLY GLY A . n 
A 1 40  LYS 40  40  40  LYS LYS A . n 
A 1 41  GLU 41  41  41  GLU GLU A . n 
A 1 42  SER 42  42  42  SER SER A . n 
A 1 43  TYR 43  43  43  TYR TYR A . n 
A 1 44  ALA 44  44  44  ALA ALA A . n 
A 1 45  LYS 45  45  45  LYS LYS A . n 
A 1 46  CYS 46  46  46  CYS CYS A . n 
A 1 47  GLY 47  47  47  GLY GLY A . n 
A 1 48  SER 48  48  48  SER SER A . n 
A 1 49  SER 49  49  49  SER SER A . n 
A 1 50  GLY 50  50  50  GLY GLY A . n 
A 1 51  CYS 51  51  51  CYS CYS A . n 
A 1 52  HIS 52  52  52  HIS HIS A . n 
A 1 53  ASP 53  53  53  ASP ASP A . n 
A 1 54  ASP 54  54  54  ASP ASP A . n 
A 1 55  LEU 55  55  55  LEU LEU A . n 
A 1 56  THR 56  56  56  THR THR A . n 
A 1 57  ALA 57  57  57  ALA ALA A . n 
A 1 58  LYS 58  58  58  LYS LYS A . n 
A 1 59  LYS 59  59  59  LYS LYS A . n 
A 1 60  GLY 60  60  60  GLY GLY A . n 
A 1 61  GLU 61  61  61  GLU GLU A . n 
A 1 62  LYS 62  62  62  LYS LYS A . n 
A 1 63  SER 63  63  63  SER SER A . n 
A 1 64  LEU 64  64  64  LEU LEU A . n 
A 1 65  TYR 65  65  65  TYR TYR A . n 
A 1 66  TYR 66  66  66  TYR TYR A . n 
A 1 67  VAL 67  67  67  VAL VAL A . n 
A 1 68  VAL 68  68  68  VAL VAL A . n 
A 1 69  HIS 69  69  69  HIS HIS A . n 
A 1 70  ALA 70  70  70  ALA ALA A . n 
A 1 71  ARG 71  71  71  ARG ARG A . n 
A 1 72  GLY 72  72  72  GLY GLY A . n 
A 1 73  GLU 73  73  73  GLU GLU A . n 
A 1 74  LEU 74  74  74  LEU LEU A . n 
A 1 75  LYS 75  75  75  LYS LYS A . n 
A 1 76  HIS 76  76  76  HIS HIS A . n 
A 1 77  THR 77  77  77  THR THR A . n 
A 1 78  SER 78  78  78  SER SER A . n 
A 1 79  CYS 79  79  79  CYS CYS A . n 
A 1 80  LEU 80  80  80  LEU LEU A . n 
A 1 81  ALA 81  81  81  ALA ALA A . n 
A 1 82  CYS 82  82  82  CYS CYS A . n 
A 1 83  HIS 83  83  83  HIS HIS A . n 
A 1 84  SER 84  84  84  SER SER A . n 
A 1 85  LYS 85  85  85  LYS LYS A . n 
A 1 86  VAL 86  86  86  VAL VAL A . n 
A 1 87  VAL 87  87  87  VAL VAL A . n 
A 1 88  ALA 88  88  88  ALA ALA A . n 
A 1 89  GLU 89  89  89  GLU GLU A . n 
A 1 90  LYS 90  90  90  LYS LYS A . n 
A 1 91  PRO 91  91  91  PRO PRO A . n 
A 1 92  GLU 92  92  92  GLU GLU A . n 
A 1 93  LEU 93  93  93  LEU LEU A . n 
A 1 94  LYS 94  94  94  LYS LYS A . n 
A 1 95  LYS 95  95  95  LYS LYS A . n 
A 1 96  ASP 96  96  96  ASP ASP A . n 
A 1 97  LEU 97  97  97  LEU LEU A . n 
A 1 98  THR 98  98  98  THR THR A . n 
A 1 99  GLY 99  99  99  GLY GLY A . n 
A 1 100 CYS 100 100 100 CYS CYS A . n 
A 1 101 ALA 101 101 101 ALA ALA A . n 
A 1 102 LYS 102 102 102 LYS LYS A . n 
A 1 103 SER 103 103 103 SER SER A . n 
A 1 104 LYS 104 104 104 LYS LYS A . n 
A 1 105 CYS 105 105 105 CYS CYS A . n 
A 1 106 HIS 106 106 106 HIS HIS A . n 
A 1 107 PRO 107 107 107 PRO PRO A . n 
# 
loop_
_pdbx_nonpoly_scheme.asym_id 
_pdbx_nonpoly_scheme.entity_id 
_pdbx_nonpoly_scheme.mon_id 
_pdbx_nonpoly_scheme.ndb_seq_num 
_pdbx_nonpoly_scheme.pdb_seq_num 
_pdbx_nonpoly_scheme.auth_seq_num 
_pdbx_nonpoly_scheme.pdb_mon_id 
_pdbx_nonpoly_scheme.auth_mon_id 
_pdbx_nonpoly_scheme.pdb_strand_id 
_pdbx_nonpoly_scheme.pdb_ins_code 
B 2 HEC 1  201  201  HEC HEC A . 
C 2 HEC 1  202  202  HEC HEC A . 
D 2 HEC 1  203  203  HEC HEC A . 
E 2 HEC 1  204  204  HEC HEC A . 
F 3 SO4 1  300  300  SO4 SO4 A . 
G 3 SO4 1  301  301  SO4 SO4 A . 
H 4 HOH 1  2001 2001 HOH HOH A . 
H 4 HOH 2  2002 2002 HOH HOH A . 
H 4 HOH 3  2003 2003 HOH HOH A . 
H 4 HOH 4  2004 2004 HOH HOH A . 
H 4 HOH 5  2005 2005 HOH HOH A . 
H 4 HOH 6  2006 2006 HOH HOH A . 
H 4 HOH 7  2007 2007 HOH HOH A . 
H 4 HOH 8  2008 2008 HOH HOH A . 
H 4 HOH 9  2009 2009 HOH HOH A . 
H 4 HOH 10 2010 2010 HOH HOH A . 
H 4 HOH 11 2011 2011 HOH HOH A . 
H 4 HOH 12 2012 2012 HOH HOH A . 
H 4 HOH 13 2013 2013 HOH HOH A . 
H 4 HOH 14 2014 2014 HOH HOH A . 
H 4 HOH 15 2015 2015 HOH HOH A . 
H 4 HOH 16 2016 2016 HOH HOH A . 
H 4 HOH 17 2017 2017 HOH HOH A . 
H 4 HOH 18 2018 2018 HOH HOH A . 
H 4 HOH 19 2019 2019 HOH HOH A . 
H 4 HOH 20 2020 2020 HOH HOH A . 
H 4 HOH 21 2021 2021 HOH HOH A . 
H 4 HOH 22 2022 2022 HOH HOH A . 
H 4 HOH 23 2023 2023 HOH HOH A . 
H 4 HOH 24 2024 2024 HOH HOH A . 
H 4 HOH 25 2025 2025 HOH HOH A . 
H 4 HOH 26 2026 2026 HOH HOH A . 
H 4 HOH 27 2027 2027 HOH HOH A . 
H 4 HOH 28 2028 2028 HOH HOH A . 
H 4 HOH 29 2029 2029 HOH HOH A . 
H 4 HOH 30 2030 2030 HOH HOH A . 
H 4 HOH 31 2031 2031 HOH HOH A . 
H 4 HOH 32 2032 2032 HOH HOH A . 
H 4 HOH 33 2033 2033 HOH HOH A . 
H 4 HOH 34 2034 2034 HOH HOH A . 
H 4 HOH 35 2035 2035 HOH HOH A . 
H 4 HOH 36 2036 2036 HOH HOH A . 
H 4 HOH 37 2037 2037 HOH HOH A . 
H 4 HOH 38 2038 2038 HOH HOH A . 
H 4 HOH 39 2039 2039 HOH HOH A . 
H 4 HOH 40 2040 2040 HOH HOH A . 
H 4 HOH 41 2041 2041 HOH HOH A . 
H 4 HOH 42 2042 2042 HOH HOH A . 
H 4 HOH 43 2043 2043 HOH HOH A . 
H 4 HOH 44 2044 2044 HOH HOH A . 
H 4 HOH 45 2045 2045 HOH HOH A . 
H 4 HOH 46 2046 2046 HOH HOH A . 
H 4 HOH 47 2047 2047 HOH HOH A . 
H 4 HOH 48 2048 2048 HOH HOH A . 
H 4 HOH 49 2049 2049 HOH HOH A . 
H 4 HOH 50 2050 2050 HOH HOH A . 
H 4 HOH 51 2051 2051 HOH HOH A . 
H 4 HOH 52 2052 2052 HOH HOH A . 
H 4 HOH 53 2053 2053 HOH HOH A . 
H 4 HOH 54 2054 2054 HOH HOH A . 
H 4 HOH 55 2055 2055 HOH HOH A . 
H 4 HOH 56 2056 2056 HOH HOH A . 
H 4 HOH 57 2057 2057 HOH HOH A . 
H 4 HOH 58 2058 2058 HOH HOH A . 
H 4 HOH 59 2059 2059 HOH HOH A . 
H 4 HOH 60 2060 2060 HOH HOH A . 
H 4 HOH 61 2061 2061 HOH HOH A . 
H 4 HOH 62 2062 2062 HOH HOH A . 
H 4 HOH 63 2063 2063 HOH HOH A . 
H 4 HOH 64 2064 2064 HOH HOH A . 
H 4 HOH 65 2065 2065 HOH HOH A . 
H 4 HOH 66 2066 2066 HOH HOH A . 
H 4 HOH 67 2067 2067 HOH HOH A . 
H 4 HOH 68 2068 2068 HOH HOH A . 
H 4 HOH 69 2069 2069 HOH HOH A . 
H 4 HOH 70 2070 2070 HOH HOH A . 
H 4 HOH 71 2071 2071 HOH HOH A . 
H 4 HOH 72 2072 2072 HOH HOH A . 
H 4 HOH 73 2073 2073 HOH HOH A . 
H 4 HOH 74 2074 2074 HOH HOH A . 
H 4 HOH 75 2075 2075 HOH HOH A . 
H 4 HOH 76 2076 2076 HOH HOH A . 
H 4 HOH 77 2077 2077 HOH HOH A . 
H 4 HOH 78 2078 2078 HOH HOH A . 
H 4 HOH 79 2079 2079 HOH HOH A . 
H 4 HOH 80 2080 2080 HOH HOH A . 
H 4 HOH 81 2081 2081 HOH HOH A . 
H 4 HOH 82 2082 2082 HOH HOH A . 
H 4 HOH 83 2083 2083 HOH HOH A . 
H 4 HOH 84 2084 2084 HOH HOH A . 
H 4 HOH 85 2085 2085 HOH HOH A . 
H 4 HOH 86 2086 2086 HOH HOH A . 
H 4 HOH 87 2087 2087 HOH HOH A . 
H 4 HOH 88 2088 2088 HOH HOH A . 
H 4 HOH 89 2089 2089 HOH HOH A . 
H 4 HOH 90 2090 2090 HOH HOH A . 
H 4 HOH 91 2091 2091 HOH HOH A . 
H 4 HOH 92 2092 2092 HOH HOH A . 
H 4 HOH 93 2093 2093 HOH HOH A . 
H 4 HOH 94 2094 2094 HOH HOH A . 
H 4 HOH 95 2095 2095 HOH HOH A . 
H 4 HOH 96 2096 2096 HOH HOH A . 
H 4 HOH 97 2097 2097 HOH HOH A . 
# 
loop_
_software.name 
_software.classification 
_software.version 
_software.citation_id 
_software.pdbx_ordinal 
X-PLOR    refinement       3.1 ? 1 
DENZO     'data reduction' .   ? 2 
SCALEPACK 'data scaling'   .   ? 3 
AMoRE     phasing          .   ? 4 
# 
_cell.entry_id           1GMB 
_cell.length_a           61.141 
_cell.length_b           61.141 
_cell.length_c           107.463 
_cell.angle_alpha        90.00 
_cell.angle_beta         90.00 
_cell.angle_gamma        120.00 
_cell.Z_PDB              12 
_cell.pdbx_unique_axis   ? 
# 
_symmetry.entry_id                         1GMB 
_symmetry.space_group_name_H-M             'P 61 2 2' 
_symmetry.pdbx_full_space_group_name_H-M   ? 
_symmetry.cell_setting                     ? 
_symmetry.Int_Tables_number                178 
# 
_exptl.entry_id          1GMB 
_exptl.method            'X-RAY DIFFRACTION' 
_exptl.crystals_number   1 
# 
_exptl_crystal.id                    1 
_exptl_crystal.density_meas          ? 
_exptl_crystal.density_Matthews      2.50 
_exptl_crystal.density_percent_sol   50.71 
_exptl_crystal.description           ? 
# 
_exptl_crystal_grow.crystal_id      1 
_exptl_crystal_grow.method          ? 
_exptl_crystal_grow.temp            ? 
_exptl_crystal_grow.temp_details    ? 
_exptl_crystal_grow.pH              7.60 
_exptl_crystal_grow.pdbx_pH_range   ? 
_exptl_crystal_grow.pdbx_details    'pH 7.60' 
# 
_diffrn.id                     1 
_diffrn.ambient_temp           110.0 
_diffrn.ambient_temp_details   ? 
_diffrn.crystal_id             1 
# 
_diffrn_detector.diffrn_id              1 
_diffrn_detector.detector               'IMAGE PLATE' 
_diffrn_detector.type                   MARRESEARCH 
_diffrn_detector.pdbx_collection_date   ? 
_diffrn_detector.details                ? 
# 
_diffrn_radiation.diffrn_id                        1 
_diffrn_radiation.wavelength_id                    1 
_diffrn_radiation.pdbx_monochromatic_or_laue_m_l   M 
_diffrn_radiation.monochromator                    GRAPHITE 
_diffrn_radiation.pdbx_diffrn_protocol             'SINGLE WAVELENGTH' 
_diffrn_radiation.pdbx_scattering_type             x-ray 
# 
_diffrn_radiation_wavelength.id           1 
_diffrn_radiation_wavelength.wavelength   1.5418 
_diffrn_radiation_wavelength.wt           1.0 
# 
_diffrn_source.diffrn_id                   1 
_diffrn_source.source                      'ROTATING ANODE' 
_diffrn_source.type                        'ENRAF-NONIUS FR571' 
_diffrn_source.pdbx_synchrotron_site       ? 
_diffrn_source.pdbx_synchrotron_beamline   ? 
_diffrn_source.pdbx_wavelength             1.5418 
_diffrn_source.pdbx_wavelength_list        ? 
# 
_reflns.pdbx_diffrn_id               1 
_reflns.pdbx_ordinal                 1 
_reflns.entry_id                     1GMB 
_reflns.observed_criterion_sigma_I   0.000 
_reflns.observed_criterion_sigma_F   ? 
_reflns.d_resolution_low             24.000 
_reflns.d_resolution_high            2.000 
_reflns.number_obs                   8507 
_reflns.number_all                   ? 
_reflns.percent_possible_obs         99.3 
_reflns.pdbx_Rmerge_I_obs            0.04800 
_reflns.pdbx_Rsym_value              ? 
_reflns.pdbx_netI_over_sigmaI        ? 
_reflns.B_iso_Wilson_estimate        ? 
_reflns.pdbx_redundancy              6.000 
# 
_reflns_shell.pdbx_diffrn_id         1 
_reflns_shell.pdbx_ordinal           1 
_reflns_shell.d_res_high             2.00 
_reflns_shell.d_res_low              2.07 
_reflns_shell.percent_possible_all   99.8 
_reflns_shell.Rmerge_I_obs           0.18600 
_reflns_shell.pdbx_Rsym_value        ? 
_reflns_shell.meanI_over_sigI_obs    ? 
_reflns_shell.pdbx_redundancy        ? 
# 
_refine.pdbx_refine_id                           'X-RAY DIFFRACTION' 
_refine.entry_id                                 1GMB 
_refine.pdbx_diffrn_id                           1 
_refine.pdbx_TLS_residual_ADP_flag               ? 
_refine.ls_number_reflns_obs                     8507 
_refine.ls_number_reflns_all                     ? 
_refine.pdbx_ls_sigma_I                          ? 
_refine.pdbx_ls_sigma_F                          2.0 
_refine.pdbx_data_cutoff_high_absF               ? 
_refine.pdbx_data_cutoff_low_absF                ? 
_refine.pdbx_data_cutoff_high_rms_absF           ? 
_refine.ls_d_res_low                             24.0 
_refine.ls_d_res_high                            2.00 
_refine.ls_percent_reflns_obs                    99.1 
_refine.ls_R_factor_obs                          0.179 
_refine.ls_R_factor_all                          ? 
_refine.ls_R_factor_R_work                       0.179 
_refine.ls_R_factor_R_free                       0.205 
_refine.ls_R_factor_R_free_error                 ? 
_refine.ls_R_factor_R_free_error_details         ? 
_refine.ls_percent_reflns_R_free                 ? 
_refine.ls_number_reflns_R_free                  ? 
_refine.ls_number_parameters                     ? 
_refine.ls_number_restraints                     ? 
_refine.occupancy_min                            ? 
_refine.occupancy_max                            ? 
_refine.correlation_coeff_Fo_to_Fc               ? 
_refine.correlation_coeff_Fo_to_Fc_free          ? 
_refine.B_iso_mean                               ? 
_refine.aniso_B[1][1]                            ? 
_refine.aniso_B[2][2]                            ? 
_refine.aniso_B[3][3]                            ? 
_refine.aniso_B[1][2]                            ? 
_refine.aniso_B[1][3]                            ? 
_refine.aniso_B[2][3]                            ? 
_refine.solvent_model_details                    ? 
_refine.solvent_model_param_ksol                 ? 
_refine.solvent_model_param_bsol                 ? 
_refine.pdbx_solvent_vdw_probe_radii             ? 
_refine.pdbx_solvent_ion_probe_radii             ? 
_refine.pdbx_solvent_shrinkage_radii             ? 
_refine.pdbx_ls_cross_valid_method               'FREE R-VALUE' 
_refine.details                                  ? 
_refine.pdbx_starting_model                      'PDB ENTRY 3CYR' 
_refine.pdbx_method_to_determine_struct          'MOLECULAR REPLACEMENT' 
_refine.pdbx_isotropic_thermal_model             ? 
_refine.pdbx_stereochemistry_target_values       ? 
_refine.pdbx_stereochem_target_val_spec_case     ? 
_refine.pdbx_R_Free_selection_details            RANDOM 
_refine.pdbx_overall_ESU_R                       ? 
_refine.pdbx_overall_ESU_R_Free                  ? 
_refine.overall_SU_ML                            ? 
_refine.pdbx_overall_phase_error                 ? 
_refine.overall_SU_B                             ? 
_refine.overall_SU_R_Cruickshank_DPI             ? 
_refine.pdbx_overall_SU_R_free_Cruickshank_DPI   ? 
_refine.pdbx_overall_SU_R_Blow_DPI               ? 
_refine.pdbx_overall_SU_R_free_Blow_DPI          ? 
# 
_refine_hist.pdbx_refine_id                   'X-RAY DIFFRACTION' 
_refine_hist.cycle_id                         LAST 
_refine_hist.pdbx_number_atoms_protein        808 
_refine_hist.pdbx_number_atoms_nucleic_acid   0 
_refine_hist.pdbx_number_atoms_ligand         182 
_refine_hist.number_atoms_solvent             97 
_refine_hist.number_atoms_total               1087 
_refine_hist.d_res_high                       2.00 
_refine_hist.d_res_low                        24.0 
# 
loop_
_refine_ls_restr.type 
_refine_ls_restr.dev_ideal 
_refine_ls_restr.dev_ideal_target 
_refine_ls_restr.weight 
_refine_ls_restr.number 
_refine_ls_restr.pdbx_refine_id 
_refine_ls_restr.pdbx_restraint_function 
x_bond_d                0.012 ? ? ? 'X-RAY DIFFRACTION' ? 
x_bond_d_na             ?     ? ? ? 'X-RAY DIFFRACTION' ? 
x_bond_d_prot           ?     ? ? ? 'X-RAY DIFFRACTION' ? 
x_angle_d               ?     ? ? ? 'X-RAY DIFFRACTION' ? 
x_angle_d_na            ?     ? ? ? 'X-RAY DIFFRACTION' ? 
x_angle_d_prot          ?     ? ? ? 'X-RAY DIFFRACTION' ? 
x_angle_deg             1.69  ? ? ? 'X-RAY DIFFRACTION' ? 
x_angle_deg_na          ?     ? ? ? 'X-RAY DIFFRACTION' ? 
x_angle_deg_prot        ?     ? ? ? 'X-RAY DIFFRACTION' ? 
x_dihedral_angle_d      ?     ? ? ? 'X-RAY DIFFRACTION' ? 
x_dihedral_angle_d_na   ?     ? ? ? 'X-RAY DIFFRACTION' ? 
x_dihedral_angle_d_prot ?     ? ? ? 'X-RAY DIFFRACTION' ? 
x_improper_angle_d      ?     ? ? ? 'X-RAY DIFFRACTION' ? 
x_improper_angle_d_na   ?     ? ? ? 'X-RAY DIFFRACTION' ? 
x_improper_angle_d_prot ?     ? ? ? 'X-RAY DIFFRACTION' ? 
x_mcbond_it             ?     ? ? ? 'X-RAY DIFFRACTION' ? 
x_mcangle_it            ?     ? ? ? 'X-RAY DIFFRACTION' ? 
x_scbond_it             ?     ? ? ? 'X-RAY DIFFRACTION' ? 
x_scangle_it            ?     ? ? ? 'X-RAY DIFFRACTION' ? 
# 
_struct.entry_id                  1GMB 
_struct.title                     'Reduced structure of CYTOCHROME C3 FROM DESULFOVIBRIO DESULFURICANS ATCC 27774 at pH 7.6' 
_struct.pdbx_model_details        ? 
_struct.pdbx_CASP_flag            ? 
_struct.pdbx_model_type_details   ? 
# 
_struct_keywords.entry_id        1GMB 
_struct_keywords.pdbx_keywords   'ELECTRON TRANSPORT' 
_struct_keywords.text            'ELECTRON TRANSPORT, CYTOCHROME' 
# 
loop_
_struct_asym.id 
_struct_asym.pdbx_blank_PDB_chainid_flag 
_struct_asym.pdbx_modified 
_struct_asym.entity_id 
_struct_asym.details 
A N N 1 ? 
B N N 2 ? 
C N N 2 ? 
D N N 2 ? 
E N N 2 ? 
F N N 3 ? 
G N N 3 ? 
H N N 4 ? 
# 
_struct_ref.id                         1 
_struct_ref.db_name                    UNP 
_struct_ref.db_code                    Q9L915 
_struct_ref.entity_id                  1 
_struct_ref.pdbx_seq_one_letter_code   ? 
_struct_ref.pdbx_align_begin           ? 
_struct_ref.pdbx_db_accession          Q9L915 
_struct_ref.pdbx_db_isoform            ? 
# 
_struct_ref_seq.align_id                      1 
_struct_ref_seq.ref_id                        1 
_struct_ref_seq.pdbx_PDB_id_code              1GMB 
_struct_ref_seq.pdbx_strand_id                A 
_struct_ref_seq.seq_align_beg                 1 
_struct_ref_seq.pdbx_seq_align_beg_ins_code   ? 
_struct_ref_seq.seq_align_end                 107 
_struct_ref_seq.pdbx_seq_align_end_ins_code   ? 
_struct_ref_seq.pdbx_db_accession             Q9L915 
_struct_ref_seq.db_align_beg                  22 
_struct_ref_seq.pdbx_db_align_beg_ins_code    ? 
_struct_ref_seq.db_align_end                  128 
_struct_ref_seq.pdbx_db_align_end_ins_code    ? 
_struct_ref_seq.pdbx_auth_seq_align_beg       1 
_struct_ref_seq.pdbx_auth_seq_align_end       107 
# 
_struct_ref_seq_dif.align_id                     1 
_struct_ref_seq_dif.pdbx_pdb_id_code             1GMB 
_struct_ref_seq_dif.mon_id                       ARG 
_struct_ref_seq_dif.pdbx_pdb_strand_id           A 
_struct_ref_seq_dif.seq_num                      71 
_struct_ref_seq_dif.pdbx_pdb_ins_code            ? 
_struct_ref_seq_dif.pdbx_seq_db_name             UNP 
_struct_ref_seq_dif.pdbx_seq_db_accession_code   Q9L915 
_struct_ref_seq_dif.db_mon_id                    LYS 
_struct_ref_seq_dif.pdbx_seq_db_seq_num          92 
_struct_ref_seq_dif.details                      conflict 
_struct_ref_seq_dif.pdbx_auth_seq_num            71 
_struct_ref_seq_dif.pdbx_ordinal                 1 
# 
_pdbx_struct_assembly.id                   1 
_pdbx_struct_assembly.details              author_and_software_defined_assembly 
_pdbx_struct_assembly.method_details       PQS 
_pdbx_struct_assembly.oligomeric_details   monomeric 
_pdbx_struct_assembly.oligomeric_count     1 
# 
_pdbx_struct_assembly_gen.assembly_id       1 
_pdbx_struct_assembly_gen.oper_expression   1 
_pdbx_struct_assembly_gen.asym_id_list      A,B,C,D,E,F,G,H 
# 
_pdbx_struct_oper_list.id                   1 
_pdbx_struct_oper_list.type                 'identity operation' 
_pdbx_struct_oper_list.name                 1_555 
_pdbx_struct_oper_list.symmetry_operation   x,y,z 
_pdbx_struct_oper_list.matrix[1][1]         1.0000000000 
_pdbx_struct_oper_list.matrix[1][2]         0.0000000000 
_pdbx_struct_oper_list.matrix[1][3]         0.0000000000 
_pdbx_struct_oper_list.vector[1]            0.0000000000 
_pdbx_struct_oper_list.matrix[2][1]         0.0000000000 
_pdbx_struct_oper_list.matrix[2][2]         1.0000000000 
_pdbx_struct_oper_list.matrix[2][3]         0.0000000000 
_pdbx_struct_oper_list.vector[2]            0.0000000000 
_pdbx_struct_oper_list.matrix[3][1]         0.0000000000 
_pdbx_struct_oper_list.matrix[3][2]         0.0000000000 
_pdbx_struct_oper_list.matrix[3][3]         1.0000000000 
_pdbx_struct_oper_list.vector[3]            0.0000000000 
# 
_struct_biol.id   1 
# 
loop_
_struct_conf.conf_type_id 
_struct_conf.id 
_struct_conf.pdbx_PDB_helix_id 
_struct_conf.beg_label_comp_id 
_struct_conf.beg_label_asym_id 
_struct_conf.beg_label_seq_id 
_struct_conf.pdbx_beg_PDB_ins_code 
_struct_conf.end_label_comp_id 
_struct_conf.end_label_asym_id 
_struct_conf.end_label_seq_id 
_struct_conf.pdbx_end_PDB_ins_code 
_struct_conf.beg_auth_comp_id 
_struct_conf.beg_auth_asym_id 
_struct_conf.beg_auth_seq_id 
_struct_conf.end_auth_comp_id 
_struct_conf.end_auth_asym_id 
_struct_conf.end_auth_seq_id 
_struct_conf.pdbx_PDB_helix_class 
_struct_conf.details 
_struct_conf.pdbx_PDB_helix_length 
HELX_P HELX_P1 1 HIS A 22 ? GLU A 26 ? HIS A 22 GLU A 26 5 ? 5  
HELX_P HELX_P2 2 GLU A 29 ? HIS A 34 ? GLU A 29 HIS A 34 1 ? 6  
HELX_P HELX_P3 3 SER A 63 ? ALA A 70 ? SER A 63 ALA A 70 1 ? 8  
HELX_P HELX_P4 4 SER A 78 ? LYS A 90 ? SER A 78 LYS A 90 1 ? 13 
HELX_P HELX_P5 5 LEU A 93 ? GLY A 99 ? LEU A 93 GLY A 99 1 ? 7  
# 
_struct_conf_type.id          HELX_P 
_struct_conf_type.criteria    ? 
_struct_conf_type.reference   ? 
# 
loop_
_struct_conn.id 
_struct_conn.conn_type_id 
_struct_conn.pdbx_leaving_atom_flag 
_struct_conn.pdbx_PDB_id 
_struct_conn.ptnr1_label_asym_id 
_struct_conn.ptnr1_label_comp_id 
_struct_conn.ptnr1_label_seq_id 
_struct_conn.ptnr1_label_atom_id 
_struct_conn.pdbx_ptnr1_label_alt_id 
_struct_conn.pdbx_ptnr1_PDB_ins_code 
_struct_conn.pdbx_ptnr1_standard_comp_id 
_struct_conn.ptnr1_symmetry 
_struct_conn.ptnr2_label_asym_id 
_struct_conn.ptnr2_label_comp_id 
_struct_conn.ptnr2_label_seq_id 
_struct_conn.ptnr2_label_atom_id 
_struct_conn.pdbx_ptnr2_label_alt_id 
_struct_conn.pdbx_ptnr2_PDB_ins_code 
_struct_conn.ptnr1_auth_asym_id 
_struct_conn.ptnr1_auth_comp_id 
_struct_conn.ptnr1_auth_seq_id 
_struct_conn.ptnr2_auth_asym_id 
_struct_conn.ptnr2_auth_comp_id 
_struct_conn.ptnr2_auth_seq_id 
_struct_conn.ptnr2_symmetry 
_struct_conn.pdbx_ptnr3_label_atom_id 
_struct_conn.pdbx_ptnr3_label_seq_id 
_struct_conn.pdbx_ptnr3_label_comp_id 
_struct_conn.pdbx_ptnr3_label_asym_id 
_struct_conn.pdbx_ptnr3_label_alt_id 
_struct_conn.pdbx_ptnr3_PDB_ins_code 
_struct_conn.details 
_struct_conn.pdbx_dist_value 
_struct_conn.pdbx_value_order 
_struct_conn.pdbx_role 
covale1 covale none ? A CYS 30  SG  ? ? ? 1_555 B HEC . CAB ? ? A CYS 30  A HEC 201 1_555 ? ? ? ? ? ? ? 1.823 ? ? 
covale2 covale none ? A CYS 33  SG  ? ? ? 1_555 B HEC . CAC ? ? A CYS 33  A HEC 201 1_555 ? ? ? ? ? ? ? 1.827 ? ? 
covale3 covale none ? A CYS 46  SG  ? ? ? 1_555 C HEC . CAB ? ? A CYS 46  A HEC 202 1_555 ? ? ? ? ? ? ? 1.830 ? ? 
covale4 covale none ? A CYS 51  SG  ? ? ? 1_555 C HEC . CAC ? ? A CYS 51  A HEC 202 1_555 ? ? ? ? ? ? ? 1.818 ? ? 
covale5 covale none ? A CYS 79  SG  ? ? ? 1_555 D HEC . CAB ? ? A CYS 79  A HEC 203 1_555 ? ? ? ? ? ? ? 1.811 ? ? 
covale6 covale none ? A CYS 82  SG  ? ? ? 1_555 D HEC . CAC ? ? A CYS 82  A HEC 203 1_555 ? ? ? ? ? ? ? 1.823 ? ? 
covale7 covale none ? A CYS 100 SG  ? ? ? 1_555 E HEC . CAB ? ? A CYS 100 A HEC 204 1_555 ? ? ? ? ? ? ? 1.841 ? ? 
covale8 covale none ? A CYS 105 SG  ? ? ? 1_555 E HEC . CAC ? ? A CYS 105 A HEC 204 1_555 ? ? ? ? ? ? ? 1.804 ? ? 
metalc1 metalc ?    ? A HIS 22  NE2 ? ? ? 1_555 B HEC . FE  ? ? A HIS 22  A HEC 201 1_555 ? ? ? ? ? ? ? 1.988 ? ? 
metalc2 metalc ?    ? A HIS 25  NE2 ? ? ? 1_555 D HEC . FE  ? ? A HIS 25  A HEC 203 1_555 ? ? ? ? ? ? ? 1.957 ? ? 
metalc3 metalc ?    ? A HIS 34  NE2 ? ? ? 1_555 B HEC . FE  ? ? A HIS 34  A HEC 201 1_555 ? ? ? ? ? ? ? 1.987 ? ? 
metalc4 metalc ?    ? A HIS 35  NE2 ? ? ? 1_555 C HEC . FE  ? ? A HIS 35  A HEC 202 1_555 ? ? ? ? ? ? ? 1.955 ? ? 
metalc5 metalc ?    ? A HIS 52  NE2 ? ? ? 1_555 C HEC . FE  ? ? A HIS 52  A HEC 202 1_555 ? ? ? ? ? ? ? 1.953 ? ? 
metalc6 metalc ?    ? A HIS 69  NE2 ? ? ? 1_555 E HEC . FE  ? ? A HIS 69  A HEC 204 1_555 ? ? ? ? ? ? ? 1.949 ? ? 
metalc7 metalc ?    ? A HIS 83  NE2 ? ? ? 1_555 D HEC . FE  ? ? A HIS 83  A HEC 203 1_555 ? ? ? ? ? ? ? 2.051 ? ? 
metalc8 metalc ?    ? A HIS 106 NE2 ? ? ? 1_555 E HEC . FE  ? ? A HIS 106 A HEC 204 1_555 ? ? ? ? ? ? ? 2.067 ? ? 
# 
loop_
_struct_conn_type.id 
_struct_conn_type.criteria 
_struct_conn_type.reference 
covale ? ? 
metalc ? ? 
# 
loop_
_pdbx_struct_conn_angle.id 
_pdbx_struct_conn_angle.ptnr1_label_atom_id 
_pdbx_struct_conn_angle.ptnr1_label_alt_id 
_pdbx_struct_conn_angle.ptnr1_label_asym_id 
_pdbx_struct_conn_angle.ptnr1_label_comp_id 
_pdbx_struct_conn_angle.ptnr1_label_seq_id 
_pdbx_struct_conn_angle.ptnr1_auth_atom_id 
_pdbx_struct_conn_angle.ptnr1_auth_asym_id 
_pdbx_struct_conn_angle.ptnr1_auth_comp_id 
_pdbx_struct_conn_angle.ptnr1_auth_seq_id 
_pdbx_struct_conn_angle.ptnr1_PDB_ins_code 
_pdbx_struct_conn_angle.ptnr1_symmetry 
_pdbx_struct_conn_angle.ptnr2_label_atom_id 
_pdbx_struct_conn_angle.ptnr2_label_alt_id 
_pdbx_struct_conn_angle.ptnr2_label_asym_id 
_pdbx_struct_conn_angle.ptnr2_label_comp_id 
_pdbx_struct_conn_angle.ptnr2_label_seq_id 
_pdbx_struct_conn_angle.ptnr2_auth_atom_id 
_pdbx_struct_conn_angle.ptnr2_auth_asym_id 
_pdbx_struct_conn_angle.ptnr2_auth_comp_id 
_pdbx_struct_conn_angle.ptnr2_auth_seq_id 
_pdbx_struct_conn_angle.ptnr2_PDB_ins_code 
_pdbx_struct_conn_angle.ptnr2_symmetry 
_pdbx_struct_conn_angle.ptnr3_label_atom_id 
_pdbx_struct_conn_angle.ptnr3_label_alt_id 
_pdbx_struct_conn_angle.ptnr3_label_asym_id 
_pdbx_struct_conn_angle.ptnr3_label_comp_id 
_pdbx_struct_conn_angle.ptnr3_label_seq_id 
_pdbx_struct_conn_angle.ptnr3_auth_atom_id 
_pdbx_struct_conn_angle.ptnr3_auth_asym_id 
_pdbx_struct_conn_angle.ptnr3_auth_comp_id 
_pdbx_struct_conn_angle.ptnr3_auth_seq_id 
_pdbx_struct_conn_angle.ptnr3_PDB_ins_code 
_pdbx_struct_conn_angle.ptnr3_symmetry 
_pdbx_struct_conn_angle.value 
_pdbx_struct_conn_angle.value_esd 
1  NE2 ? A HIS 22 ? A HIS 22  ? 1_555 FE ? B HEC . ? A HEC 201 ? 1_555 NA  ? B HEC .   ? A HEC 201 ? 1_555 92.3  ? 
2  NE2 ? A HIS 22 ? A HIS 22  ? 1_555 FE ? B HEC . ? A HEC 201 ? 1_555 NB  ? B HEC .   ? A HEC 201 ? 1_555 92.7  ? 
3  NA  ? B HEC .  ? A HEC 201 ? 1_555 FE ? B HEC . ? A HEC 201 ? 1_555 NB  ? B HEC .   ? A HEC 201 ? 1_555 89.1  ? 
4  NE2 ? A HIS 22 ? A HIS 22  ? 1_555 FE ? B HEC . ? A HEC 201 ? 1_555 NC  ? B HEC .   ? A HEC 201 ? 1_555 93.7  ? 
5  NA  ? B HEC .  ? A HEC 201 ? 1_555 FE ? B HEC . ? A HEC 201 ? 1_555 NC  ? B HEC .   ? A HEC 201 ? 1_555 173.9 ? 
6  NB  ? B HEC .  ? A HEC 201 ? 1_555 FE ? B HEC . ? A HEC 201 ? 1_555 NC  ? B HEC .   ? A HEC 201 ? 1_555 89.8  ? 
7  NE2 ? A HIS 22 ? A HIS 22  ? 1_555 FE ? B HEC . ? A HEC 201 ? 1_555 ND  ? B HEC .   ? A HEC 201 ? 1_555 92.9  ? 
8  NA  ? B HEC .  ? A HEC 201 ? 1_555 FE ? B HEC . ? A HEC 201 ? 1_555 ND  ? B HEC .   ? A HEC 201 ? 1_555 91.0  ? 
9  NB  ? B HEC .  ? A HEC 201 ? 1_555 FE ? B HEC . ? A HEC 201 ? 1_555 ND  ? B HEC .   ? A HEC 201 ? 1_555 174.4 ? 
10 NC  ? B HEC .  ? A HEC 201 ? 1_555 FE ? B HEC . ? A HEC 201 ? 1_555 ND  ? B HEC .   ? A HEC 201 ? 1_555 89.5  ? 
11 NE2 ? A HIS 22 ? A HIS 22  ? 1_555 FE ? B HEC . ? A HEC 201 ? 1_555 NE2 ? A HIS 34  ? A HIS 34  ? 1_555 176.8 ? 
12 NA  ? B HEC .  ? A HEC 201 ? 1_555 FE ? B HEC . ? A HEC 201 ? 1_555 NE2 ? A HIS 34  ? A HIS 34  ? 1_555 90.9  ? 
13 NB  ? B HEC .  ? A HEC 201 ? 1_555 FE ? B HEC . ? A HEC 201 ? 1_555 NE2 ? A HIS 34  ? A HIS 34  ? 1_555 87.7  ? 
14 NC  ? B HEC .  ? A HEC 201 ? 1_555 FE ? B HEC . ? A HEC 201 ? 1_555 NE2 ? A HIS 34  ? A HIS 34  ? 1_555 83.1  ? 
15 ND  ? B HEC .  ? A HEC 201 ? 1_555 FE ? B HEC . ? A HEC 201 ? 1_555 NE2 ? A HIS 34  ? A HIS 34  ? 1_555 86.7  ? 
16 NE2 ? A HIS 25 ? A HIS 25  ? 1_555 FE ? D HEC . ? A HEC 203 ? 1_555 NA  ? D HEC .   ? A HEC 203 ? 1_555 94.6  ? 
17 NE2 ? A HIS 25 ? A HIS 25  ? 1_555 FE ? D HEC . ? A HEC 203 ? 1_555 NB  ? D HEC .   ? A HEC 203 ? 1_555 90.2  ? 
18 NA  ? D HEC .  ? A HEC 203 ? 1_555 FE ? D HEC . ? A HEC 203 ? 1_555 NB  ? D HEC .   ? A HEC 203 ? 1_555 89.1  ? 
19 NE2 ? A HIS 25 ? A HIS 25  ? 1_555 FE ? D HEC . ? A HEC 203 ? 1_555 NC  ? D HEC .   ? A HEC 203 ? 1_555 87.5  ? 
20 NA  ? D HEC .  ? A HEC 203 ? 1_555 FE ? D HEC . ? A HEC 203 ? 1_555 NC  ? D HEC .   ? A HEC 203 ? 1_555 177.9 ? 
21 NB  ? D HEC .  ? A HEC 203 ? 1_555 FE ? D HEC . ? A HEC 203 ? 1_555 NC  ? D HEC .   ? A HEC 203 ? 1_555 90.6  ? 
22 NE2 ? A HIS 25 ? A HIS 25  ? 1_555 FE ? D HEC . ? A HEC 203 ? 1_555 ND  ? D HEC .   ? A HEC 203 ? 1_555 90.8  ? 
23 NA  ? D HEC .  ? A HEC 203 ? 1_555 FE ? D HEC . ? A HEC 203 ? 1_555 ND  ? D HEC .   ? A HEC 203 ? 1_555 91.5  ? 
24 NB  ? D HEC .  ? A HEC 203 ? 1_555 FE ? D HEC . ? A HEC 203 ? 1_555 ND  ? D HEC .   ? A HEC 203 ? 1_555 178.8 ? 
25 NC  ? D HEC .  ? A HEC 203 ? 1_555 FE ? D HEC . ? A HEC 203 ? 1_555 ND  ? D HEC .   ? A HEC 203 ? 1_555 88.8  ? 
26 NE2 ? A HIS 25 ? A HIS 25  ? 1_555 FE ? D HEC . ? A HEC 203 ? 1_555 NE2 ? A HIS 83  ? A HIS 83  ? 1_555 173.6 ? 
27 NA  ? D HEC .  ? A HEC 203 ? 1_555 FE ? D HEC . ? A HEC 203 ? 1_555 NE2 ? A HIS 83  ? A HIS 83  ? 1_555 91.8  ? 
28 NB  ? D HEC .  ? A HEC 203 ? 1_555 FE ? D HEC . ? A HEC 203 ? 1_555 NE2 ? A HIS 83  ? A HIS 83  ? 1_555 89.4  ? 
29 NC  ? D HEC .  ? A HEC 203 ? 1_555 FE ? D HEC . ? A HEC 203 ? 1_555 NE2 ? A HIS 83  ? A HIS 83  ? 1_555 86.1  ? 
30 ND  ? D HEC .  ? A HEC 203 ? 1_555 FE ? D HEC . ? A HEC 203 ? 1_555 NE2 ? A HIS 83  ? A HIS 83  ? 1_555 89.5  ? 
31 NE2 ? A HIS 35 ? A HIS 35  ? 1_555 FE ? C HEC . ? A HEC 202 ? 1_555 NA  ? C HEC .   ? A HEC 202 ? 1_555 90.6  ? 
32 NE2 ? A HIS 35 ? A HIS 35  ? 1_555 FE ? C HEC . ? A HEC 202 ? 1_555 NB  ? C HEC .   ? A HEC 202 ? 1_555 90.9  ? 
33 NA  ? C HEC .  ? A HEC 202 ? 1_555 FE ? C HEC . ? A HEC 202 ? 1_555 NB  ? C HEC .   ? A HEC 202 ? 1_555 91.5  ? 
34 NE2 ? A HIS 35 ? A HIS 35  ? 1_555 FE ? C HEC . ? A HEC 202 ? 1_555 NC  ? C HEC .   ? A HEC 202 ? 1_555 90.0  ? 
35 NA  ? C HEC .  ? A HEC 202 ? 1_555 FE ? C HEC . ? A HEC 202 ? 1_555 NC  ? C HEC .   ? A HEC 202 ? 1_555 179.4 ? 
36 NB  ? C HEC .  ? A HEC 202 ? 1_555 FE ? C HEC . ? A HEC 202 ? 1_555 NC  ? C HEC .   ? A HEC 202 ? 1_555 88.2  ? 
37 NE2 ? A HIS 35 ? A HIS 35  ? 1_555 FE ? C HEC . ? A HEC 202 ? 1_555 ND  ? C HEC .   ? A HEC 202 ? 1_555 89.0  ? 
38 NA  ? C HEC .  ? A HEC 202 ? 1_555 FE ? C HEC . ? A HEC 202 ? 1_555 ND  ? C HEC .   ? A HEC 202 ? 1_555 90.7  ? 
39 NB  ? C HEC .  ? A HEC 202 ? 1_555 FE ? C HEC . ? A HEC 202 ? 1_555 ND  ? C HEC .   ? A HEC 202 ? 1_555 177.8 ? 
40 NC  ? C HEC .  ? A HEC 202 ? 1_555 FE ? C HEC . ? A HEC 202 ? 1_555 ND  ? C HEC .   ? A HEC 202 ? 1_555 89.6  ? 
41 NE2 ? A HIS 35 ? A HIS 35  ? 1_555 FE ? C HEC . ? A HEC 202 ? 1_555 NE2 ? A HIS 52  ? A HIS 52  ? 1_555 175.3 ? 
42 NA  ? C HEC .  ? A HEC 202 ? 1_555 FE ? C HEC . ? A HEC 202 ? 1_555 NE2 ? A HIS 52  ? A HIS 52  ? 1_555 91.5  ? 
43 NB  ? C HEC .  ? A HEC 202 ? 1_555 FE ? C HEC . ? A HEC 202 ? 1_555 NE2 ? A HIS 52  ? A HIS 52  ? 1_555 93.3  ? 
44 NC  ? C HEC .  ? A HEC 202 ? 1_555 FE ? C HEC . ? A HEC 202 ? 1_555 NE2 ? A HIS 52  ? A HIS 52  ? 1_555 87.9  ? 
45 ND  ? C HEC .  ? A HEC 202 ? 1_555 FE ? C HEC . ? A HEC 202 ? 1_555 NE2 ? A HIS 52  ? A HIS 52  ? 1_555 86.8  ? 
46 NE2 ? A HIS 69 ? A HIS 69  ? 1_555 FE ? E HEC . ? A HEC 204 ? 1_555 NA  ? E HEC .   ? A HEC 204 ? 1_555 92.5  ? 
47 NE2 ? A HIS 69 ? A HIS 69  ? 1_555 FE ? E HEC . ? A HEC 204 ? 1_555 NB  ? E HEC .   ? A HEC 204 ? 1_555 87.7  ? 
48 NA  ? E HEC .  ? A HEC 204 ? 1_555 FE ? E HEC . ? A HEC 204 ? 1_555 NB  ? E HEC .   ? A HEC 204 ? 1_555 88.2  ? 
49 NE2 ? A HIS 69 ? A HIS 69  ? 1_555 FE ? E HEC . ? A HEC 204 ? 1_555 NC  ? E HEC .   ? A HEC 204 ? 1_555 93.1  ? 
50 NA  ? E HEC .  ? A HEC 204 ? 1_555 FE ? E HEC . ? A HEC 204 ? 1_555 NC  ? E HEC .   ? A HEC 204 ? 1_555 173.4 ? 
51 NB  ? E HEC .  ? A HEC 204 ? 1_555 FE ? E HEC . ? A HEC 204 ? 1_555 NC  ? E HEC .   ? A HEC 204 ? 1_555 88.7  ? 
52 NE2 ? A HIS 69 ? A HIS 69  ? 1_555 FE ? E HEC . ? A HEC 204 ? 1_555 ND  ? E HEC .   ? A HEC 204 ? 1_555 87.9  ? 
53 NA  ? E HEC .  ? A HEC 204 ? 1_555 FE ? E HEC . ? A HEC 204 ? 1_555 ND  ? E HEC .   ? A HEC 204 ? 1_555 90.6  ? 
54 NB  ? E HEC .  ? A HEC 204 ? 1_555 FE ? E HEC . ? A HEC 204 ? 1_555 ND  ? E HEC .   ? A HEC 204 ? 1_555 175.4 ? 
55 NC  ? E HEC .  ? A HEC 204 ? 1_555 FE ? E HEC . ? A HEC 204 ? 1_555 ND  ? E HEC .   ? A HEC 204 ? 1_555 93.0  ? 
56 NE2 ? A HIS 69 ? A HIS 69  ? 1_555 FE ? E HEC . ? A HEC 204 ? 1_555 NE2 ? A HIS 106 ? A HIS 106 ? 1_555 177.1 ? 
57 NA  ? E HEC .  ? A HEC 204 ? 1_555 FE ? E HEC . ? A HEC 204 ? 1_555 NE2 ? A HIS 106 ? A HIS 106 ? 1_555 90.1  ? 
58 NB  ? E HEC .  ? A HEC 204 ? 1_555 FE ? E HEC . ? A HEC 204 ? 1_555 NE2 ? A HIS 106 ? A HIS 106 ? 1_555 93.5  ? 
59 NC  ? E HEC .  ? A HEC 204 ? 1_555 FE ? E HEC . ? A HEC 204 ? 1_555 NE2 ? A HIS 106 ? A HIS 106 ? 1_555 84.3  ? 
60 ND  ? E HEC .  ? A HEC 204 ? 1_555 FE ? E HEC . ? A HEC 204 ? 1_555 NE2 ? A HIS 106 ? A HIS 106 ? 1_555 91.0  ? 
# 
loop_
_pdbx_modification_feature.ordinal 
_pdbx_modification_feature.label_comp_id 
_pdbx_modification_feature.label_asym_id 
_pdbx_modification_feature.label_seq_id 
_pdbx_modification_feature.label_alt_id 
_pdbx_modification_feature.modified_residue_label_comp_id 
_pdbx_modification_feature.modified_residue_label_asym_id 
_pdbx_modification_feature.modified_residue_label_seq_id 
_pdbx_modification_feature.modified_residue_label_alt_id 
_pdbx_modification_feature.auth_comp_id 
_pdbx_modification_feature.auth_asym_id 
_pdbx_modification_feature.auth_seq_id 
_pdbx_modification_feature.PDB_ins_code 
_pdbx_modification_feature.symmetry 
_pdbx_modification_feature.modified_residue_auth_comp_id 
_pdbx_modification_feature.modified_residue_auth_asym_id 
_pdbx_modification_feature.modified_residue_auth_seq_id 
_pdbx_modification_feature.modified_residue_PDB_ins_code 
_pdbx_modification_feature.modified_residue_symmetry 
_pdbx_modification_feature.comp_id_linking_atom 
_pdbx_modification_feature.modified_residue_id_linking_atom 
_pdbx_modification_feature.modified_residue_id 
_pdbx_modification_feature.ref_pcm_id 
_pdbx_modification_feature.ref_comp_id 
_pdbx_modification_feature.type 
_pdbx_modification_feature.category 
1 HEC B . ? CYS A 30  ? HEC A 201 ? 1_555 CYS A 30  ? 1_555 CAB SG CYS 2 HEC None Heme/heme-like 
2 HEC B . ? CYS A 33  ? HEC A 201 ? 1_555 CYS A 33  ? 1_555 CAC SG CYS 3 HEC None Heme/heme-like 
3 HEC C . ? CYS A 46  ? HEC A 202 ? 1_555 CYS A 46  ? 1_555 CAB SG CYS 2 HEC None Heme/heme-like 
4 HEC C . ? CYS A 51  ? HEC A 202 ? 1_555 CYS A 51  ? 1_555 CAC SG CYS 3 HEC None Heme/heme-like 
5 HEC D . ? CYS A 79  ? HEC A 203 ? 1_555 CYS A 79  ? 1_555 CAB SG CYS 2 HEC None Heme/heme-like 
6 HEC D . ? CYS A 82  ? HEC A 203 ? 1_555 CYS A 82  ? 1_555 CAC SG CYS 3 HEC None Heme/heme-like 
7 HEC E . ? CYS A 100 ? HEC A 204 ? 1_555 CYS A 100 ? 1_555 CAB SG CYS 2 HEC None Heme/heme-like 
8 HEC E . ? CYS A 105 ? HEC A 204 ? 1_555 CYS A 105 ? 1_555 CAC SG CYS 3 HEC None Heme/heme-like 
# 
_struct_sheet.id               AA 
_struct_sheet.type             ? 
_struct_sheet.number_strands   2 
_struct_sheet.details          ? 
# 
_struct_sheet_order.sheet_id     AA 
_struct_sheet_order.range_id_1   1 
_struct_sheet_order.range_id_2   2 
_struct_sheet_order.offset       ? 
_struct_sheet_order.sense        anti-parallel 
# 
loop_
_struct_sheet_range.sheet_id 
_struct_sheet_range.id 
_struct_sheet_range.beg_label_comp_id 
_struct_sheet_range.beg_label_asym_id 
_struct_sheet_range.beg_label_seq_id 
_struct_sheet_range.pdbx_beg_PDB_ins_code 
_struct_sheet_range.end_label_comp_id 
_struct_sheet_range.end_label_asym_id 
_struct_sheet_range.end_label_seq_id 
_struct_sheet_range.pdbx_end_PDB_ins_code 
_struct_sheet_range.beg_auth_comp_id 
_struct_sheet_range.beg_auth_asym_id 
_struct_sheet_range.beg_auth_seq_id 
_struct_sheet_range.end_auth_comp_id 
_struct_sheet_range.end_auth_asym_id 
_struct_sheet_range.end_auth_seq_id 
AA 1 VAL A 9  ? LYS A 12 ? VAL A 9  LYS A 12 
AA 2 THR A 17 ? PHE A 20 ? THR A 17 PHE A 20 
# 
_pdbx_struct_sheet_hbond.sheet_id                AA 
_pdbx_struct_sheet_hbond.range_id_1              1 
_pdbx_struct_sheet_hbond.range_id_2              2 
_pdbx_struct_sheet_hbond.range_1_label_atom_id   N 
_pdbx_struct_sheet_hbond.range_1_label_comp_id   VAL 
_pdbx_struct_sheet_hbond.range_1_label_asym_id   A 
_pdbx_struct_sheet_hbond.range_1_label_seq_id    11 
_pdbx_struct_sheet_hbond.range_1_PDB_ins_code    ? 
_pdbx_struct_sheet_hbond.range_1_auth_atom_id    N 
_pdbx_struct_sheet_hbond.range_1_auth_comp_id    VAL 
_pdbx_struct_sheet_hbond.range_1_auth_asym_id    A 
_pdbx_struct_sheet_hbond.range_1_auth_seq_id     11 
_pdbx_struct_sheet_hbond.range_2_label_atom_id   O 
_pdbx_struct_sheet_hbond.range_2_label_comp_id   VAL 
_pdbx_struct_sheet_hbond.range_2_label_asym_id   A 
_pdbx_struct_sheet_hbond.range_2_label_seq_id    18 
_pdbx_struct_sheet_hbond.range_2_PDB_ins_code    ? 
_pdbx_struct_sheet_hbond.range_2_auth_atom_id    O 
_pdbx_struct_sheet_hbond.range_2_auth_comp_id    VAL 
_pdbx_struct_sheet_hbond.range_2_auth_asym_id    A 
_pdbx_struct_sheet_hbond.range_2_auth_seq_id     18 
# 
loop_
_struct_site.id 
_struct_site.pdbx_evidence_code 
_struct_site.pdbx_auth_asym_id 
_struct_site.pdbx_auth_comp_id 
_struct_site.pdbx_auth_seq_id 
_struct_site.pdbx_auth_ins_code 
_struct_site.pdbx_num_residues 
_struct_site.details 
AC1 Software A SO4 300 ? 11 'BINDING SITE FOR RESIDUE SO4 A 300' 
AC2 Software A SO4 301 ? 3  'BINDING SITE FOR RESIDUE SO4 A 301' 
AC3 Software A HEC 201 ? 15 'BINDING SITE FOR RESIDUE HEC A 201' 
AC4 Software A HEC 202 ? 15 'BINDING SITE FOR RESIDUE HEC A 202' 
AC5 Software A HEC 203 ? 12 'BINDING SITE FOR RESIDUE HEC A 203' 
AC6 Software A HEC 204 ? 20 'BINDING SITE FOR RESIDUE HEC A 204' 
# 
loop_
_struct_site_gen.id 
_struct_site_gen.site_id 
_struct_site_gen.pdbx_num_res 
_struct_site_gen.label_comp_id 
_struct_site_gen.label_asym_id 
_struct_site_gen.label_seq_id 
_struct_site_gen.pdbx_auth_ins_code 
_struct_site_gen.auth_comp_id 
_struct_site_gen.auth_asym_id 
_struct_site_gen.auth_seq_id 
_struct_site_gen.label_atom_id 
_struct_site_gen.label_alt_id 
_struct_site_gen.symmetry 
_struct_site_gen.details 
1  AC1 11 PRO A 5   ? PRO A 5    . ? 1_555 ? 
2  AC1 11 ASP A 6   ? ASP A 6    . ? 1_555 ? 
3  AC1 11 LYS A 7   ? LYS A 7    . ? 1_555 ? 
4  AC1 11 PRO A 8   ? PRO A 8    . ? 1_555 ? 
5  AC1 11 PRO A 21  ? PRO A 21   . ? 1_555 ? 
6  AC1 11 HIS A 22  ? HIS A 22   . ? 1_555 ? 
7  AC1 11 ALA A 23  ? ALA A 23   . ? 1_555 ? 
8  AC1 11 PRO A 24  ? PRO A 24   . ? 1_555 ? 
9  AC1 11 LYS A 90  ? LYS A 90   . ? 1_555 ? 
10 AC1 11 HOH H .   ? HOH A 2023 . ? 1_555 ? 
11 AC1 11 HOH H .   ? HOH A 2096 . ? 1_555 ? 
12 AC2 3  LYS A 16  ? LYS A 16   . ? 1_555 ? 
13 AC2 3  THR A 17  ? THR A 17   . ? 1_555 ? 
14 AC2 3  LYS A 85  ? LYS A 85   . ? 1_555 ? 
15 AC3 15 PRO A 2   ? PRO A 2    . ? 1_555 ? 
16 AC3 15 PRO A 5   ? PRO A 5    . ? 1_555 ? 
17 AC3 15 GLU A 10  ? GLU A 10   . ? 1_555 ? 
18 AC3 15 PHE A 20  ? PHE A 20   . ? 1_555 ? 
19 AC3 15 HIS A 22  ? HIS A 22   . ? 1_555 ? 
20 AC3 15 HIS A 25  ? HIS A 25   . ? 1_555 ? 
21 AC3 15 CYS A 30  ? CYS A 30   . ? 1_555 ? 
22 AC3 15 CYS A 33  ? CYS A 33   . ? 1_555 ? 
23 AC3 15 HIS A 34  ? HIS A 34   . ? 1_555 ? 
24 AC3 15 TYR A 43  ? TYR A 43   . ? 1_555 ? 
25 AC3 15 ALA A 44  ? ALA A 44   . ? 1_555 ? 
26 AC3 15 LYS A 45  ? LYS A 45   . ? 1_555 ? 
27 AC3 15 CYS A 46  ? CYS A 46   . ? 1_555 ? 
28 AC3 15 HEC D .   ? HEC A 203  . ? 1_555 ? 
29 AC3 15 HOH H .   ? HOH A 2092 . ? 1_555 ? 
30 AC4 15 CYS A 33  ? CYS A 33   . ? 1_555 ? 
31 AC4 15 HIS A 34  ? HIS A 34   . ? 1_555 ? 
32 AC4 15 HIS A 35  ? HIS A 35   . ? 1_555 ? 
33 AC4 15 ALA A 44  ? ALA A 44   . ? 1_555 ? 
34 AC4 15 LYS A 45  ? LYS A 45   . ? 1_555 ? 
35 AC4 15 CYS A 46  ? CYS A 46   . ? 1_555 ? 
36 AC4 15 CYS A 51  ? CYS A 51   . ? 1_555 ? 
37 AC4 15 HIS A 52  ? HIS A 52   . ? 1_555 ? 
38 AC4 15 GLU A 61  ? GLU A 61   . ? 1_555 ? 
39 AC4 15 GLU A 73  ? GLU A 73   . ? 1_555 ? 
40 AC4 15 LEU A 74  ? LEU A 74   . ? 1_555 ? 
41 AC4 15 LYS A 75  ? LYS A 75   . ? 1_555 ? 
42 AC4 15 HIS A 76  ? HIS A 76   . ? 1_555 ? 
43 AC4 15 HOH H .   ? HOH A 2042 . ? 1_555 ? 
44 AC4 15 HOH H .   ? HOH A 2093 . ? 1_555 ? 
45 AC5 12 GLU A 10  ? GLU A 10   . ? 1_555 ? 
46 AC5 12 PHE A 20  ? PHE A 20   . ? 1_555 ? 
47 AC5 12 HIS A 25  ? HIS A 25   . ? 1_555 ? 
48 AC5 12 CYS A 79  ? CYS A 79   . ? 1_555 ? 
49 AC5 12 CYS A 82  ? CYS A 82   . ? 1_555 ? 
50 AC5 12 HIS A 83  ? HIS A 83   . ? 1_555 ? 
51 AC5 12 GLU A 89  ? GLU A 89   . ? 1_555 ? 
52 AC5 12 LYS A 90  ? LYS A 90   . ? 1_555 ? 
53 AC5 12 LEU A 93  ? LEU A 93   . ? 1_555 ? 
54 AC5 12 LEU A 97  ? LEU A 97   . ? 1_555 ? 
55 AC5 12 LYS A 104 ? LYS A 104  . ? 1_555 ? 
56 AC5 12 HEC B .   ? HEC A 201  . ? 1_555 ? 
57 AC6 20 VAL A 11  ? VAL A 11   . ? 1_555 ? 
58 AC6 20 GLY A 13  ? GLY A 13   . ? 1_555 ? 
59 AC6 20 SER A 14  ? SER A 14   . ? 1_555 ? 
60 AC6 20 GLN A 15  ? GLN A 15   . ? 1_555 ? 
61 AC6 20 LYS A 16  ? LYS A 16   . ? 1_555 ? 
62 AC6 20 VAL A 18  ? VAL A 18   . ? 1_555 ? 
63 AC6 20 ASP A 38  ? ASP A 38   . ? 1_555 ? 
64 AC6 20 GLY A 39  ? GLY A 39   . ? 1_555 ? 
65 AC6 20 LEU A 55  ? LEU A 55   . ? 1_555 ? 
66 AC6 20 TYR A 65  ? TYR A 65   . ? 1_555 ? 
67 AC6 20 VAL A 68  ? VAL A 68   . ? 1_555 ? 
68 AC6 20 HIS A 69  ? HIS A 69   . ? 1_555 ? 
69 AC6 20 HIS A 83  ? HIS A 83   . ? 1_555 ? 
70 AC6 20 LEU A 97  ? LEU A 97   . ? 1_555 ? 
71 AC6 20 THR A 98  ? THR A 98   . ? 1_555 ? 
72 AC6 20 GLY A 99  ? GLY A 99   . ? 1_555 ? 
73 AC6 20 CYS A 100 ? CYS A 100  . ? 1_555 ? 
74 AC6 20 CYS A 105 ? CYS A 105  . ? 1_555 ? 
75 AC6 20 HIS A 106 ? HIS A 106  . ? 1_555 ? 
76 AC6 20 HOH H .   ? HOH A 2095 . ? 1_555 ? 
# 
_pdbx_entry_details.entry_id                   1GMB 
_pdbx_entry_details.compound_details           ? 
_pdbx_entry_details.source_details             ? 
_pdbx_entry_details.nonpolymer_details         ? 
_pdbx_entry_details.sequence_details           ? 
_pdbx_entry_details.has_ligand_of_interest     ? 
_pdbx_entry_details.has_protein_modification   Y 
# 
_pdbx_validate_torsion.id              1 
_pdbx_validate_torsion.PDB_model_num   1 
_pdbx_validate_torsion.auth_comp_id    CYS 
_pdbx_validate_torsion.auth_asym_id    A 
_pdbx_validate_torsion.auth_seq_id     51 
_pdbx_validate_torsion.PDB_ins_code    ? 
_pdbx_validate_torsion.label_alt_id    ? 
_pdbx_validate_torsion.phi             -114.62 
_pdbx_validate_torsion.psi             -120.20 
# 
loop_
_chem_comp_atom.comp_id 
_chem_comp_atom.atom_id 
_chem_comp_atom.type_symbol 
_chem_comp_atom.pdbx_aromatic_flag 
_chem_comp_atom.pdbx_stereo_config 
_chem_comp_atom.pdbx_ordinal 
ALA N    N  N N 1   
ALA CA   C  N S 2   
ALA C    C  N N 3   
ALA O    O  N N 4   
ALA CB   C  N N 5   
ALA OXT  O  N N 6   
ALA H    H  N N 7   
ALA H2   H  N N 8   
ALA HA   H  N N 9   
ALA HB1  H  N N 10  
ALA HB2  H  N N 11  
ALA HB3  H  N N 12  
ALA HXT  H  N N 13  
ARG N    N  N N 14  
ARG CA   C  N S 15  
ARG C    C  N N 16  
ARG O    O  N N 17  
ARG CB   C  N N 18  
ARG CG   C  N N 19  
ARG CD   C  N N 20  
ARG NE   N  N N 21  
ARG CZ   C  N N 22  
ARG NH1  N  N N 23  
ARG NH2  N  N N 24  
ARG OXT  O  N N 25  
ARG H    H  N N 26  
ARG H2   H  N N 27  
ARG HA   H  N N 28  
ARG HB2  H  N N 29  
ARG HB3  H  N N 30  
ARG HG2  H  N N 31  
ARG HG3  H  N N 32  
ARG HD2  H  N N 33  
ARG HD3  H  N N 34  
ARG HE   H  N N 35  
ARG HH11 H  N N 36  
ARG HH12 H  N N 37  
ARG HH21 H  N N 38  
ARG HH22 H  N N 39  
ARG HXT  H  N N 40  
ASP N    N  N N 41  
ASP CA   C  N S 42  
ASP C    C  N N 43  
ASP O    O  N N 44  
ASP CB   C  N N 45  
ASP CG   C  N N 46  
ASP OD1  O  N N 47  
ASP OD2  O  N N 48  
ASP OXT  O  N N 49  
ASP H    H  N N 50  
ASP H2   H  N N 51  
ASP HA   H  N N 52  
ASP HB2  H  N N 53  
ASP HB3  H  N N 54  
ASP HD2  H  N N 55  
ASP HXT  H  N N 56  
CYS N    N  N N 57  
CYS CA   C  N R 58  
CYS C    C  N N 59  
CYS O    O  N N 60  
CYS CB   C  N N 61  
CYS SG   S  N N 62  
CYS OXT  O  N N 63  
CYS H    H  N N 64  
CYS H2   H  N N 65  
CYS HA   H  N N 66  
CYS HB2  H  N N 67  
CYS HB3  H  N N 68  
CYS HG   H  N N 69  
CYS HXT  H  N N 70  
GLN N    N  N N 71  
GLN CA   C  N S 72  
GLN C    C  N N 73  
GLN O    O  N N 74  
GLN CB   C  N N 75  
GLN CG   C  N N 76  
GLN CD   C  N N 77  
GLN OE1  O  N N 78  
GLN NE2  N  N N 79  
GLN OXT  O  N N 80  
GLN H    H  N N 81  
GLN H2   H  N N 82  
GLN HA   H  N N 83  
GLN HB2  H  N N 84  
GLN HB3  H  N N 85  
GLN HG2  H  N N 86  
GLN HG3  H  N N 87  
GLN HE21 H  N N 88  
GLN HE22 H  N N 89  
GLN HXT  H  N N 90  
GLU N    N  N N 91  
GLU CA   C  N S 92  
GLU C    C  N N 93  
GLU O    O  N N 94  
GLU CB   C  N N 95  
GLU CG   C  N N 96  
GLU CD   C  N N 97  
GLU OE1  O  N N 98  
GLU OE2  O  N N 99  
GLU OXT  O  N N 100 
GLU H    H  N N 101 
GLU H2   H  N N 102 
GLU HA   H  N N 103 
GLU HB2  H  N N 104 
GLU HB3  H  N N 105 
GLU HG2  H  N N 106 
GLU HG3  H  N N 107 
GLU HE2  H  N N 108 
GLU HXT  H  N N 109 
GLY N    N  N N 110 
GLY CA   C  N N 111 
GLY C    C  N N 112 
GLY O    O  N N 113 
GLY OXT  O  N N 114 
GLY H    H  N N 115 
GLY H2   H  N N 116 
GLY HA2  H  N N 117 
GLY HA3  H  N N 118 
GLY HXT  H  N N 119 
HEC FE   FE N N 120 
HEC CHA  C  N N 121 
HEC CHB  C  N N 122 
HEC CHC  C  N N 123 
HEC CHD  C  N N 124 
HEC NA   N  Y N 125 
HEC C1A  C  Y N 126 
HEC C2A  C  Y N 127 
HEC C3A  C  Y N 128 
HEC C4A  C  Y N 129 
HEC CMA  C  N N 130 
HEC CAA  C  N N 131 
HEC CBA  C  N N 132 
HEC CGA  C  N N 133 
HEC O1A  O  N N 134 
HEC O2A  O  N N 135 
HEC NB   N  Y N 136 
HEC C1B  C  Y N 137 
HEC C2B  C  Y N 138 
HEC C3B  C  Y N 139 
HEC C4B  C  Y N 140 
HEC CMB  C  N N 141 
HEC CAB  C  N N 142 
HEC CBB  C  N N 143 
HEC NC   N  Y N 144 
HEC C1C  C  Y N 145 
HEC C2C  C  Y N 146 
HEC C3C  C  Y N 147 
HEC C4C  C  Y N 148 
HEC CMC  C  N N 149 
HEC CAC  C  N N 150 
HEC CBC  C  N N 151 
HEC ND   N  Y N 152 
HEC C1D  C  Y N 153 
HEC C2D  C  Y N 154 
HEC C3D  C  Y N 155 
HEC C4D  C  Y N 156 
HEC CMD  C  N N 157 
HEC CAD  C  N N 158 
HEC CBD  C  N N 159 
HEC CGD  C  N N 160 
HEC O1D  O  N N 161 
HEC O2D  O  N N 162 
HEC HHA  H  N N 163 
HEC HHB  H  N N 164 
HEC HHC  H  N N 165 
HEC HHD  H  N N 166 
HEC HMA1 H  N N 167 
HEC HMA2 H  N N 168 
HEC HMA3 H  N N 169 
HEC HAA1 H  N N 170 
HEC HAA2 H  N N 171 
HEC HBA1 H  N N 172 
HEC HBA2 H  N N 173 
HEC H2A  H  N N 174 
HEC HMB1 H  N N 175 
HEC HMB2 H  N N 176 
HEC HMB3 H  N N 177 
HEC HAB  H  N N 178 
HEC HBB1 H  N N 179 
HEC HBB2 H  N N 180 
HEC HBB3 H  N N 181 
HEC HMC1 H  N N 182 
HEC HMC2 H  N N 183 
HEC HMC3 H  N N 184 
HEC HAC  H  N N 185 
HEC HBC1 H  N N 186 
HEC HBC2 H  N N 187 
HEC HBC3 H  N N 188 
HEC HMD1 H  N N 189 
HEC HMD2 H  N N 190 
HEC HMD3 H  N N 191 
HEC HAD1 H  N N 192 
HEC HAD2 H  N N 193 
HEC HBD1 H  N N 194 
HEC HBD2 H  N N 195 
HEC H2D  H  N N 196 
HIS N    N  N N 197 
HIS CA   C  N S 198 
HIS C    C  N N 199 
HIS O    O  N N 200 
HIS CB   C  N N 201 
HIS CG   C  Y N 202 
HIS ND1  N  Y N 203 
HIS CD2  C  Y N 204 
HIS CE1  C  Y N 205 
HIS NE2  N  Y N 206 
HIS OXT  O  N N 207 
HIS H    H  N N 208 
HIS H2   H  N N 209 
HIS HA   H  N N 210 
HIS HB2  H  N N 211 
HIS HB3  H  N N 212 
HIS HD1  H  N N 213 
HIS HD2  H  N N 214 
HIS HE1  H  N N 215 
HIS HE2  H  N N 216 
HIS HXT  H  N N 217 
HOH O    O  N N 218 
HOH H1   H  N N 219 
HOH H2   H  N N 220 
LEU N    N  N N 221 
LEU CA   C  N S 222 
LEU C    C  N N 223 
LEU O    O  N N 224 
LEU CB   C  N N 225 
LEU CG   C  N N 226 
LEU CD1  C  N N 227 
LEU CD2  C  N N 228 
LEU OXT  O  N N 229 
LEU H    H  N N 230 
LEU H2   H  N N 231 
LEU HA   H  N N 232 
LEU HB2  H  N N 233 
LEU HB3  H  N N 234 
LEU HG   H  N N 235 
LEU HD11 H  N N 236 
LEU HD12 H  N N 237 
LEU HD13 H  N N 238 
LEU HD21 H  N N 239 
LEU HD22 H  N N 240 
LEU HD23 H  N N 241 
LEU HXT  H  N N 242 
LYS N    N  N N 243 
LYS CA   C  N S 244 
LYS C    C  N N 245 
LYS O    O  N N 246 
LYS CB   C  N N 247 
LYS CG   C  N N 248 
LYS CD   C  N N 249 
LYS CE   C  N N 250 
LYS NZ   N  N N 251 
LYS OXT  O  N N 252 
LYS H    H  N N 253 
LYS H2   H  N N 254 
LYS HA   H  N N 255 
LYS HB2  H  N N 256 
LYS HB3  H  N N 257 
LYS HG2  H  N N 258 
LYS HG3  H  N N 259 
LYS HD2  H  N N 260 
LYS HD3  H  N N 261 
LYS HE2  H  N N 262 
LYS HE3  H  N N 263 
LYS HZ1  H  N N 264 
LYS HZ2  H  N N 265 
LYS HZ3  H  N N 266 
LYS HXT  H  N N 267 
MET N    N  N N 268 
MET CA   C  N S 269 
MET C    C  N N 270 
MET O    O  N N 271 
MET CB   C  N N 272 
MET CG   C  N N 273 
MET SD   S  N N 274 
MET CE   C  N N 275 
MET OXT  O  N N 276 
MET H    H  N N 277 
MET H2   H  N N 278 
MET HA   H  N N 279 
MET HB2  H  N N 280 
MET HB3  H  N N 281 
MET HG2  H  N N 282 
MET HG3  H  N N 283 
MET HE1  H  N N 284 
MET HE2  H  N N 285 
MET HE3  H  N N 286 
MET HXT  H  N N 287 
PHE N    N  N N 288 
PHE CA   C  N S 289 
PHE C    C  N N 290 
PHE O    O  N N 291 
PHE CB   C  N N 292 
PHE CG   C  Y N 293 
PHE CD1  C  Y N 294 
PHE CD2  C  Y N 295 
PHE CE1  C  Y N 296 
PHE CE2  C  Y N 297 
PHE CZ   C  Y N 298 
PHE OXT  O  N N 299 
PHE H    H  N N 300 
PHE H2   H  N N 301 
PHE HA   H  N N 302 
PHE HB2  H  N N 303 
PHE HB3  H  N N 304 
PHE HD1  H  N N 305 
PHE HD2  H  N N 306 
PHE HE1  H  N N 307 
PHE HE2  H  N N 308 
PHE HZ   H  N N 309 
PHE HXT  H  N N 310 
PRO N    N  N N 311 
PRO CA   C  N S 312 
PRO C    C  N N 313 
PRO O    O  N N 314 
PRO CB   C  N N 315 
PRO CG   C  N N 316 
PRO CD   C  N N 317 
PRO OXT  O  N N 318 
PRO H    H  N N 319 
PRO HA   H  N N 320 
PRO HB2  H  N N 321 
PRO HB3  H  N N 322 
PRO HG2  H  N N 323 
PRO HG3  H  N N 324 
PRO HD2  H  N N 325 
PRO HD3  H  N N 326 
PRO HXT  H  N N 327 
SER N    N  N N 328 
SER CA   C  N S 329 
SER C    C  N N 330 
SER O    O  N N 331 
SER CB   C  N N 332 
SER OG   O  N N 333 
SER OXT  O  N N 334 
SER H    H  N N 335 
SER H2   H  N N 336 
SER HA   H  N N 337 
SER HB2  H  N N 338 
SER HB3  H  N N 339 
SER HG   H  N N 340 
SER HXT  H  N N 341 
SO4 S    S  N N 342 
SO4 O1   O  N N 343 
SO4 O2   O  N N 344 
SO4 O3   O  N N 345 
SO4 O4   O  N N 346 
THR N    N  N N 347 
THR CA   C  N S 348 
THR C    C  N N 349 
THR O    O  N N 350 
THR CB   C  N R 351 
THR OG1  O  N N 352 
THR CG2  C  N N 353 
THR OXT  O  N N 354 
THR H    H  N N 355 
THR H2   H  N N 356 
THR HA   H  N N 357 
THR HB   H  N N 358 
THR HG1  H  N N 359 
THR HG21 H  N N 360 
THR HG22 H  N N 361 
THR HG23 H  N N 362 
THR HXT  H  N N 363 
TYR N    N  N N 364 
TYR CA   C  N S 365 
TYR C    C  N N 366 
TYR O    O  N N 367 
TYR CB   C  N N 368 
TYR CG   C  Y N 369 
TYR CD1  C  Y N 370 
TYR CD2  C  Y N 371 
TYR CE1  C  Y N 372 
TYR CE2  C  Y N 373 
TYR CZ   C  Y N 374 
TYR OH   O  N N 375 
TYR OXT  O  N N 376 
TYR H    H  N N 377 
TYR H2   H  N N 378 
TYR HA   H  N N 379 
TYR HB2  H  N N 380 
TYR HB3  H  N N 381 
TYR HD1  H  N N 382 
TYR HD2  H  N N 383 
TYR HE1  H  N N 384 
TYR HE2  H  N N 385 
TYR HH   H  N N 386 
TYR HXT  H  N N 387 
VAL N    N  N N 388 
VAL CA   C  N S 389 
VAL C    C  N N 390 
VAL O    O  N N 391 
VAL CB   C  N N 392 
VAL CG1  C  N N 393 
VAL CG2  C  N N 394 
VAL OXT  O  N N 395 
VAL H    H  N N 396 
VAL H2   H  N N 397 
VAL HA   H  N N 398 
VAL HB   H  N N 399 
VAL HG11 H  N N 400 
VAL HG12 H  N N 401 
VAL HG13 H  N N 402 
VAL HG21 H  N N 403 
VAL HG22 H  N N 404 
VAL HG23 H  N N 405 
VAL HXT  H  N N 406 
# 
loop_
_chem_comp_bond.comp_id 
_chem_comp_bond.atom_id_1 
_chem_comp_bond.atom_id_2 
_chem_comp_bond.value_order 
_chem_comp_bond.pdbx_aromatic_flag 
_chem_comp_bond.pdbx_stereo_config 
_chem_comp_bond.pdbx_ordinal 
ALA N   CA   sing N N 1   
ALA N   H    sing N N 2   
ALA N   H2   sing N N 3   
ALA CA  C    sing N N 4   
ALA CA  CB   sing N N 5   
ALA CA  HA   sing N N 6   
ALA C   O    doub N N 7   
ALA C   OXT  sing N N 8   
ALA CB  HB1  sing N N 9   
ALA CB  HB2  sing N N 10  
ALA CB  HB3  sing N N 11  
ALA OXT HXT  sing N N 12  
ARG N   CA   sing N N 13  
ARG N   H    sing N N 14  
ARG N   H2   sing N N 15  
ARG CA  C    sing N N 16  
ARG CA  CB   sing N N 17  
ARG CA  HA   sing N N 18  
ARG C   O    doub N N 19  
ARG C   OXT  sing N N 20  
ARG CB  CG   sing N N 21  
ARG CB  HB2  sing N N 22  
ARG CB  HB3  sing N N 23  
ARG CG  CD   sing N N 24  
ARG CG  HG2  sing N N 25  
ARG CG  HG3  sing N N 26  
ARG CD  NE   sing N N 27  
ARG CD  HD2  sing N N 28  
ARG CD  HD3  sing N N 29  
ARG NE  CZ   sing N N 30  
ARG NE  HE   sing N N 31  
ARG CZ  NH1  sing N N 32  
ARG CZ  NH2  doub N N 33  
ARG NH1 HH11 sing N N 34  
ARG NH1 HH12 sing N N 35  
ARG NH2 HH21 sing N N 36  
ARG NH2 HH22 sing N N 37  
ARG OXT HXT  sing N N 38  
ASP N   CA   sing N N 39  
ASP N   H    sing N N 40  
ASP N   H2   sing N N 41  
ASP CA  C    sing N N 42  
ASP CA  CB   sing N N 43  
ASP CA  HA   sing N N 44  
ASP C   O    doub N N 45  
ASP C   OXT  sing N N 46  
ASP CB  CG   sing N N 47  
ASP CB  HB2  sing N N 48  
ASP CB  HB3  sing N N 49  
ASP CG  OD1  doub N N 50  
ASP CG  OD2  sing N N 51  
ASP OD2 HD2  sing N N 52  
ASP OXT HXT  sing N N 53  
CYS N   CA   sing N N 54  
CYS N   H    sing N N 55  
CYS N   H2   sing N N 56  
CYS CA  C    sing N N 57  
CYS CA  CB   sing N N 58  
CYS CA  HA   sing N N 59  
CYS C   O    doub N N 60  
CYS C   OXT  sing N N 61  
CYS CB  SG   sing N N 62  
CYS CB  HB2  sing N N 63  
CYS CB  HB3  sing N N 64  
CYS SG  HG   sing N N 65  
CYS OXT HXT  sing N N 66  
GLN N   CA   sing N N 67  
GLN N   H    sing N N 68  
GLN N   H2   sing N N 69  
GLN CA  C    sing N N 70  
GLN CA  CB   sing N N 71  
GLN CA  HA   sing N N 72  
GLN C   O    doub N N 73  
GLN C   OXT  sing N N 74  
GLN CB  CG   sing N N 75  
GLN CB  HB2  sing N N 76  
GLN CB  HB3  sing N N 77  
GLN CG  CD   sing N N 78  
GLN CG  HG2  sing N N 79  
GLN CG  HG3  sing N N 80  
GLN CD  OE1  doub N N 81  
GLN CD  NE2  sing N N 82  
GLN NE2 HE21 sing N N 83  
GLN NE2 HE22 sing N N 84  
GLN OXT HXT  sing N N 85  
GLU N   CA   sing N N 86  
GLU N   H    sing N N 87  
GLU N   H2   sing N N 88  
GLU CA  C    sing N N 89  
GLU CA  CB   sing N N 90  
GLU CA  HA   sing N N 91  
GLU C   O    doub N N 92  
GLU C   OXT  sing N N 93  
GLU CB  CG   sing N N 94  
GLU CB  HB2  sing N N 95  
GLU CB  HB3  sing N N 96  
GLU CG  CD   sing N N 97  
GLU CG  HG2  sing N N 98  
GLU CG  HG3  sing N N 99  
GLU CD  OE1  doub N N 100 
GLU CD  OE2  sing N N 101 
GLU OE2 HE2  sing N N 102 
GLU OXT HXT  sing N N 103 
GLY N   CA   sing N N 104 
GLY N   H    sing N N 105 
GLY N   H2   sing N N 106 
GLY CA  C    sing N N 107 
GLY CA  HA2  sing N N 108 
GLY CA  HA3  sing N N 109 
GLY C   O    doub N N 110 
GLY C   OXT  sing N N 111 
GLY OXT HXT  sing N N 112 
HEC FE  NA   sing N N 113 
HEC FE  NB   sing N N 114 
HEC FE  NC   sing N N 115 
HEC FE  ND   sing N N 116 
HEC CHA C1A  doub N N 117 
HEC CHA C4D  sing N N 118 
HEC CHA HHA  sing N N 119 
HEC CHB C4A  doub N N 120 
HEC CHB C1B  sing N N 121 
HEC CHB HHB  sing N N 122 
HEC CHC C4B  doub N N 123 
HEC CHC C1C  sing N N 124 
HEC CHC HHC  sing N N 125 
HEC CHD C4C  doub N N 126 
HEC CHD C1D  sing N N 127 
HEC CHD HHD  sing N N 128 
HEC NA  C1A  sing Y N 129 
HEC NA  C4A  sing Y N 130 
HEC C1A C2A  sing Y N 131 
HEC C2A C3A  doub Y N 132 
HEC C2A CAA  sing N N 133 
HEC C3A C4A  sing Y N 134 
HEC C3A CMA  sing N N 135 
HEC CMA HMA1 sing N N 136 
HEC CMA HMA2 sing N N 137 
HEC CMA HMA3 sing N N 138 
HEC CAA CBA  sing N N 139 
HEC CAA HAA1 sing N N 140 
HEC CAA HAA2 sing N N 141 
HEC CBA CGA  sing N N 142 
HEC CBA HBA1 sing N N 143 
HEC CBA HBA2 sing N N 144 
HEC CGA O1A  doub N N 145 
HEC CGA O2A  sing N N 146 
HEC O2A H2A  sing N N 147 
HEC NB  C1B  sing Y N 148 
HEC NB  C4B  sing Y N 149 
HEC C1B C2B  doub Y N 150 
HEC C2B C3B  sing Y N 151 
HEC C2B CMB  sing N N 152 
HEC C3B C4B  sing Y N 153 
HEC C3B CAB  doub N E 154 
HEC CMB HMB1 sing N N 155 
HEC CMB HMB2 sing N N 156 
HEC CMB HMB3 sing N N 157 
HEC CAB CBB  sing N N 158 
HEC CAB HAB  sing N N 159 
HEC CBB HBB1 sing N N 160 
HEC CBB HBB2 sing N N 161 
HEC CBB HBB3 sing N N 162 
HEC NC  C1C  sing Y N 163 
HEC NC  C4C  sing Y N 164 
HEC C1C C2C  doub Y N 165 
HEC C2C C3C  sing Y N 166 
HEC C2C CMC  sing N N 167 
HEC C3C C4C  sing Y N 168 
HEC C3C CAC  doub N E 169 
HEC CMC HMC1 sing N N 170 
HEC CMC HMC2 sing N N 171 
HEC CMC HMC3 sing N N 172 
HEC CAC CBC  sing N N 173 
HEC CAC HAC  sing N N 174 
HEC CBC HBC1 sing N N 175 
HEC CBC HBC2 sing N N 176 
HEC CBC HBC3 sing N N 177 
HEC ND  C1D  sing Y N 178 
HEC ND  C4D  sing Y N 179 
HEC C1D C2D  doub Y N 180 
HEC C2D C3D  sing Y N 181 
HEC C2D CMD  sing N N 182 
HEC C3D C4D  doub Y N 183 
HEC C3D CAD  sing N N 184 
HEC CMD HMD1 sing N N 185 
HEC CMD HMD2 sing N N 186 
HEC CMD HMD3 sing N N 187 
HEC CAD CBD  sing N N 188 
HEC CAD HAD1 sing N N 189 
HEC CAD HAD2 sing N N 190 
HEC CBD CGD  sing N N 191 
HEC CBD HBD1 sing N N 192 
HEC CBD HBD2 sing N N 193 
HEC CGD O1D  doub N N 194 
HEC CGD O2D  sing N N 195 
HEC O2D H2D  sing N N 196 
HIS N   CA   sing N N 197 
HIS N   H    sing N N 198 
HIS N   H2   sing N N 199 
HIS CA  C    sing N N 200 
HIS CA  CB   sing N N 201 
HIS CA  HA   sing N N 202 
HIS C   O    doub N N 203 
HIS C   OXT  sing N N 204 
HIS CB  CG   sing N N 205 
HIS CB  HB2  sing N N 206 
HIS CB  HB3  sing N N 207 
HIS CG  ND1  sing Y N 208 
HIS CG  CD2  doub Y N 209 
HIS ND1 CE1  doub Y N 210 
HIS ND1 HD1  sing N N 211 
HIS CD2 NE2  sing Y N 212 
HIS CD2 HD2  sing N N 213 
HIS CE1 NE2  sing Y N 214 
HIS CE1 HE1  sing N N 215 
HIS NE2 HE2  sing N N 216 
HIS OXT HXT  sing N N 217 
HOH O   H1   sing N N 218 
HOH O   H2   sing N N 219 
LEU N   CA   sing N N 220 
LEU N   H    sing N N 221 
LEU N   H2   sing N N 222 
LEU CA  C    sing N N 223 
LEU CA  CB   sing N N 224 
LEU CA  HA   sing N N 225 
LEU C   O    doub N N 226 
LEU C   OXT  sing N N 227 
LEU CB  CG   sing N N 228 
LEU CB  HB2  sing N N 229 
LEU CB  HB3  sing N N 230 
LEU CG  CD1  sing N N 231 
LEU CG  CD2  sing N N 232 
LEU CG  HG   sing N N 233 
LEU CD1 HD11 sing N N 234 
LEU CD1 HD12 sing N N 235 
LEU CD1 HD13 sing N N 236 
LEU CD2 HD21 sing N N 237 
LEU CD2 HD22 sing N N 238 
LEU CD2 HD23 sing N N 239 
LEU OXT HXT  sing N N 240 
LYS N   CA   sing N N 241 
LYS N   H    sing N N 242 
LYS N   H2   sing N N 243 
LYS CA  C    sing N N 244 
LYS CA  CB   sing N N 245 
LYS CA  HA   sing N N 246 
LYS C   O    doub N N 247 
LYS C   OXT  sing N N 248 
LYS CB  CG   sing N N 249 
LYS CB  HB2  sing N N 250 
LYS CB  HB3  sing N N 251 
LYS CG  CD   sing N N 252 
LYS CG  HG2  sing N N 253 
LYS CG  HG3  sing N N 254 
LYS CD  CE   sing N N 255 
LYS CD  HD2  sing N N 256 
LYS CD  HD3  sing N N 257 
LYS CE  NZ   sing N N 258 
LYS CE  HE2  sing N N 259 
LYS CE  HE3  sing N N 260 
LYS NZ  HZ1  sing N N 261 
LYS NZ  HZ2  sing N N 262 
LYS NZ  HZ3  sing N N 263 
LYS OXT HXT  sing N N 264 
MET N   CA   sing N N 265 
MET N   H    sing N N 266 
MET N   H2   sing N N 267 
MET CA  C    sing N N 268 
MET CA  CB   sing N N 269 
MET CA  HA   sing N N 270 
MET C   O    doub N N 271 
MET C   OXT  sing N N 272 
MET CB  CG   sing N N 273 
MET CB  HB2  sing N N 274 
MET CB  HB3  sing N N 275 
MET CG  SD   sing N N 276 
MET CG  HG2  sing N N 277 
MET CG  HG3  sing N N 278 
MET SD  CE   sing N N 279 
MET CE  HE1  sing N N 280 
MET CE  HE2  sing N N 281 
MET CE  HE3  sing N N 282 
MET OXT HXT  sing N N 283 
PHE N   CA   sing N N 284 
PHE N   H    sing N N 285 
PHE N   H2   sing N N 286 
PHE CA  C    sing N N 287 
PHE CA  CB   sing N N 288 
PHE CA  HA   sing N N 289 
PHE C   O    doub N N 290 
PHE C   OXT  sing N N 291 
PHE CB  CG   sing N N 292 
PHE CB  HB2  sing N N 293 
PHE CB  HB3  sing N N 294 
PHE CG  CD1  doub Y N 295 
PHE CG  CD2  sing Y N 296 
PHE CD1 CE1  sing Y N 297 
PHE CD1 HD1  sing N N 298 
PHE CD2 CE2  doub Y N 299 
PHE CD2 HD2  sing N N 300 
PHE CE1 CZ   doub Y N 301 
PHE CE1 HE1  sing N N 302 
PHE CE2 CZ   sing Y N 303 
PHE CE2 HE2  sing N N 304 
PHE CZ  HZ   sing N N 305 
PHE OXT HXT  sing N N 306 
PRO N   CA   sing N N 307 
PRO N   CD   sing N N 308 
PRO N   H    sing N N 309 
PRO CA  C    sing N N 310 
PRO CA  CB   sing N N 311 
PRO CA  HA   sing N N 312 
PRO C   O    doub N N 313 
PRO C   OXT  sing N N 314 
PRO CB  CG   sing N N 315 
PRO CB  HB2  sing N N 316 
PRO CB  HB3  sing N N 317 
PRO CG  CD   sing N N 318 
PRO CG  HG2  sing N N 319 
PRO CG  HG3  sing N N 320 
PRO CD  HD2  sing N N 321 
PRO CD  HD3  sing N N 322 
PRO OXT HXT  sing N N 323 
SER N   CA   sing N N 324 
SER N   H    sing N N 325 
SER N   H2   sing N N 326 
SER CA  C    sing N N 327 
SER CA  CB   sing N N 328 
SER CA  HA   sing N N 329 
SER C   O    doub N N 330 
SER C   OXT  sing N N 331 
SER CB  OG   sing N N 332 
SER CB  HB2  sing N N 333 
SER CB  HB3  sing N N 334 
SER OG  HG   sing N N 335 
SER OXT HXT  sing N N 336 
SO4 S   O1   doub N N 337 
SO4 S   O2   doub N N 338 
SO4 S   O3   sing N N 339 
SO4 S   O4   sing N N 340 
THR N   CA   sing N N 341 
THR N   H    sing N N 342 
THR N   H2   sing N N 343 
THR CA  C    sing N N 344 
THR CA  CB   sing N N 345 
THR CA  HA   sing N N 346 
THR C   O    doub N N 347 
THR C   OXT  sing N N 348 
THR CB  OG1  sing N N 349 
THR CB  CG2  sing N N 350 
THR CB  HB   sing N N 351 
THR OG1 HG1  sing N N 352 
THR CG2 HG21 sing N N 353 
THR CG2 HG22 sing N N 354 
THR CG2 HG23 sing N N 355 
THR OXT HXT  sing N N 356 
TYR N   CA   sing N N 357 
TYR N   H    sing N N 358 
TYR N   H2   sing N N 359 
TYR CA  C    sing N N 360 
TYR CA  CB   sing N N 361 
TYR CA  HA   sing N N 362 
TYR C   O    doub N N 363 
TYR C   OXT  sing N N 364 
TYR CB  CG   sing N N 365 
TYR CB  HB2  sing N N 366 
TYR CB  HB3  sing N N 367 
TYR CG  CD1  doub Y N 368 
TYR CG  CD2  sing Y N 369 
TYR CD1 CE1  sing Y N 370 
TYR CD1 HD1  sing N N 371 
TYR CD2 CE2  doub Y N 372 
TYR CD2 HD2  sing N N 373 
TYR CE1 CZ   doub Y N 374 
TYR CE1 HE1  sing N N 375 
TYR CE2 CZ   sing Y N 376 
TYR CE2 HE2  sing N N 377 
TYR CZ  OH   sing N N 378 
TYR OH  HH   sing N N 379 
TYR OXT HXT  sing N N 380 
VAL N   CA   sing N N 381 
VAL N   H    sing N N 382 
VAL N   H2   sing N N 383 
VAL CA  C    sing N N 384 
VAL CA  CB   sing N N 385 
VAL CA  HA   sing N N 386 
VAL C   O    doub N N 387 
VAL C   OXT  sing N N 388 
VAL CB  CG1  sing N N 389 
VAL CB  CG2  sing N N 390 
VAL CB  HB   sing N N 391 
VAL CG1 HG11 sing N N 392 
VAL CG1 HG12 sing N N 393 
VAL CG1 HG13 sing N N 394 
VAL CG2 HG21 sing N N 395 
VAL CG2 HG22 sing N N 396 
VAL CG2 HG23 sing N N 397 
VAL OXT HXT  sing N N 398 
# 
_pdbx_initial_refinement_model.id               1 
_pdbx_initial_refinement_model.entity_id_list   ? 
_pdbx_initial_refinement_model.type             'experimental model' 
_pdbx_initial_refinement_model.source_name      PDB 
_pdbx_initial_refinement_model.accession_code   3CYR 
_pdbx_initial_refinement_model.details          'PDB ENTRY 3CYR' 
# 
_atom_sites.entry_id                    1GMB 
_atom_sites.fract_transf_matrix[1][1]   -0.00436576 
_atom_sites.fract_transf_matrix[1][2]   -0.01000108 
_atom_sites.fract_transf_matrix[1][3]   -0.01541452 
_atom_sites.fract_transf_matrix[2][1]   -0.00391983 
_atom_sites.fract_transf_matrix[2][2]   0.00886310 
_atom_sites.fract_transf_matrix[2][3]   -0.01620991 
_atom_sites.fract_transf_matrix[3][1]   0.00899888 
_atom_sites.fract_transf_matrix[3][2]   -0.00031166 
_atom_sites.fract_transf_matrix[3][3]   -0.00234649 
_atom_sites.fract_transf_vector[1]      0.217847 
_atom_sites.fract_transf_vector[2]      0.859108 
_atom_sites.fract_transf_vector[3]      0.159436 
# 
loop_
_atom_type.symbol 
C  
FE 
N  
O  
S  
# 
loop_
_atom_site.group_PDB 
_atom_site.id 
_atom_site.type_symbol 
_atom_site.label_atom_id 
_atom_site.label_alt_id 
_atom_site.label_comp_id 
_atom_site.label_asym_id 
_atom_site.label_entity_id 
_atom_site.label_seq_id 
_atom_site.pdbx_PDB_ins_code 
_atom_site.Cartn_x 
_atom_site.Cartn_y 
_atom_site.Cartn_z 
_atom_site.occupancy 
_atom_site.B_iso_or_equiv 
_atom_site.pdbx_formal_charge 
_atom_site.auth_seq_id 
_atom_site.auth_comp_id 
_atom_site.auth_asym_id 
_atom_site.auth_atom_id 
_atom_site.pdbx_PDB_model_num 
ATOM   1    N  N   . ALA A 1 1   ? -14.196 8.683   -11.532 1.00 34.39 ? 1    ALA A N   1 
ATOM   2    C  CA  . ALA A 1 1   ? -14.048 7.691   -10.426 1.00 34.58 ? 1    ALA A CA  1 
ATOM   3    C  C   . ALA A 1 1   ? -14.476 8.427   -9.155  1.00 34.23 ? 1    ALA A C   1 
ATOM   4    O  O   . ALA A 1 1   ? -14.744 9.633   -9.219  1.00 35.53 ? 1    ALA A O   1 
ATOM   5    C  CB  . ALA A 1 1   ? -12.588 7.264   -10.331 1.00 35.28 ? 1    ALA A CB  1 
ATOM   6    N  N   . PRO A 1 2   ? -14.605 7.723   -8.007  1.00 32.35 ? 2    PRO A N   1 
ATOM   7    C  CA  . PRO A 1 2   ? -15.009 8.464   -6.805  1.00 30.83 ? 2    PRO A CA  1 
ATOM   8    C  C   . PRO A 1 2   ? -13.963 9.519   -6.465  1.00 30.35 ? 2    PRO A C   1 
ATOM   9    O  O   . PRO A 1 2   ? -12.848 9.505   -7.009  1.00 30.24 ? 2    PRO A O   1 
ATOM   10   C  CB  . PRO A 1 2   ? -15.051 7.377   -5.724  1.00 30.87 ? 2    PRO A CB  1 
ATOM   11   C  CG  . PRO A 1 2   ? -14.049 6.369   -6.203  1.00 30.54 ? 2    PRO A CG  1 
ATOM   12   C  CD  . PRO A 1 2   ? -14.376 6.304   -7.685  1.00 31.99 ? 2    PRO A CD  1 
ATOM   13   N  N   . ALA A 1 3   ? -14.328 10.473  -5.624  1.00 28.03 ? 3    ALA A N   1 
ATOM   14   C  CA  . ALA A 1 3   ? -13.351 11.472  -5.235  1.00 27.48 ? 3    ALA A CA  1 
ATOM   15   C  C   . ALA A 1 3   ? -12.308 10.777  -4.338  1.00 26.38 ? 3    ALA A C   1 
ATOM   16   O  O   . ALA A 1 3   ? -12.635 9.900   -3.527  1.00 25.83 ? 3    ALA A O   1 
ATOM   17   C  CB  . ALA A 1 3   ? -14.026 12.622  -4.487  1.00 28.30 ? 3    ALA A CB  1 
ATOM   18   N  N   . VAL A 1 4   ? -11.048 11.132  -4.517  1.00 25.28 ? 4    VAL A N   1 
ATOM   19   C  CA  . VAL A 1 4   ? -9.986  10.553  -3.703  1.00 23.50 ? 4    VAL A CA  1 
ATOM   20   C  C   . VAL A 1 4   ? -10.168 11.092  -2.255  1.00 22.11 ? 4    VAL A C   1 
ATOM   21   O  O   . VAL A 1 4   ? -10.584 12.240  -2.078  1.00 20.96 ? 4    VAL A O   1 
ATOM   22   C  CB  . VAL A 1 4   ? -8.621  10.955  -4.326  1.00 23.75 ? 4    VAL A CB  1 
ATOM   23   C  CG1 . VAL A 1 4   ? -8.396  12.449  -4.227  1.00 24.64 ? 4    VAL A CG1 1 
ATOM   24   C  CG2 . VAL A 1 4   ? -7.502  10.190  -3.703  1.00 24.10 ? 4    VAL A CG2 1 
ATOM   25   N  N   . PRO A 1 5   ? -9.979  10.247  -1.214  1.00 21.32 ? 5    PRO A N   1 
ATOM   26   C  CA  . PRO A 1 5   ? -10.139 10.709  0.181   1.00 21.30 ? 5    PRO A CA  1 
ATOM   27   C  C   . PRO A 1 5   ? -9.216  11.885  0.498   1.00 20.88 ? 5    PRO A C   1 
ATOM   28   O  O   . PRO A 1 5   ? -8.036  11.870  0.130   1.00 21.27 ? 5    PRO A O   1 
ATOM   29   C  CB  . PRO A 1 5   ? -9.751  9.474   0.995   1.00 20.06 ? 5    PRO A CB  1 
ATOM   30   C  CG  . PRO A 1 5   ? -10.190 8.356   0.131   1.00 17.76 ? 5    PRO A CG  1 
ATOM   31   C  CD  . PRO A 1 5   ? -9.714  8.801   -1.247  1.00 20.14 ? 5    PRO A CD  1 
ATOM   32   N  N   . ASP A 1 6   ? -9.743  12.896  1.186   1.00 21.77 ? 6    ASP A N   1 
ATOM   33   C  CA  . ASP A 1 6   ? -8.949  14.082  1.507   1.00 21.83 ? 6    ASP A CA  1 
ATOM   34   C  C   . ASP A 1 6   ? -8.341  14.097  2.906   1.00 20.98 ? 6    ASP A C   1 
ATOM   35   O  O   . ASP A 1 6   ? -7.783  15.107  3.326   1.00 19.87 ? 6    ASP A O   1 
ATOM   36   C  CB  . ASP A 1 6   ? -9.779  15.347  1.283   1.00 25.57 ? 6    ASP A CB  1 
ATOM   37   C  CG  . ASP A 1 6   ? -10.964 15.456  2.232   1.00 27.30 ? 6    ASP A CG  1 
ATOM   38   O  OD1 . ASP A 1 6   ? -11.298 14.468  2.936   1.00 27.93 ? 6    ASP A OD1 1 
ATOM   39   O  OD2 . ASP A 1 6   ? -11.561 16.550  2.267   1.00 30.34 ? 6    ASP A OD2 1 
ATOM   40   N  N   . LYS A 1 7   ? -8.482  12.988  3.627   1.00 19.16 ? 7    LYS A N   1 
ATOM   41   C  CA  . LYS A 1 7   ? -7.949  12.833  4.985   1.00 19.92 ? 7    LYS A CA  1 
ATOM   42   C  C   . LYS A 1 7   ? -7.348  11.424  5.036   1.00 18.71 ? 7    LYS A C   1 
ATOM   43   O  O   . LYS A 1 7   ? -7.759  10.550  4.259   1.00 17.50 ? 7    LYS A O   1 
ATOM   44   C  CB  . LYS A 1 7   ? -9.078  12.970  6.026   1.00 21.62 ? 7    LYS A CB  1 
ATOM   45   C  CG  . LYS A 1 7   ? -9.715  14.361  6.054   1.00 24.14 ? 7    LYS A CG  1 
ATOM   46   C  CD  . LYS A 1 7   ? -11.101 14.345  6.668   1.00 27.64 ? 7    LYS A CD  1 
ATOM   47   C  CE  . LYS A 1 7   ? -11.901 15.562  6.207   1.00 30.74 ? 7    LYS A CE  1 
ATOM   48   N  NZ  . LYS A 1 7   ? -11.171 16.849  6.444   1.00 34.03 ? 7    LYS A NZ  1 
ATOM   49   N  N   . PRO A 1 8   ? -6.329  11.199  5.890   1.00 17.31 ? 8    PRO A N   1 
ATOM   50   C  CA  . PRO A 1 8   ? -5.711  9.869   5.984   1.00 15.67 ? 8    PRO A CA  1 
ATOM   51   C  C   . PRO A 1 8   ? -6.771  8.814   6.283   1.00 14.55 ? 8    PRO A C   1 
ATOM   52   O  O   . PRO A 1 8   ? -7.648  9.049   7.112   1.00 13.77 ? 8    PRO A O   1 
ATOM   53   C  CB  . PRO A 1 8   ? -4.742  10.032  7.155   1.00 15.93 ? 8    PRO A CB  1 
ATOM   54   C  CG  . PRO A 1 8   ? -4.322  11.462  7.030   1.00 14.53 ? 8    PRO A CG  1 
ATOM   55   C  CD  . PRO A 1 8   ? -5.643  12.155  6.780   1.00 14.61 ? 8    PRO A CD  1 
ATOM   56   N  N   . VAL A 1 9   ? -6.693  7.673   5.602   1.00 13.11 ? 9    VAL A N   1 
ATOM   57   C  CA  . VAL A 1 9   ? -7.648  6.584   5.793   1.00 12.47 ? 9    VAL A CA  1 
ATOM   58   C  C   . VAL A 1 9   ? -6.989  5.374   6.441   1.00 14.03 ? 9    VAL A C   1 
ATOM   59   O  O   . VAL A 1 9   ? -5.790  5.138   6.273   1.00 15.39 ? 9    VAL A O   1 
ATOM   60   C  CB  . VAL A 1 9   ? -8.295  6.129   4.460   1.00 12.37 ? 9    VAL A CB  1 
ATOM   61   C  CG1 . VAL A 1 9   ? -9.210  7.211   3.922   1.00 12.41 ? 9    VAL A CG1 1 
ATOM   62   C  CG2 . VAL A 1 9   ? -7.224  5.744   3.441   1.00 9.70  ? 9    VAL A CG2 1 
ATOM   63   N  N   . GLU A 1 10  ? -7.779  4.562   6.995   1.00 13.32 ? 10   GLU A N   1 
ATOM   64   C  CA  . GLU A 1 10  ? -7.286  3.420   7.769   1.00 15.98 ? 10   GLU A CA  1 
ATOM   65   C  C   . GLU A 1 10  ? -7.065  2.190   6.902   1.00 14.32 ? 10   GLU A C   1 
ATOM   66   O  O   . GLU A 1 10  ? -7.943  1.792   6.125   1.00 17.19 ? 10   GLU A O   1 
ATOM   67   C  CB  . GLU A 1 10  ? -8.303  2.984   8.833   1.00 15.97 ? 10   GLU A CB  1 
ATOM   68   C  CG  . GLU A 1 10  ? -8.304  3.831   10.096  1.00 20.52 ? 10   GLU A CG  1 
ATOM   69   C  CD  . GLU A 1 10  ? -9.098  3.175   11.231  1.00 22.78 ? 10   GLU A CD  1 
ATOM   70   O  OE1 . GLU A 1 10  ? -10.342 2.870   11.057  1.00 18.40 ? 10   GLU A OE1 1 
ATOM   71   O  OE2 . GLU A 1 10  ? -8.527  2.925   12.358  1.00 24.49 ? 10   GLU A OE2 1 
ATOM   72   N  N   . VAL A 1 11  ? -5.895  1.638   7.067   1.00 15.44 ? 11   VAL A N   1 
ATOM   73   C  CA  . VAL A 1 11  ? -5.506  0.394   6.416   1.00 13.39 ? 11   VAL A CA  1 
ATOM   74   C  C   . VAL A 1 11  ? -5.346  -0.593  7.557   1.00 13.56 ? 11   VAL A C   1 
ATOM   75   O  O   . VAL A 1 11  ? -4.296  -0.654  8.201   1.00 13.47 ? 11   VAL A O   1 
ATOM   76   C  CB  . VAL A 1 11  ? -4.196  0.548   5.628   1.00 15.39 ? 11   VAL A CB  1 
ATOM   77   C  CG1 . VAL A 1 11  ? -3.823  -0.719  4.847   1.00 16.25 ? 11   VAL A CG1 1 
ATOM   78   C  CG2 . VAL A 1 11  ? -4.237  1.669   4.588   1.00 15.43 ? 11   VAL A CG2 1 
ATOM   79   N  N   . LYS A 1 12  ? -6.409  -1.331  7.787   1.00 14.49 ? 12   LYS A N   1 
ATOM   80   C  CA  . LYS A 1 12  ? -6.467  -2.313  8.877   1.00 14.85 ? 12   LYS A CA  1 
ATOM   81   C  C   . LYS A 1 12  ? -5.795  -3.623  8.465   1.00 15.40 ? 12   LYS A C   1 
ATOM   82   O  O   . LYS A 1 12  ? -6.317  -4.379  7.638   1.00 15.14 ? 12   LYS A O   1 
ATOM   83   C  CB  . LYS A 1 12  ? -7.923  -2.587  9.241   1.00 16.55 ? 12   LYS A CB  1 
ATOM   84   C  CG  . LYS A 1 12  ? -8.620  -1.382  9.885   1.00 15.43 ? 12   LYS A CG  1 
ATOM   85   C  CD  . LYS A 1 12  ? -10.047 -1.700  10.333  1.00 18.43 ? 12   LYS A CD  1 
ATOM   86   C  CE  . LYS A 1 12  ? -10.717 -0.556  11.092  1.00 20.48 ? 12   LYS A CE  1 
ATOM   87   N  NZ  . LYS A 1 12  ? -12.003 -0.947  11.691  1.00 18.62 ? 12   LYS A NZ  1 
ATOM   88   N  N   . GLY A 1 13  ? -4.864  -4.000  9.404   1.00 15.14 ? 13   GLY A N   1 
ATOM   89   C  CA  . GLY A 1 13  ? -4.246  -5.313  9.325   1.00 14.60 ? 13   GLY A CA  1 
ATOM   90   C  C   . GLY A 1 13  ? -4.990  -6.144  10.363  1.00 16.74 ? 13   GLY A C   1 
ATOM   91   O  O   . GLY A 1 13  ? -6.093  -5.753  10.764  1.00 14.67 ? 13   GLY A O   1 
ATOM   92   N  N   . SER A 1 14  ? -4.435  -7.277  10.799  1.00 18.47 ? 14   SER A N   1 
ATOM   93   C  CA  . SER A 1 14  ? -5.109  -8.095  11.821  1.00 19.19 ? 14   SER A CA  1 
ATOM   94   C  C   . SER A 1 14  ? -4.872  -7.525  13.219  1.00 20.00 ? 14   SER A C   1 
ATOM   95   O  O   . SER A 1 14  ? -5.705  -7.683  14.118  1.00 19.16 ? 14   SER A O   1 
ATOM   96   C  CB  . SER A 1 14  ? -4.669  -9.560  11.756  1.00 18.28 ? 14   SER A CB  1 
ATOM   97   O  OG  . SER A 1 14  ? -3.291  -9.692  12.027  1.00 19.11 ? 14   SER A OG  1 
ATOM   98   N  N   . GLN A 1 15  ? -3.751  -6.829  13.388  1.00 20.18 ? 15   GLN A N   1 
ATOM   99   C  CA  . GLN A 1 15  ? -3.419  -6.221  14.667  1.00 23.25 ? 15   GLN A CA  1 
ATOM   100  C  C   . GLN A 1 15  ? -3.114  -4.736  14.583  1.00 23.53 ? 15   GLN A C   1 
ATOM   101  O  O   . GLN A 1 15  ? -3.537  -3.969  15.449  1.00 28.00 ? 15   GLN A O   1 
ATOM   102  C  CB  . GLN A 1 15  ? -2.240  -6.932  15.311  1.00 25.73 ? 15   GLN A CB  1 
ATOM   103  C  CG  . GLN A 1 15  ? -2.504  -8.373  15.661  1.00 30.42 ? 15   GLN A CG  1 
ATOM   104  C  CD  . GLN A 1 15  ? -1.284  -9.032  16.252  1.00 34.17 ? 15   GLN A CD  1 
ATOM   105  O  OE1 . GLN A 1 15  ? -0.169  -8.837  15.772  1.00 38.43 ? 15   GLN A OE1 1 
ATOM   106  N  NE2 . GLN A 1 15  ? -1.481  -9.810  17.305  1.00 37.09 ? 15   GLN A NE2 1 
ATOM   107  N  N   . LYS A 1 16  ? -2.359  -4.325  13.572  1.00 22.34 ? 16   LYS A N   1 
ATOM   108  C  CA  . LYS A 1 16  ? -2.006  -2.915  13.425  1.00 20.50 ? 16   LYS A CA  1 
ATOM   109  C  C   . LYS A 1 16  ? -2.868  -2.216  12.397  1.00 20.95 ? 16   LYS A C   1 
ATOM   110  O  O   . LYS A 1 16  ? -3.331  -2.842  11.445  1.00 22.62 ? 16   LYS A O   1 
ATOM   111  C  CB  . LYS A 1 16  ? -0.559  -2.764  12.956  1.00 18.85 ? 16   LYS A CB  1 
ATOM   112  C  CG  . LYS A 1 16  ? 0.490   -3.218  13.918  1.00 17.92 ? 16   LYS A CG  1 
ATOM   113  C  CD  . LYS A 1 16  ? 1.850   -3.040  13.269  1.00 19.94 ? 16   LYS A CD  1 
ATOM   114  C  CE  . LYS A 1 16  ? 2.966   -3.417  14.215  1.00 23.55 ? 16   LYS A CE  1 
ATOM   115  N  NZ  . LYS A 1 16  ? 4.296   -3.369  13.541  1.00 27.65 ? 16   LYS A NZ  1 
ATOM   116  N  N   . THR A 1 17  ? -3.027  -0.906  12.566  1.00 17.38 ? 17   THR A N   1 
ATOM   117  C  CA  . THR A 1 17  ? -3.761  -0.096  11.614  1.00 16.81 ? 17   THR A CA  1 
ATOM   118  C  C   . THR A 1 17  ? -2.763  0.971   11.207  1.00 17.47 ? 17   THR A C   1 
ATOM   119  O  O   . THR A 1 17  ? -2.092  1.564   12.069  1.00 17.50 ? 17   THR A O   1 
ATOM   120  C  CB  . THR A 1 17  ? -4.994  0.586   12.225  1.00 18.41 ? 17   THR A CB  1 
ATOM   121  O  OG1 . THR A 1 17  ? -5.965  -0.395  12.586  1.00 18.38 ? 17   THR A OG1 1 
ATOM   122  C  CG2 . THR A 1 17  ? -5.628  1.493   11.206  1.00 20.19 ? 17   THR A CG2 1 
ATOM   123  N  N   . VAL A 1 18  ? -2.569  1.115   9.899   1.00 16.14 ? 18   VAL A N   1 
ATOM   124  C  CA  . VAL A 1 18  ? -1.666  2.117   9.363   1.00 14.81 ? 18   VAL A CA  1 
ATOM   125  C  C   . VAL A 1 18  ? -2.522  3.114   8.616   1.00 15.88 ? 18   VAL A C   1 
ATOM   126  O  O   . VAL A 1 18  ? -3.469  2.734   7.922   1.00 18.26 ? 18   VAL A O   1 
ATOM   127  C  CB  . VAL A 1 18  ? -0.625  1.507   8.417   1.00 12.79 ? 18   VAL A CB  1 
ATOM   128  C  CG1 . VAL A 1 18  ? 0.084   2.597   7.626   1.00 12.05 ? 18   VAL A CG1 1 
ATOM   129  C  CG2 . VAL A 1 18  ? 0.389   0.725   9.216   1.00 12.64 ? 18   VAL A CG2 1 
ATOM   130  N  N   . MET A 1 19  ? -2.247  4.392   8.821   1.00 13.88 ? 19   MET A N   1 
ATOM   131  C  CA  . MET A 1 19  ? -3.010  5.423   8.149   1.00 14.64 ? 19   MET A CA  1 
ATOM   132  C  C   . MET A 1 19  ? -2.392  5.710   6.777   1.00 15.09 ? 19   MET A C   1 
ATOM   133  O  O   . MET A 1 19  ? -1.185  5.925   6.669   1.00 15.99 ? 19   MET A O   1 
ATOM   134  C  CB  . MET A 1 19  ? -3.044  6.704   8.994   1.00 14.01 ? 19   MET A CB  1 
ATOM   135  C  CG  . MET A 1 19  ? -3.756  6.565   10.328  1.00 14.12 ? 19   MET A CG  1 
ATOM   136  S  SD  . MET A 1 19  ? -5.443  5.932   10.187  1.00 16.35 ? 19   MET A SD  1 
ATOM   137  C  CE  . MET A 1 19  ? -6.311  7.345   9.602   1.00 10.37 ? 19   MET A CE  1 
ATOM   138  N  N   . PHE A 1 20  ? -3.210  5.702   5.731   1.00 13.97 ? 20   PHE A N   1 
ATOM   139  C  CA  . PHE A 1 20  ? -2.725  5.988   4.391   1.00 12.56 ? 20   PHE A CA  1 
ATOM   140  C  C   . PHE A 1 20  ? -3.145  7.378   3.950   1.00 13.12 ? 20   PHE A C   1 
ATOM   141  O  O   . PHE A 1 20  ? -4.344  7.684   3.911   1.00 13.04 ? 20   PHE A O   1 
ATOM   142  C  CB  . PHE A 1 20  ? -3.256  4.986   3.363   1.00 12.23 ? 20   PHE A CB  1 
ATOM   143  C  CG  . PHE A 1 20  ? -2.832  5.301   1.965   1.00 11.38 ? 20   PHE A CG  1 
ATOM   144  C  CD1 . PHE A 1 20  ? -1.532  5.045   1.557   1.00 12.19 ? 20   PHE A CD1 1 
ATOM   145  C  CD2 . PHE A 1 20  ? -3.700  5.929   1.081   1.00 11.09 ? 20   PHE A CD2 1 
ATOM   146  C  CE1 . PHE A 1 20  ? -1.097  5.411   0.289   1.00 12.44 ? 20   PHE A CE1 1 
ATOM   147  C  CE2 . PHE A 1 20  ? -3.270  6.298   -0.194  1.00 9.94  ? 20   PHE A CE2 1 
ATOM   148  C  CZ  . PHE A 1 20  ? -1.966  6.040   -0.584  1.00 10.12 ? 20   PHE A CZ  1 
ATOM   149  N  N   . PRO A 1 21  ? -2.169  8.231   3.591   1.00 11.72 ? 21   PRO A N   1 
ATOM   150  C  CA  . PRO A 1 21  ? -2.435  9.598   3.146   1.00 12.08 ? 21   PRO A CA  1 
ATOM   151  C  C   . PRO A 1 21  ? -2.373  9.708   1.611   1.00 12.05 ? 21   PRO A C   1 
ATOM   152  O  O   . PRO A 1 21  ? -1.342  9.418   1.008   1.00 11.74 ? 21   PRO A O   1 
ATOM   153  C  CB  . PRO A 1 21  ? -1.314  10.389  3.817   1.00 10.93 ? 21   PRO A CB  1 
ATOM   154  C  CG  . PRO A 1 21  ? -0.150  9.448   3.764   1.00 8.99  ? 21   PRO A CG  1 
ATOM   155  C  CD  . PRO A 1 21  ? -0.720  8.017   3.784   1.00 11.06 ? 21   PRO A CD  1 
ATOM   156  N  N   . HIS A 1 22  ? -3.473  10.107  0.979   1.00 12.77 ? 22   HIS A N   1 
ATOM   157  C  CA  . HIS A 1 22  ? -3.499  10.252  -0.482  1.00 13.65 ? 22   HIS A CA  1 
ATOM   158  C  C   . HIS A 1 22  ? -2.727  11.463  -1.059  1.00 13.60 ? 22   HIS A C   1 
ATOM   159  O  O   . HIS A 1 22  ? -2.105  11.351  -2.106  1.00 12.54 ? 22   HIS A O   1 
ATOM   160  C  CB  . HIS A 1 22  ? -4.939  10.299  -0.990  1.00 13.06 ? 22   HIS A CB  1 
ATOM   161  C  CG  . HIS A 1 22  ? -5.570  8.953   -1.174  1.00 12.66 ? 22   HIS A CG  1 
ATOM   162  N  ND1 . HIS A 1 22  ? -6.299  8.305   -0.204  1.00 12.46 ? 22   HIS A ND1 1 
ATOM   163  C  CD2 . HIS A 1 22  ? -5.629  8.161   -2.273  1.00 12.06 ? 22   HIS A CD2 1 
ATOM   164  C  CE1 . HIS A 1 22  ? -6.778  7.171   -0.728  1.00 13.21 ? 22   HIS A CE1 1 
ATOM   165  N  NE2 . HIS A 1 22  ? -6.403  7.035   -1.984  1.00 14.80 ? 22   HIS A NE2 1 
ATOM   166  N  N   . ALA A 1 23  ? -2.763  12.611  -0.386  1.00 14.83 ? 23   ALA A N   1 
ATOM   167  C  CA  . ALA A 1 23  ? -2.080  13.812  -0.885  1.00 16.12 ? 23   ALA A CA  1 
ATOM   168  C  C   . ALA A 1 23  ? -0.652  13.624  -1.402  1.00 16.28 ? 23   ALA A C   1 
ATOM   169  O  O   . ALA A 1 23  ? -0.339  14.075  -2.497  1.00 19.23 ? 23   ALA A O   1 
ATOM   170  C  CB  . ALA A 1 23  ? -2.135  14.950  0.144   1.00 15.30 ? 23   ALA A CB  1 
ATOM   171  N  N   . PRO A 1 24  ? 0.242   12.992  -0.620  1.00 16.81 ? 24   PRO A N   1 
ATOM   172  C  CA  . PRO A 1 24  ? 1.592   12.839  -1.173  1.00 16.66 ? 24   PRO A CA  1 
ATOM   173  C  C   . PRO A 1 24  ? 1.676   11.939  -2.419  1.00 16.31 ? 24   PRO A C   1 
ATOM   174  O  O   . PRO A 1 24  ? 2.695   11.905  -3.108  1.00 16.45 ? 24   PRO A O   1 
ATOM   175  C  CB  . PRO A 1 24  ? 2.393   12.288  0.011   1.00 17.50 ? 24   PRO A CB  1 
ATOM   176  C  CG  . PRO A 1 24  ? 1.372   11.637  0.858   1.00 17.67 ? 24   PRO A CG  1 
ATOM   177  C  CD  . PRO A 1 24  ? 0.212   12.585  0.794   1.00 16.45 ? 24   PRO A CD  1 
ATOM   178  N  N   . HIS A 1 25  ? 0.584   11.252  -2.734  1.00 15.45 ? 25   HIS A N   1 
ATOM   179  C  CA  . HIS A 1 25  ? 0.539   10.372  -3.895  1.00 15.46 ? 25   HIS A CA  1 
ATOM   180  C  C   . HIS A 1 25  ? -0.320  10.975  -5.005  1.00 15.22 ? 25   HIS A C   1 
ATOM   181  O  O   . HIS A 1 25  ? -0.726  10.270  -5.919  1.00 15.45 ? 25   HIS A O   1 
ATOM   182  C  CB  . HIS A 1 25  ? -0.034  8.999   -3.501  1.00 14.06 ? 25   HIS A CB  1 
ATOM   183  C  CG  . HIS A 1 25  ? 0.703   8.334   -2.387  1.00 9.82  ? 25   HIS A CG  1 
ATOM   184  N  ND1 . HIS A 1 25  ? 0.429   8.532   -1.052  1.00 10.94 ? 25   HIS A ND1 1 
ATOM   185  C  CD2 . HIS A 1 25  ? 1.752   7.474   -2.418  1.00 10.45 ? 25   HIS A CD2 1 
ATOM   186  C  CE1 . HIS A 1 25  ? 1.294   7.810   -0.332  1.00 12.49 ? 25   HIS A CE1 1 
ATOM   187  N  NE2 . HIS A 1 25  ? 2.122   7.149   -1.112  1.00 11.02 ? 25   HIS A NE2 1 
ATOM   188  N  N   . GLU A 1 26  ? -0.563  12.281  -4.955  1.00 14.67 ? 26   GLU A N   1 
ATOM   189  C  CA  . GLU A 1 26  ? -1.409  12.911  -5.968  1.00 17.57 ? 26   GLU A CA  1 
ATOM   190  C  C   . GLU A 1 26  ? -0.918  12.741  -7.397  1.00 16.18 ? 26   GLU A C   1 
ATOM   191  O  O   . GLU A 1 26  ? -1.705  12.794  -8.334  1.00 15.48 ? 26   GLU A O   1 
ATOM   192  C  CB  . GLU A 1 26  ? -1.621  14.393  -5.669  1.00 22.79 ? 26   GLU A CB  1 
ATOM   193  C  CG  . GLU A 1 26  ? -0.338  15.171  -5.559  1.00 28.98 ? 26   GLU A CG  1 
ATOM   194  C  CD  . GLU A 1 26  ? -0.566  16.657  -5.432  1.00 33.57 ? 26   GLU A CD  1 
ATOM   195  O  OE1 . GLU A 1 26  ? -1.488  17.069  -4.688  1.00 35.21 ? 26   GLU A OE1 1 
ATOM   196  O  OE2 . GLU A 1 26  ? 0.191   17.412  -6.082  1.00 36.17 ? 26   GLU A OE2 1 
ATOM   197  N  N   . LYS A 1 27  ? 0.382   12.539  -7.555  1.00 16.91 ? 27   LYS A N   1 
ATOM   198  C  CA  . LYS A 1 27  ? 0.977   12.361  -8.874  1.00 20.80 ? 27   LYS A CA  1 
ATOM   199  C  C   . LYS A 1 27  ? 1.011   10.903  -9.314  1.00 20.09 ? 27   LYS A C   1 
ATOM   200  O  O   . LYS A 1 27  ? 1.378   10.605  -10.452 1.00 20.75 ? 27   LYS A O   1 
ATOM   201  C  CB  . LYS A 1 27  ? 2.392   12.942  -8.898  1.00 23.75 ? 27   LYS A CB  1 
ATOM   202  C  CG  . LYS A 1 27  ? 2.456   14.415  -8.535  1.00 28.82 ? 27   LYS A CG  1 
ATOM   203  C  CD  . LYS A 1 27  ? 1.859   15.248  -9.636  1.00 33.57 ? 27   LYS A CD  1 
ATOM   204  C  CE  . LYS A 1 27  ? 1.714   16.697  -9.222  1.00 37.95 ? 27   LYS A CE  1 
ATOM   205  N  NZ  . LYS A 1 27  ? 1.322   17.490  -10.420 1.00 43.59 ? 27   LYS A NZ  1 
ATOM   206  N  N   . VAL A 1 28  ? 0.685   9.990   -8.407  1.00 17.19 ? 28   VAL A N   1 
ATOM   207  C  CA  . VAL A 1 28  ? 0.666   8.579   -8.768  1.00 17.46 ? 28   VAL A CA  1 
ATOM   208  C  C   . VAL A 1 28  ? -0.731  8.262   -9.333  1.00 17.55 ? 28   VAL A C   1 
ATOM   209  O  O   . VAL A 1 28  ? -1.738  8.672   -8.764  1.00 18.82 ? 28   VAL A O   1 
ATOM   210  C  CB  . VAL A 1 28  ? 0.931   7.660   -7.545  1.00 15.72 ? 28   VAL A CB  1 
ATOM   211  C  CG1 . VAL A 1 28  ? 0.983   6.219   -7.982  1.00 14.93 ? 28   VAL A CG1 1 
ATOM   212  C  CG2 . VAL A 1 28  ? 2.216   8.047   -6.837  1.00 16.79 ? 28   VAL A CG2 1 
ATOM   213  N  N   . GLU A 1 29  ? -0.790  7.532   -10.446 1.00 17.51 ? 29   GLU A N   1 
ATOM   214  C  CA  . GLU A 1 29  ? -2.069  7.154   -11.056 1.00 14.20 ? 29   GLU A CA  1 
ATOM   215  C  C   . GLU A 1 29  ? -2.849  6.260   -10.107 1.00 13.45 ? 29   GLU A C   1 
ATOM   216  O  O   . GLU A 1 29  ? -2.291  5.317   -9.536  1.00 15.97 ? 29   GLU A O   1 
ATOM   217  C  CB  . GLU A 1 29  ? -1.843  6.362   -12.339 1.00 15.26 ? 29   GLU A CB  1 
ATOM   218  C  CG  . GLU A 1 29  ? -1.217  7.148   -13.450 1.00 19.86 ? 29   GLU A CG  1 
ATOM   219  C  CD  . GLU A 1 29  ? -1.008  6.333   -14.702 1.00 22.41 ? 29   GLU A CD  1 
ATOM   220  O  OE1 . GLU A 1 29  ? -1.057  5.088   -14.647 1.00 20.90 ? 29   GLU A OE1 1 
ATOM   221  O  OE2 . GLU A 1 29  ? -0.790  6.952   -15.758 1.00 25.29 ? 29   GLU A OE2 1 
ATOM   222  N  N   . CYS A 1 30  ? -4.154  6.488   -10.017 1.00 11.92 ? 30   CYS A N   1 
ATOM   223  C  CA  . CYS A 1 30  ? -5.013  5.688   -9.148  1.00 13.86 ? 30   CYS A CA  1 
ATOM   224  C  C   . CYS A 1 30  ? -4.828  4.196   -9.371  1.00 14.87 ? 30   CYS A C   1 
ATOM   225  O  O   . CYS A 1 30  ? -4.735  3.423   -8.408  1.00 14.61 ? 30   CYS A O   1 
ATOM   226  C  CB  . CYS A 1 30  ? -6.485  6.009   -9.390  1.00 13.02 ? 30   CYS A CB  1 
ATOM   227  S  SG  . CYS A 1 30  ? -6.903  7.747   -9.314  1.00 15.71 ? 30   CYS A SG  1 
ATOM   228  N  N   . VAL A 1 31  ? -4.766  3.807   -10.646 1.00 13.53 ? 31   VAL A N   1 
ATOM   229  C  CA  . VAL A 1 31  ? -4.630  2.408   -11.037 1.00 13.54 ? 31   VAL A CA  1 
ATOM   230  C  C   . VAL A 1 31  ? -3.352  1.723   -10.559 1.00 14.01 ? 31   VAL A C   1 
ATOM   231  O  O   . VAL A 1 31  ? -3.301  0.504   -10.498 1.00 15.70 ? 31   VAL A O   1 
ATOM   232  C  CB  . VAL A 1 31  ? -4.831  2.224   -12.563 1.00 14.41 ? 31   VAL A CB  1 
ATOM   233  C  CG1 . VAL A 1 31  ? -3.590  2.659   -13.324 1.00 14.83 ? 31   VAL A CG1 1 
ATOM   234  C  CG2 . VAL A 1 31  ? -5.204  0.788   -12.876 1.00 13.69 ? 31   VAL A CG2 1 
ATOM   235  N  N   . THR A 1 32  ? -2.326  2.495   -10.210 1.00 13.78 ? 32   THR A N   1 
ATOM   236  C  CA  . THR A 1 32  ? -1.098  1.903   -9.696  1.00 13.67 ? 32   THR A CA  1 
ATOM   237  C  C   . THR A 1 32  ? -1.419  1.117   -8.424  1.00 12.34 ? 32   THR A C   1 
ATOM   238  O  O   . THR A 1 32  ? -0.921  0.012   -8.238  1.00 14.26 ? 32   THR A O   1 
ATOM   239  C  CB  . THR A 1 32  ? -0.039  2.979   -9.388  1.00 15.30 ? 32   THR A CB  1 
ATOM   240  O  OG1 . THR A 1 32  ? 0.385   3.567   -10.619 1.00 14.42 ? 32   THR A OG1 1 
ATOM   241  C  CG2 . THR A 1 32  ? 1.180   2.378   -8.659  1.00 11.75 ? 32   THR A CG2 1 
ATOM   242  N  N   . CYS A 1 33  ? -2.257  1.685   -7.562  1.00 12.92 ? 33   CYS A N   1 
ATOM   243  C  CA  . CYS A 1 33  ? -2.641  1.029   -6.317  1.00 12.60 ? 33   CYS A CA  1 
ATOM   244  C  C   . CYS A 1 33  ? -3.995  0.346   -6.463  1.00 12.31 ? 33   CYS A C   1 
ATOM   245  O  O   . CYS A 1 33  ? -4.145  -0.825  -6.127  1.00 14.12 ? 33   CYS A O   1 
ATOM   246  C  CB  . CYS A 1 33  ? -2.662  2.039   -5.184  1.00 10.96 ? 33   CYS A CB  1 
ATOM   247  S  SG  . CYS A 1 33  ? -1.093  2.880   -5.010  1.00 13.31 ? 33   CYS A SG  1 
ATOM   248  N  N   . HIS A 1 34  ? -4.984  1.084   -6.955  1.00 13.03 ? 34   HIS A N   1 
ATOM   249  C  CA  . HIS A 1 34  ? -6.311  0.528   -7.194  1.00 12.32 ? 34   HIS A CA  1 
ATOM   250  C  C   . HIS A 1 34  ? -6.256  -0.095  -8.583  1.00 12.65 ? 34   HIS A C   1 
ATOM   251  O  O   . HIS A 1 34  ? -6.848  0.400   -9.545  1.00 12.89 ? 34   HIS A O   1 
ATOM   252  C  CB  . HIS A 1 34  ? -7.377  1.622   -7.130  1.00 12.28 ? 34   HIS A CB  1 
ATOM   253  C  CG  . HIS A 1 34  ? -7.407  2.337   -5.822  1.00 13.29 ? 34   HIS A CG  1 
ATOM   254  N  ND1 . HIS A 1 34  ? -7.888  1.786   -4.654  1.00 15.50 ? 34   HIS A ND1 1 
ATOM   255  C  CD2 . HIS A 1 34  ? -6.948  3.568   -5.488  1.00 13.03 ? 34   HIS A CD2 1 
ATOM   256  C  CE1 . HIS A 1 34  ? -7.707  2.670   -3.670  1.00 14.24 ? 34   HIS A CE1 1 
ATOM   257  N  NE2 . HIS A 1 34  ? -7.137  3.769   -4.124  1.00 14.25 ? 34   HIS A NE2 1 
ATOM   258  N  N   . HIS A 1 35  ? -5.494  -1.173  -8.673  1.00 12.98 ? 35   HIS A N   1 
ATOM   259  C  CA  . HIS A 1 35  ? -5.296  -1.887  -9.915  1.00 14.56 ? 35   HIS A CA  1 
ATOM   260  C  C   . HIS A 1 35  ? -6.571  -2.539  -10.427 1.00 15.80 ? 35   HIS A C   1 
ATOM   261  O  O   . HIS A 1 35  ? -7.489  -2.824  -9.653  1.00 16.55 ? 35   HIS A O   1 
ATOM   262  C  CB  . HIS A 1 35  ? -4.222  -2.951  -9.714  1.00 15.24 ? 35   HIS A CB  1 
ATOM   263  C  CG  . HIS A 1 35  ? -4.632  -4.058  -8.780  1.00 14.85 ? 35   HIS A CG  1 
ATOM   264  N  ND1 . HIS A 1 35  ? -5.477  -5.084  -9.132  1.00 12.55 ? 35   HIS A ND1 1 
ATOM   265  C  CD2 . HIS A 1 35  ? -4.270  -4.291  -7.494  1.00 13.19 ? 35   HIS A CD2 1 
ATOM   266  C  CE1 . HIS A 1 35  ? -5.604  -5.900  -8.080  1.00 13.68 ? 35   HIS A CE1 1 
ATOM   267  N  NE2 . HIS A 1 35  ? -4.891  -5.463  -7.059  1.00 15.58 ? 35   HIS A NE2 1 
ATOM   268  N  N   . LEU A 1 36  ? -6.607  -2.818  -11.727 1.00 16.52 ? 36   LEU A N   1 
ATOM   269  C  CA  . LEU A 1 36  ? -7.770  -3.461  -12.329 1.00 16.69 ? 36   LEU A CA  1 
ATOM   270  C  C   . LEU A 1 36  ? -7.894  -4.894  -11.820 1.00 17.70 ? 36   LEU A C   1 
ATOM   271  O  O   . LEU A 1 36  ? -6.892  -5.537  -11.469 1.00 16.93 ? 36   LEU A O   1 
ATOM   272  C  CB  . LEU A 1 36  ? -7.655  -3.478  -13.858 1.00 16.53 ? 36   LEU A CB  1 
ATOM   273  C  CG  . LEU A 1 36  ? -7.337  -2.160  -14.577 1.00 17.18 ? 36   LEU A CG  1 
ATOM   274  C  CD1 . LEU A 1 36  ? -7.318  -2.387  -16.071 1.00 15.73 ? 36   LEU A CD1 1 
ATOM   275  C  CD2 . LEU A 1 36  ? -8.360  -1.095  -14.236 1.00 17.76 ? 36   LEU A CD2 1 
ATOM   276  N  N   . VAL A 1 37  ? -9.130  -5.370  -11.739 1.00 16.82 ? 37   VAL A N   1 
ATOM   277  C  CA  . VAL A 1 37  ? -9.405  -6.731  -11.307 1.00 17.74 ? 37   VAL A CA  1 
ATOM   278  C  C   . VAL A 1 37  ? -10.406 -7.271  -12.323 1.00 18.65 ? 37   VAL A C   1 
ATOM   279  O  O   . VAL A 1 37  ? -11.448 -6.651  -12.553 1.00 19.54 ? 37   VAL A O   1 
ATOM   280  C  CB  . VAL A 1 37  ? -10.002 -6.771  -9.877  1.00 18.13 ? 37   VAL A CB  1 
ATOM   281  C  CG1 . VAL A 1 37  ? -10.401 -8.204  -9.500  1.00 16.43 ? 37   VAL A CG1 1 
ATOM   282  C  CG2 . VAL A 1 37  ? -8.977  -6.237  -8.879  1.00 17.98 ? 37   VAL A CG2 1 
ATOM   283  N  N   . ASP A 1 38  ? -10.066 -8.379  -12.978 1.00 17.51 ? 38   ASP A N   1 
ATOM   284  C  CA  . ASP A 1 38  ? -10.933 -8.967  -14.001 1.00 18.70 ? 38   ASP A CA  1 
ATOM   285  C  C   . ASP A 1 38  ? -11.200 -7.927  -15.090 1.00 19.81 ? 38   ASP A C   1 
ATOM   286  O  O   . ASP A 1 38  ? -12.315 -7.817  -15.609 1.00 20.22 ? 38   ASP A O   1 
ATOM   287  C  CB  . ASP A 1 38  ? -12.258 -9.472  -13.417 1.00 18.82 ? 38   ASP A CB  1 
ATOM   288  C  CG  . ASP A 1 38  ? -12.083 -10.663 -12.489 1.00 20.71 ? 38   ASP A CG  1 
ATOM   289  O  OD1 . ASP A 1 38  ? -13.051 -11.011 -11.784 1.00 22.43 ? 38   ASP A OD1 1 
ATOM   290  O  OD2 . ASP A 1 38  ? -10.986 -11.252 -12.452 1.00 22.00 ? 38   ASP A OD2 1 
ATOM   291  N  N   . GLY A 1 39  ? -10.159 -7.164  -15.418 1.00 19.75 ? 39   GLY A N   1 
ATOM   292  C  CA  . GLY A 1 39  ? -10.262 -6.145  -16.442 1.00 21.88 ? 39   GLY A CA  1 
ATOM   293  C  C   . GLY A 1 39  ? -11.159 -4.972  -16.095 1.00 23.12 ? 39   GLY A C   1 
ATOM   294  O  O   . GLY A 1 39  ? -11.383 -4.108  -16.939 1.00 22.85 ? 39   GLY A O   1 
ATOM   295  N  N   . LYS A 1 40  ? -11.632 -4.910  -14.850 1.00 24.98 ? 40   LYS A N   1 
ATOM   296  C  CA  . LYS A 1 40  ? -12.524 -3.834  -14.413 1.00 25.22 ? 40   LYS A CA  1 
ATOM   297  C  C   . LYS A 1 40  ? -11.923 -2.938  -13.342 1.00 25.58 ? 40   LYS A C   1 
ATOM   298  O  O   . LYS A 1 40  ? -11.067 -3.362  -12.564 1.00 23.33 ? 40   LYS A O   1 
ATOM   299  C  CB  . LYS A 1 40  ? -13.842 -4.413  -13.896 1.00 27.90 ? 40   LYS A CB  1 
ATOM   300  C  CG  . LYS A 1 40  ? -14.669 -5.110  -14.965 1.00 31.42 ? 40   LYS A CG  1 
ATOM   301  C  CD  . LYS A 1 40  ? -15.944 -5.719  -14.399 1.00 34.39 ? 40   LYS A CD  1 
ATOM   302  C  CE  . LYS A 1 40  ? -15.697 -7.050  -13.697 1.00 36.75 ? 40   LYS A CE  1 
ATOM   303  N  NZ  . LYS A 1 40  ? -17.000 -7.589  -13.179 1.00 41.45 ? 40   LYS A NZ  1 
ATOM   304  N  N   . GLU A 1 41  ? -12.393 -1.695  -13.302 1.00 26.44 ? 41   GLU A N   1 
ATOM   305  C  CA  . GLU A 1 41  ? -11.923 -0.732  -12.317 1.00 26.73 ? 41   GLU A CA  1 
ATOM   306  C  C   . GLU A 1 41  ? -12.510 -1.068  -10.954 1.00 24.78 ? 41   GLU A C   1 
ATOM   307  O  O   . GLU A 1 41  ? -13.631 -1.573  -10.861 1.00 25.96 ? 41   GLU A O   1 
ATOM   308  C  CB  . GLU A 1 41  ? -12.354 0.691   -12.707 1.00 29.45 ? 41   GLU A CB  1 
ATOM   309  C  CG  . GLU A 1 41  ? -11.584 1.285   -13.884 1.00 35.71 ? 41   GLU A CG  1 
ATOM   310  C  CD  . GLU A 1 41  ? -11.921 2.753   -14.140 1.00 39.97 ? 41   GLU A CD  1 
ATOM   311  O  OE1 . GLU A 1 41  ? -11.930 3.155   -15.332 1.00 42.10 ? 41   GLU A OE1 1 
ATOM   312  O  OE2 . GLU A 1 41  ? -12.156 3.509   -13.159 1.00 42.40 ? 41   GLU A OE2 1 
ATOM   313  N  N   . SER A 1 42  ? -11.733 -0.824  -9.898  1.00 23.49 ? 42   SER A N   1 
ATOM   314  C  CA  . SER A 1 42  ? -12.201 -1.070  -8.541  1.00 22.85 ? 42   SER A CA  1 
ATOM   315  C  C   . SER A 1 42  ? -11.414 -0.229  -7.554  1.00 22.02 ? 42   SER A C   1 
ATOM   316  O  O   . SER A 1 42  ? -10.186 -0.105  -7.650  1.00 20.97 ? 42   SER A O   1 
ATOM   317  C  CB  . SER A 1 42  ? -12.106 -2.552  -8.164  1.00 22.05 ? 42   SER A CB  1 
ATOM   318  O  OG  . SER A 1 42  ? -12.645 -2.793  -6.878  1.00 23.48 ? 42   SER A OG  1 
ATOM   319  N  N   . TYR A 1 43  ? -12.153 0.392   -6.639  1.00 21.39 ? 43   TYR A N   1 
ATOM   320  C  CA  . TYR A 1 43  ? -11.588 1.235   -5.605  1.00 20.48 ? 43   TYR A CA  1 
ATOM   321  C  C   . TYR A 1 43  ? -11.947 0.634   -4.245  1.00 18.96 ? 43   TYR A C   1 
ATOM   322  O  O   . TYR A 1 43  ? -11.904 1.312   -3.224  1.00 19.17 ? 43   TYR A O   1 
ATOM   323  C  CB  . TYR A 1 43  ? -12.161 2.647   -5.735  1.00 19.56 ? 43   TYR A CB  1 
ATOM   324  C  CG  . TYR A 1 43  ? -11.690 3.359   -6.977  1.00 21.96 ? 43   TYR A CG  1 
ATOM   325  C  CD1 . TYR A 1 43  ? -12.421 3.302   -8.168  1.00 23.69 ? 43   TYR A CD1 1 
ATOM   326  C  CD2 . TYR A 1 43  ? -10.478 4.044   -6.979  1.00 20.27 ? 43   TYR A CD2 1 
ATOM   327  C  CE1 . TYR A 1 43  ? -11.941 3.923   -9.336  1.00 26.72 ? 43   TYR A CE1 1 
ATOM   328  C  CE2 . TYR A 1 43  ? -9.994  4.663   -8.125  1.00 22.29 ? 43   TYR A CE2 1 
ATOM   329  C  CZ  . TYR A 1 43  ? -10.719 4.596   -9.300  1.00 26.54 ? 43   TYR A CZ  1 
ATOM   330  O  OH  . TYR A 1 43  ? -10.203 5.197   -10.428 1.00 28.79 ? 43   TYR A OH  1 
ATOM   331  N  N   . ALA A 1 44  ? -12.295 -0.647  -4.241  1.00 19.12 ? 44   ALA A N   1 
ATOM   332  C  CA  . ALA A 1 44  ? -12.674 -1.336  -3.013  1.00 18.18 ? 44   ALA A CA  1 
ATOM   333  C  C   . ALA A 1 44  ? -11.459 -1.444  -2.099  1.00 17.19 ? 44   ALA A C   1 
ATOM   334  O  O   . ALA A 1 44  ? -10.325 -1.346  -2.561  1.00 16.77 ? 44   ALA A O   1 
ATOM   335  C  CB  . ALA A 1 44  ? -13.218 -2.725  -3.346  1.00 18.16 ? 44   ALA A CB  1 
ATOM   336  N  N   . LYS A 1 45  ? -11.700 -1.644  -0.808  1.00 17.03 ? 45   LYS A N   1 
ATOM   337  C  CA  . LYS A 1 45  ? -10.615 -1.779  0.162   1.00 17.50 ? 45   LYS A CA  1 
ATOM   338  C  C   . LYS A 1 45  ? -9.716  -2.944  -0.211  1.00 16.14 ? 45   LYS A C   1 
ATOM   339  O  O   . LYS A 1 45  ? -10.197 -4.009  -0.589  1.00 16.76 ? 45   LYS A O   1 
ATOM   340  C  CB  . LYS A 1 45  ? -11.180 -1.972  1.572   1.00 17.56 ? 45   LYS A CB  1 
ATOM   341  C  CG  . LYS A 1 45  ? -11.756 -0.700  2.149   1.00 21.09 ? 45   LYS A CG  1 
ATOM   342  C  CD  . LYS A 1 45  ? -12.391 -0.897  3.517   1.00 22.46 ? 45   LYS A CD  1 
ATOM   343  C  CE  . LYS A 1 45  ? -12.746 0.450   4.139   1.00 22.07 ? 45   LYS A CE  1 
ATOM   344  N  NZ  . LYS A 1 45  ? -14.041 0.389   4.855   1.00 22.05 ? 45   LYS A NZ  1 
ATOM   345  N  N   . CYS A 1 46  ? -8.409  -2.751  -0.094  1.00 16.57 ? 46   CYS A N   1 
ATOM   346  C  CA  . CYS A 1 46  ? -7.462  -3.807  -0.433  1.00 17.02 ? 46   CYS A CA  1 
ATOM   347  C  C   . CYS A 1 46  ? -7.778  -5.125  0.275   1.00 17.94 ? 46   CYS A C   1 
ATOM   348  O  O   . CYS A 1 46  ? -7.737  -6.186  -0.351  1.00 17.74 ? 46   CYS A O   1 
ATOM   349  C  CB  . CYS A 1 46  ? -6.041  -3.380  -0.086  1.00 16.69 ? 46   CYS A CB  1 
ATOM   350  S  SG  . CYS A 1 46  ? -5.629  -1.728  -0.637  1.00 15.06 ? 46   CYS A SG  1 
ATOM   351  N  N   . GLY A 1 47  ? -8.109  -5.057  1.566   1.00 17.90 ? 47   GLY A N   1 
ATOM   352  C  CA  . GLY A 1 47  ? -8.416  -6.265  2.321   1.00 17.97 ? 47   GLY A CA  1 
ATOM   353  C  C   . GLY A 1 47  ? -9.849  -6.764  2.221   1.00 18.41 ? 47   GLY A C   1 
ATOM   354  O  O   . GLY A 1 47  ? -10.320 -7.475  3.107   1.00 19.39 ? 47   GLY A O   1 
ATOM   355  N  N   . SER A 1 48  ? -10.556 -6.374  1.166   1.00 19.21 ? 48   SER A N   1 
ATOM   356  C  CA  . SER A 1 48  ? -11.946 -6.793  0.967   1.00 20.68 ? 48   SER A CA  1 
ATOM   357  C  C   . SER A 1 48  ? -12.056 -8.294  0.800   1.00 20.29 ? 48   SER A C   1 
ATOM   358  O  O   . SER A 1 48  ? -11.121 -8.943  0.322   1.00 19.16 ? 48   SER A O   1 
ATOM   359  C  CB  . SER A 1 48  ? -12.534 -6.152  -0.293  1.00 20.50 ? 48   SER A CB  1 
ATOM   360  O  OG  . SER A 1 48  ? -12.878 -4.806  -0.078  1.00 23.15 ? 48   SER A OG  1 
ATOM   361  N  N   . SER A 1 49  ? -13.229 -8.829  1.132   1.00 22.58 ? 49   SER A N   1 
ATOM   362  C  CA  . SER A 1 49  ? -13.477 -10.254 0.997   1.00 24.14 ? 49   SER A CA  1 
ATOM   363  C  C   . SER A 1 49  ? -13.358 -10.608 -0.473  1.00 22.48 ? 49   SER A C   1 
ATOM   364  O  O   . SER A 1 49  ? -13.992 -9.980  -1.321  1.00 25.07 ? 49   SER A O   1 
ATOM   365  C  CB  . SER A 1 49  ? -14.872 -10.612 1.506   1.00 24.93 ? 49   SER A CB  1 
ATOM   366  O  OG  . SER A 1 49  ? -15.047 -10.151 2.834   1.00 30.21 ? 49   SER A OG  1 
ATOM   367  N  N   . GLY A 1 50  ? -12.505 -11.580 -0.769  1.00 22.67 ? 50   GLY A N   1 
ATOM   368  C  CA  . GLY A 1 50  ? -12.302 -12.004 -2.140  1.00 22.33 ? 50   GLY A CA  1 
ATOM   369  C  C   . GLY A 1 50  ? -11.101 -11.320 -2.751  1.00 21.10 ? 50   GLY A C   1 
ATOM   370  O  O   . GLY A 1 50  ? -10.742 -11.601 -3.888  1.00 22.81 ? 50   GLY A O   1 
ATOM   371  N  N   . CYS A 1 51  ? -10.489 -10.410 -2.003  1.00 20.92 ? 51   CYS A N   1 
ATOM   372  C  CA  . CYS A 1 51  ? -9.316  -9.687  -2.472  1.00 19.90 ? 51   CYS A CA  1 
ATOM   373  C  C   . CYS A 1 51  ? -8.123  -10.085 -1.598  1.00 19.22 ? 51   CYS A C   1 
ATOM   374  O  O   . CYS A 1 51  ? -7.790  -11.263 -1.516  1.00 20.47 ? 51   CYS A O   1 
ATOM   375  C  CB  . CYS A 1 51  ? -9.572  -8.181  -2.421  1.00 17.17 ? 51   CYS A CB  1 
ATOM   376  S  SG  . CYS A 1 51  ? -10.940 -7.654  -3.435  1.00 16.95 ? 51   CYS A SG  1 
ATOM   377  N  N   . HIS A 1 52  ? -7.500  -9.129  -0.915  1.00 18.22 ? 52   HIS A N   1 
ATOM   378  C  CA  . HIS A 1 52  ? -6.367  -9.449  -0.058  1.00 18.37 ? 52   HIS A CA  1 
ATOM   379  C  C   . HIS A 1 52  ? -6.907  -9.617  1.348   1.00 18.15 ? 52   HIS A C   1 
ATOM   380  O  O   . HIS A 1 52  ? -6.540  -8.896  2.275   1.00 16.52 ? 52   HIS A O   1 
ATOM   381  C  CB  . HIS A 1 52  ? -5.300  -8.363  -0.176  1.00 16.81 ? 52   HIS A CB  1 
ATOM   382  C  CG  . HIS A 1 52  ? -4.865  -8.148  -1.590  1.00 17.78 ? 52   HIS A CG  1 
ATOM   383  N  ND1 . HIS A 1 52  ? -4.172  -9.084  -2.325  1.00 17.51 ? 52   HIS A ND1 1 
ATOM   384  C  CD2 . HIS A 1 52  ? -5.189  -7.162  -2.464  1.00 17.32 ? 52   HIS A CD2 1 
ATOM   385  C  CE1 . HIS A 1 52  ? -4.117  -8.664  -3.593  1.00 17.02 ? 52   HIS A CE1 1 
ATOM   386  N  NE2 . HIS A 1 52  ? -4.720  -7.497  -3.730  1.00 17.50 ? 52   HIS A NE2 1 
ATOM   387  N  N   . ASP A 1 53  ? -7.780  -10.613 1.481   1.00 18.70 ? 53   ASP A N   1 
ATOM   388  C  CA  . ASP A 1 53  ? -8.446  -10.893 2.741   1.00 19.63 ? 53   ASP A CA  1 
ATOM   389  C  C   . ASP A 1 53  ? -7.735  -11.779 3.750   1.00 18.98 ? 53   ASP A C   1 
ATOM   390  O  O   . ASP A 1 53  ? -8.346  -12.190 4.732   1.00 20.18 ? 53   ASP A O   1 
ATOM   391  C  CB  . ASP A 1 53  ? -9.885  -11.383 2.510   1.00 19.02 ? 53   ASP A CB  1 
ATOM   392  C  CG  . ASP A 1 53  ? -9.962  -12.598 1.607   1.00 20.05 ? 53   ASP A CG  1 
ATOM   393  O  OD1 . ASP A 1 53  ? -8.914  -13.075 1.125   1.00 23.17 ? 53   ASP A OD1 1 
ATOM   394  O  OD2 . ASP A 1 53  ? -11.090 -13.076 1.372   1.00 20.45 ? 53   ASP A OD2 1 
ATOM   395  N  N   . ASP A 1 54  ? -6.479  -12.130 3.502   1.00 18.88 ? 54   ASP A N   1 
ATOM   396  C  CA  . ASP A 1 54  ? -5.753  -12.917 4.487   1.00 19.11 ? 54   ASP A CA  1 
ATOM   397  C  C   . ASP A 1 54  ? -4.917  -11.887 5.226   1.00 18.66 ? 54   ASP A C   1 
ATOM   398  O  O   . ASP A 1 54  ? -3.870  -11.434 4.749   1.00 17.57 ? 54   ASP A O   1 
ATOM   399  C  CB  . ASP A 1 54  ? -4.867  -13.987 3.852   1.00 19.75 ? 54   ASP A CB  1 
ATOM   400  C  CG  . ASP A 1 54  ? -4.158  -14.857 4.894   1.00 22.05 ? 54   ASP A CG  1 
ATOM   401  O  OD1 . ASP A 1 54  ? -4.074  -14.475 6.091   1.00 21.76 ? 54   ASP A OD1 1 
ATOM   402  O  OD2 . ASP A 1 54  ? -3.670  -15.944 4.512   1.00 23.12 ? 54   ASP A OD2 1 
ATOM   403  N  N   . LEU A 1 55  ? -5.389  -11.531 6.412   1.00 20.02 ? 55   LEU A N   1 
ATOM   404  C  CA  . LEU A 1 55  ? -4.730  -10.517 7.215   1.00 20.97 ? 55   LEU A CA  1 
ATOM   405  C  C   . LEU A 1 55  ? -3.703  -11.026 8.224   1.00 21.73 ? 55   LEU A C   1 
ATOM   406  O  O   . LEU A 1 55  ? -3.231  -10.252 9.057   1.00 21.60 ? 55   LEU A O   1 
ATOM   407  C  CB  . LEU A 1 55  ? -5.778  -9.652  7.921   1.00 20.78 ? 55   LEU A CB  1 
ATOM   408  C  CG  . LEU A 1 55  ? -6.965  -9.149  7.095   1.00 19.03 ? 55   LEU A CG  1 
ATOM   409  C  CD1 . LEU A 1 55  ? -7.768  -8.154  7.912   1.00 22.25 ? 55   LEU A CD1 1 
ATOM   410  C  CD2 . LEU A 1 55  ? -6.482  -8.489  5.824   1.00 20.40 ? 55   LEU A CD2 1 
ATOM   411  N  N   . THR A 1 56  ? -3.374  -12.317 8.183   1.00 23.08 ? 56   THR A N   1 
ATOM   412  C  CA  . THR A 1 56  ? -2.374  -12.864 9.112   1.00 20.91 ? 56   THR A CA  1 
ATOM   413  C  C   . THR A 1 56  ? -1.152  -13.491 8.423   1.00 21.73 ? 56   THR A C   1 
ATOM   414  O  O   . THR A 1 56  ? -0.035  -13.418 8.947   1.00 22.87 ? 56   THR A O   1 
ATOM   415  C  CB  . THR A 1 56  ? -2.989  -13.882 10.122  1.00 18.93 ? 56   THR A CB  1 
ATOM   416  O  OG1 . THR A 1 56  ? -3.692  -14.909 9.412   1.00 20.18 ? 56   THR A OG1 1 
ATOM   417  C  CG2 . THR A 1 56  ? -3.951  -13.180 11.087  1.00 16.73 ? 56   THR A CG2 1 
ATOM   418  N  N   . ALA A 1 57  ? -1.351  -14.085 7.245   1.00 20.85 ? 57   ALA A N   1 
ATOM   419  C  CA  . ALA A 1 57  ? -0.237  -14.707 6.538   1.00 19.79 ? 57   ALA A CA  1 
ATOM   420  C  C   . ALA A 1 57  ? 0.742   -13.670 6.007   1.00 20.92 ? 57   ALA A C   1 
ATOM   421  O  O   . ALA A 1 57  ? 0.374   -12.534 5.716   1.00 22.45 ? 57   ALA A O   1 
ATOM   422  C  CB  . ALA A 1 57  ? -0.733  -15.602 5.424   1.00 18.35 ? 57   ALA A CB  1 
ATOM   423  N  N   . LYS A 1 58  ? 2.005   -14.066 5.906   1.00 22.69 ? 58   LYS A N   1 
ATOM   424  C  CA  . LYS A 1 58  ? 3.052   -13.174 5.433   1.00 23.37 ? 58   LYS A CA  1 
ATOM   425  C  C   . LYS A 1 58  ? 3.263   -13.245 3.935   1.00 22.36 ? 58   LYS A C   1 
ATOM   426  O  O   . LYS A 1 58  ? 3.882   -12.362 3.353   1.00 22.57 ? 58   LYS A O   1 
ATOM   427  C  CB  . LYS A 1 58  ? 4.367   -13.468 6.161   1.00 25.31 ? 58   LYS A CB  1 
ATOM   428  C  CG  . LYS A 1 58  ? 4.703   -12.506 7.312   1.00 28.96 ? 58   LYS A CG  1 
ATOM   429  C  CD  . LYS A 1 58  ? 3.610   -12.458 8.368   1.00 30.56 ? 58   LYS A CD  1 
ATOM   430  C  CE  . LYS A 1 58  ? 3.913   -11.440 9.443   1.00 31.45 ? 58   LYS A CE  1 
ATOM   431  N  NZ  . LYS A 1 58  ? 2.646   -10.761 9.846   1.00 31.35 ? 58   LYS A NZ  1 
ATOM   432  N  N   . LYS A 1 59  ? 2.763   -14.301 3.308   1.00 22.65 ? 59   LYS A N   1 
ATOM   433  C  CA  . LYS A 1 59  ? 2.920   -14.444 1.872   1.00 23.80 ? 59   LYS A CA  1 
ATOM   434  C  C   . LYS A 1 59  ? 1.669   -15.005 1.220   1.00 23.80 ? 59   LYS A C   1 
ATOM   435  O  O   . LYS A 1 59  ? 0.738   -15.432 1.902   1.00 23.53 ? 59   LYS A O   1 
ATOM   436  C  CB  . LYS A 1 59  ? 4.168   -15.278 1.534   1.00 26.38 ? 59   LYS A CB  1 
ATOM   437  C  CG  . LYS A 1 59  ? 4.348   -16.560 2.348   1.00 30.19 ? 59   LYS A CG  1 
ATOM   438  C  CD  . LYS A 1 59  ? 5.681   -17.204 1.988   1.00 35.55 ? 59   LYS A CD  1 
ATOM   439  C  CE  . LYS A 1 59  ? 6.040   -18.391 2.882   1.00 39.00 ? 59   LYS A CE  1 
ATOM   440  N  NZ  . LYS A 1 59  ? 7.328   -19.009 2.408   1.00 40.75 ? 59   LYS A NZ  1 
ATOM   441  N  N   . GLY A 1 60  ? 1.641   -14.964 -0.105  1.00 26.26 ? 60   GLY A N   1 
ATOM   442  C  CA  . GLY A 1 60  ? 0.494   -15.438 -0.859  1.00 27.17 ? 60   GLY A CA  1 
ATOM   443  C  C   . GLY A 1 60  ? -0.215  -14.219 -1.425  1.00 27.42 ? 60   GLY A C   1 
ATOM   444  O  O   . GLY A 1 60  ? -0.165  -13.147 -0.817  1.00 28.58 ? 60   GLY A O   1 
ATOM   445  N  N   . GLU A 1 61  ? -0.842  -14.353 -2.591  1.00 28.20 ? 61   GLU A N   1 
ATOM   446  C  CA  . GLU A 1 61  ? -1.548  -13.221 -3.197  1.00 27.03 ? 61   GLU A CA  1 
ATOM   447  C  C   . GLU A 1 61  ? -2.687  -12.698 -2.320  1.00 25.35 ? 61   GLU A C   1 
ATOM   448  O  O   . GLU A 1 61  ? -3.094  -11.543 -2.458  1.00 22.66 ? 61   GLU A O   1 
ATOM   449  C  CB  . GLU A 1 61  ? -2.090  -13.576 -4.585  1.00 29.06 ? 61   GLU A CB  1 
ATOM   450  C  CG  . GLU A 1 61  ? -1.024  -13.686 -5.667  1.00 33.50 ? 61   GLU A CG  1 
ATOM   451  C  CD  . GLU A 1 61  ? -1.601  -13.692 -7.087  1.00 37.19 ? 61   GLU A CD  1 
ATOM   452  O  OE1 . GLU A 1 61  ? -0.828  -13.461 -8.051  1.00 39.37 ? 61   GLU A OE1 1 
ATOM   453  O  OE2 . GLU A 1 61  ? -2.823  -13.921 -7.243  1.00 38.12 ? 61   GLU A OE2 1 
ATOM   454  N  N   . LYS A 1 62  ? -3.215  -13.543 -1.436  1.00 23.86 ? 62   LYS A N   1 
ATOM   455  C  CA  . LYS A 1 62  ? -4.301  -13.122 -0.555  1.00 23.71 ? 62   LYS A CA  1 
ATOM   456  C  C   . LYS A 1 62  ? -3.806  -12.363 0.677   1.00 21.43 ? 62   LYS A C   1 
ATOM   457  O  O   . LYS A 1 62  ? -4.608  -11.820 1.439   1.00 21.83 ? 62   LYS A O   1 
ATOM   458  C  CB  . LYS A 1 62  ? -5.129  -14.325 -0.097  1.00 24.79 ? 62   LYS A CB  1 
ATOM   459  C  CG  . LYS A 1 62  ? -6.015  -14.945 -1.156  1.00 27.93 ? 62   LYS A CG  1 
ATOM   460  C  CD  . LYS A 1 62  ? -6.782  -16.112 -0.534  1.00 34.36 ? 62   LYS A CD  1 
ATOM   461  C  CE  . LYS A 1 62  ? -7.690  -16.797 -1.549  1.00 39.44 ? 62   LYS A CE  1 
ATOM   462  N  NZ  . LYS A 1 62  ? -8.266  -18.088 -1.039  1.00 42.90 ? 62   LYS A NZ  1 
ATOM   463  N  N   . SER A 1 63  ? -2.497  -12.340 0.882   1.00 19.40 ? 63   SER A N   1 
ATOM   464  C  CA  . SER A 1 63  ? -1.911  -11.675 2.036   1.00 18.33 ? 63   SER A CA  1 
ATOM   465  C  C   . SER A 1 63  ? -1.839  -10.161 1.873   1.00 17.13 ? 63   SER A C   1 
ATOM   466  O  O   . SER A 1 63  ? -1.151  -9.665  0.981   1.00 17.78 ? 63   SER A O   1 
ATOM   467  C  CB  . SER A 1 63  ? -0.511  -12.248 2.282   1.00 17.12 ? 63   SER A CB  1 
ATOM   468  O  OG  . SER A 1 63  ? 0.249   -11.441 3.162   1.00 17.77 ? 63   SER A OG  1 
ATOM   469  N  N   . LEU A 1 64  ? -2.529  -9.429  2.743   1.00 15.36 ? 64   LEU A N   1 
ATOM   470  C  CA  . LEU A 1 64  ? -2.503  -7.974  2.680   1.00 14.60 ? 64   LEU A CA  1 
ATOM   471  C  C   . LEU A 1 64  ? -1.102  -7.508  3.055   1.00 14.48 ? 64   LEU A C   1 
ATOM   472  O  O   . LEU A 1 64  ? -0.558  -6.582  2.461   1.00 14.31 ? 64   LEU A O   1 
ATOM   473  C  CB  . LEU A 1 64  ? -3.539  -7.359  3.631   1.00 13.48 ? 64   LEU A CB  1 
ATOM   474  C  CG  . LEU A 1 64  ? -3.673  -5.825  3.621   1.00 13.86 ? 64   LEU A CG  1 
ATOM   475  C  CD1 . LEU A 1 64  ? -3.982  -5.359  2.218   1.00 11.40 ? 64   LEU A CD1 1 
ATOM   476  C  CD2 . LEU A 1 64  ? -4.763  -5.373  4.572   1.00 7.79  ? 64   LEU A CD2 1 
ATOM   477  N  N   . TYR A 1 65  ? -0.495  -8.215  3.999   1.00 15.03 ? 65   TYR A N   1 
ATOM   478  C  CA  . TYR A 1 65  ? 0.845   -7.902  4.464   1.00 16.35 ? 65   TYR A CA  1 
ATOM   479  C  C   . TYR A 1 65  ? 1.825   -7.990  3.313   1.00 16.96 ? 65   TYR A C   1 
ATOM   480  O  O   . TYR A 1 65  ? 2.701   -7.140  3.150   1.00 16.42 ? 65   TYR A O   1 
ATOM   481  C  CB  . TYR A 1 65  ? 1.260   -8.888  5.549   1.00 16.22 ? 65   TYR A CB  1 
ATOM   482  C  CG  . TYR A 1 65  ? 2.656   -8.661  6.079   1.00 17.80 ? 65   TYR A CG  1 
ATOM   483  C  CD1 . TYR A 1 65  ? 2.866   -7.938  7.244   1.00 16.93 ? 65   TYR A CD1 1 
ATOM   484  C  CD2 . TYR A 1 65  ? 3.771   -9.195  5.427   1.00 18.00 ? 65   TYR A CD2 1 
ATOM   485  C  CE1 . TYR A 1 65  ? 4.148   -7.761  7.759   1.00 18.24 ? 65   TYR A CE1 1 
ATOM   486  C  CE2 . TYR A 1 65  ? 5.058   -9.019  5.935   1.00 19.22 ? 65   TYR A CE2 1 
ATOM   487  C  CZ  . TYR A 1 65  ? 5.234   -8.301  7.100   1.00 18.70 ? 65   TYR A CZ  1 
ATOM   488  O  OH  . TYR A 1 65  ? 6.493   -8.151  7.636   1.00 20.98 ? 65   TYR A OH  1 
ATOM   489  N  N   . TYR A 1 66  ? 1.692   -9.055  2.538   1.00 17.49 ? 66   TYR A N   1 
ATOM   490  C  CA  . TYR A 1 66  ? 2.557   -9.290  1.395   1.00 18.44 ? 66   TYR A CA  1 
ATOM   491  C  C   . TYR A 1 66  ? 2.383   -8.237  0.314   1.00 17.16 ? 66   TYR A C   1 
ATOM   492  O  O   . TYR A 1 66  ? 3.362   -7.751  -0.237  1.00 19.25 ? 66   TYR A O   1 
ATOM   493  C  CB  . TYR A 1 66  ? 2.283   -10.675 0.812   1.00 21.91 ? 66   TYR A CB  1 
ATOM   494  C  CG  . TYR A 1 66  ? 3.242   -11.095 -0.271  1.00 22.97 ? 66   TYR A CG  1 
ATOM   495  C  CD1 . TYR A 1 66  ? 4.558   -11.447 0.038   1.00 23.08 ? 66   TYR A CD1 1 
ATOM   496  C  CD2 . TYR A 1 66  ? 2.830   -11.158 -1.602  1.00 23.09 ? 66   TYR A CD2 1 
ATOM   497  C  CE1 . TYR A 1 66  ? 5.440   -11.858 -0.948  1.00 25.37 ? 66   TYR A CE1 1 
ATOM   498  C  CE2 . TYR A 1 66  ? 3.698   -11.570 -2.595  1.00 25.92 ? 66   TYR A CE2 1 
ATOM   499  C  CZ  . TYR A 1 66  ? 5.008   -11.917 -2.265  1.00 27.33 ? 66   TYR A CZ  1 
ATOM   500  O  OH  . TYR A 1 66  ? 5.882   -12.324 -3.250  1.00 30.58 ? 66   TYR A OH  1 
ATOM   501  N  N   . VAL A 1 67  ? 1.148   -7.887  -0.011  1.00 16.13 ? 67   VAL A N   1 
ATOM   502  C  CA  . VAL A 1 67  ? 0.942   -6.881  -1.047  1.00 17.21 ? 67   VAL A CA  1 
ATOM   503  C  C   . VAL A 1 67  ? 1.394   -5.486  -0.613  1.00 17.64 ? 67   VAL A C   1 
ATOM   504  O  O   . VAL A 1 67  ? 1.654   -4.626  -1.460  1.00 17.74 ? 67   VAL A O   1 
ATOM   505  C  CB  . VAL A 1 67  ? -0.514  -6.869  -1.576  1.00 17.17 ? 67   VAL A CB  1 
ATOM   506  C  CG1 . VAL A 1 67  ? -0.867  -8.242  -2.107  1.00 19.48 ? 67   VAL A CG1 1 
ATOM   507  C  CG2 . VAL A 1 67  ? -1.493  -6.439  -0.490  1.00 18.94 ? 67   VAL A CG2 1 
ATOM   508  N  N   . VAL A 1 68  ? 1.626   -5.392  0.681   1.00 14.64 ? 68   VAL A N   1 
ATOM   509  C  CA  . VAL A 1 68  ? 2.000   -4.057  1.154   1.00 12.92 ? 68   VAL A CA  1 
ATOM   510  C  C   . VAL A 1 68  ? 3.529   -3.920  1.318   1.00 13.82 ? 68   VAL A C   1 
ATOM   511  O  O   . VAL A 1 68  ? 4.138   -2.951  0.849   1.00 13.92 ? 68   VAL A O   1 
ATOM   512  C  CB  . VAL A 1 68  ? 1.365   -3.771  2.535   1.00 11.65 ? 68   VAL A CB  1 
ATOM   513  C  CG1 . VAL A 1 68  ? 2.128   -2.714  3.347   1.00 8.33  ? 68   VAL A CG1 1 
ATOM   514  C  CG2 . VAL A 1 68  ? -0.073  -3.251  2.457   1.00 12.88 ? 68   VAL A CG2 1 
ATOM   515  N  N   . HIS A 1 69  ? 4.117   -4.913  1.978   1.00 14.05 ? 69   HIS A N   1 
ATOM   516  C  CA  . HIS A 1 69  ? 5.566   -4.900  2.322   1.00 14.11 ? 69   HIS A CA  1 
ATOM   517  C  C   . HIS A 1 69  ? 6.534   -5.636  1.362   1.00 15.83 ? 69   HIS A C   1 
ATOM   518  O  O   . HIS A 1 69  ? 7.760   -5.507  1.473   1.00 13.86 ? 69   HIS A O   1 
ATOM   519  C  CB  . HIS A 1 69  ? 5.772   -5.552  3.678   1.00 15.34 ? 69   HIS A CB  1 
ATOM   520  C  CG  . HIS A 1 69  ? 4.971   -4.863  4.771   1.00 12.62 ? 69   HIS A CG  1 
ATOM   521  N  ND1 . HIS A 1 69  ? 3.655   -5.214  5.049   1.00 12.35 ? 69   HIS A ND1 1 
ATOM   522  C  CD2 . HIS A 1 69  ? 5.294   -3.866  5.631   1.00 11.70 ? 69   HIS A CD2 1 
ATOM   523  C  CE1 . HIS A 1 69  ? 3.229   -4.448  6.036   1.00 11.92 ? 69   HIS A CE1 1 
ATOM   524  N  NE2 . HIS A 1 69  ? 4.195   -3.639  6.394   1.00 11.59 ? 69   HIS A NE2 1 
ATOM   525  N  N   . ALA A 1 70  ? 6.045   -6.408  0.421   1.00 18.47 ? 70   ALA A N   1 
ATOM   526  C  CA  . ALA A 1 70  ? 6.966   -7.132  -0.498  1.00 23.32 ? 70   ALA A CA  1 
ATOM   527  C  C   . ALA A 1 70  ? 7.785   -6.133  -1.331  1.00 24.56 ? 70   ALA A C   1 
ATOM   528  O  O   . ALA A 1 70  ? 7.261   -5.121  -1.815  1.00 23.25 ? 70   ALA A O   1 
ATOM   529  C  CB  . ALA A 1 70  ? 6.194   -8.038  -1.451  1.00 23.89 ? 70   ALA A CB  1 
ATOM   530  N  N   . ARG A 1 71  ? 9.064   -6.471  -1.519  1.00 28.06 ? 71   ARG A N   1 
ATOM   531  C  CA  . ARG A 1 71  ? 9.933   -5.692  -2.368  1.00 32.76 ? 71   ARG A CA  1 
ATOM   532  C  C   . ARG A 1 71  ? 10.193  -6.576  -3.574  1.00 34.62 ? 71   ARG A C   1 
ATOM   533  O  O   . ARG A 1 71  ? 10.938  -6.212  -4.472  1.00 36.31 ? 71   ARG A O   1 
ATOM   534  C  CB  . ARG A 1 71  ? 11.284  -5.436  -1.697  1.00 35.40 ? 71   ARG A CB  1 
ATOM   535  C  CG  . ARG A 1 71  ? 11.301  -4.502  -0.509  1.00 40.01 ? 71   ARG A CG  1 
ATOM   536  C  CD  . ARG A 1 71  ? 12.747  -4.056  -0.220  1.00 44.36 ? 71   ARG A CD  1 
ATOM   537  N  NE  . ARG A 1 71  ? 13.358  -3.366  -1.370  1.00 48.54 ? 71   ARG A NE  1 
ATOM   538  C  CZ  . ARG A 1 71  ? 14.542  -3.669  -1.924  1.00 50.73 ? 71   ARG A CZ  1 
ATOM   539  N  NH1 . ARG A 1 71  ? 15.287  -4.675  -1.457  1.00 51.40 ? 71   ARG A NH1 1 
ATOM   540  N  NH2 . ARG A 1 71  ? 15.000  -2.950  -2.953  1.00 50.84 ? 71   ARG A NH2 1 
ATOM   541  N  N   . GLY A 1 72  ? 9.649   -7.791  -3.543  1.00 35.69 ? 72   GLY A N   1 
ATOM   542  C  CA  . GLY A 1 72  ? 9.865   -8.719  -4.625  1.00 36.09 ? 72   GLY A CA  1 
ATOM   543  C  C   . GLY A 1 72  ? 9.204   -8.337  -5.936  1.00 37.02 ? 72   GLY A C   1 
ATOM   544  O  O   . GLY A 1 72  ? 8.620   -7.255  -6.087  1.00 36.03 ? 72   GLY A O   1 
ATOM   545  N  N   . GLU A 1 73  ? 9.278   -9.258  -6.890  1.00 37.46 ? 73   GLU A N   1 
ATOM   546  C  CA  . GLU A 1 73  ? 8.697   -9.063  -8.196  1.00 38.34 ? 73   GLU A CA  1 
ATOM   547  C  C   . GLU A 1 73  ? 7.201   -9.335  -8.035  1.00 37.49 ? 73   GLU A C   1 
ATOM   548  O  O   . GLU A 1 73  ? 6.804   -10.453 -7.675  1.00 38.42 ? 73   GLU A O   1 
ATOM   549  C  CB  . GLU A 1 73  ? 9.313   -10.057 -9.185  1.00 40.15 ? 73   GLU A CB  1 
ATOM   550  C  CG  . GLU A 1 73  ? 10.841  -10.253 -9.033  1.00 43.16 ? 73   GLU A CG  1 
ATOM   551  C  CD  . GLU A 1 73  ? 11.230  -11.190 -7.880  1.00 44.80 ? 73   GLU A CD  1 
ATOM   552  O  OE1 . GLU A 1 73  ? 10.363  -11.979 -7.430  1.00 44.98 ? 73   GLU A OE1 1 
ATOM   553  O  OE2 . GLU A 1 73  ? 12.402  -11.133 -7.422  1.00 44.33 ? 73   GLU A OE2 1 
ATOM   554  N  N   . LEU A 1 74  ? 6.389   -8.289  -8.154  1.00 34.58 ? 74   LEU A N   1 
ATOM   555  C  CA  . LEU A 1 74  ? 4.949   -8.451  -8.023  1.00 31.23 ? 74   LEU A CA  1 
ATOM   556  C  C   . LEU A 1 74  ? 4.252   -8.028  -9.289  1.00 28.40 ? 74   LEU A C   1 
ATOM   557  O  O   . LEU A 1 74  ? 4.831   -7.324  -10.126 1.00 26.75 ? 74   LEU A O   1 
ATOM   558  C  CB  . LEU A 1 74  ? 4.380   -7.654  -6.837  1.00 31.14 ? 74   LEU A CB  1 
ATOM   559  C  CG  . LEU A 1 74  ? 4.781   -8.050  -5.413  1.00 32.14 ? 74   LEU A CG  1 
ATOM   560  C  CD1 . LEU A 1 74  ? 3.716   -7.567  -4.445  1.00 31.61 ? 74   LEU A CD1 1 
ATOM   561  C  CD2 . LEU A 1 74  ? 4.918   -9.559  -5.289  1.00 32.61 ? 74   LEU A CD2 1 
ATOM   562  N  N   . LYS A 1 75  ? 3.009   -8.486  -9.422  1.00 27.29 ? 75   LYS A N   1 
ATOM   563  C  CA  . LYS A 1 75  ? 2.153   -8.188  -10.568 1.00 25.72 ? 75   LYS A CA  1 
ATOM   564  C  C   . LYS A 1 75  ? 1.680   -6.734  -10.518 1.00 24.54 ? 75   LYS A C   1 
ATOM   565  O  O   . LYS A 1 75  ? 1.257   -6.172  -11.535 1.00 23.48 ? 75   LYS A O   1 
ATOM   566  C  CB  . LYS A 1 75  ? 0.958   -9.150  -10.586 1.00 27.33 ? 75   LYS A CB  1 
ATOM   567  C  CG  . LYS A 1 75  ? 1.351   -10.620 -10.740 1.00 28.52 ? 75   LYS A CG  1 
ATOM   568  C  CD  . LYS A 1 75  ? 0.137   -11.523 -10.645 1.00 31.27 ? 75   LYS A CD  1 
ATOM   569  C  CE  . LYS A 1 75  ? 0.471   -12.957 -11.027 1.00 33.03 ? 75   LYS A CE  1 
ATOM   570  N  NZ  . LYS A 1 75  ? -0.734  -13.827 -10.902 1.00 34.06 ? 75   LYS A NZ  1 
ATOM   571  N  N   . HIS A 1 76  ? 1.736   -6.136  -9.330  1.00 22.64 ? 76   HIS A N   1 
ATOM   572  C  CA  . HIS A 1 76  ? 1.359   -4.736  -9.136  1.00 21.23 ? 76   HIS A CA  1 
ATOM   573  C  C   . HIS A 1 76  ? 2.359   -4.141  -8.168  1.00 21.75 ? 76   HIS A C   1 
ATOM   574  O  O   . HIS A 1 76  ? 3.151   -4.868  -7.577  1.00 23.59 ? 76   HIS A O   1 
ATOM   575  C  CB  . HIS A 1 76  ? -0.064  -4.618  -8.609  1.00 18.68 ? 76   HIS A CB  1 
ATOM   576  C  CG  . HIS A 1 76  ? -1.085  -5.209  -9.528  1.00 19.07 ? 76   HIS A CG  1 
ATOM   577  N  ND1 . HIS A 1 76  ? -1.301  -4.720  -10.801 1.00 20.54 ? 76   HIS A ND1 1 
ATOM   578  C  CD2 . HIS A 1 76  ? -1.886  -6.284  -9.396  1.00 16.77 ? 76   HIS A CD2 1 
ATOM   579  C  CE1 . HIS A 1 76  ? -2.195  -5.483  -11.414 1.00 20.28 ? 76   HIS A CE1 1 
ATOM   580  N  NE2 . HIS A 1 76  ? -2.563  -6.434  -10.580 1.00 19.62 ? 76   HIS A NE2 1 
ATOM   581  N  N   . THR A 1 77  ? 2.330   -2.828  -8.006  1.00 22.14 ? 77   THR A N   1 
ATOM   582  C  CA  . THR A 1 77  ? 3.278   -2.157  -7.131  1.00 21.11 ? 77   THR A CA  1 
ATOM   583  C  C   . THR A 1 77  ? 2.840   -2.112  -5.675  1.00 19.46 ? 77   THR A C   1 
ATOM   584  O  O   . THR A 1 77  ? 1.728   -1.683  -5.360  1.00 20.38 ? 77   THR A O   1 
ATOM   585  C  CB  . THR A 1 77  ? 3.548   -0.720  -7.608  1.00 21.64 ? 77   THR A CB  1 
ATOM   586  O  OG1 . THR A 1 77  ? 3.773   -0.715  -9.025  1.00 24.16 ? 77   THR A OG1 1 
ATOM   587  C  CG2 . THR A 1 77  ? 4.777   -0.171  -6.921  1.00 22.93 ? 77   THR A CG2 1 
ATOM   588  N  N   . SER A 1 78  ? 3.728   -2.551  -4.789  1.00 17.85 ? 78   SER A N   1 
ATOM   589  C  CA  . SER A 1 78  ? 3.461   -2.535  -3.360  1.00 15.71 ? 78   SER A CA  1 
ATOM   590  C  C   . SER A 1 78  ? 4.000   -1.222  -2.785  1.00 15.01 ? 78   SER A C   1 
ATOM   591  O  O   . SER A 1 78  ? 4.793   -0.520  -3.435  1.00 12.80 ? 78   SER A O   1 
ATOM   592  C  CB  . SER A 1 78  ? 4.171   -3.700  -2.692  1.00 14.52 ? 78   SER A CB  1 
ATOM   593  O  OG  . SER A 1 78  ? 5.565   -3.535  -2.789  1.00 15.30 ? 78   SER A OG  1 
ATOM   594  N  N   . CYS A 1 79  ? 3.598   -0.910  -1.559  1.00 15.07 ? 79   CYS A N   1 
ATOM   595  C  CA  . CYS A 1 79  ? 4.045   0.306   -0.886  1.00 14.33 ? 79   CYS A CA  1 
ATOM   596  C  C   . CYS A 1 79  ? 5.577   0.323   -0.783  1.00 15.54 ? 79   CYS A C   1 
ATOM   597  O  O   . CYS A 1 79  ? 6.231   1.286   -1.176  1.00 16.50 ? 79   CYS A O   1 
ATOM   598  C  CB  . CYS A 1 79  ? 3.453   0.373   0.521   1.00 13.36 ? 79   CYS A CB  1 
ATOM   599  S  SG  . CYS A 1 79  ? 1.666   0.074   0.653   1.00 12.21 ? 79   CYS A SG  1 
ATOM   600  N  N   . LEU A 1 80  ? 6.148   -0.772  -0.288  1.00 16.06 ? 80   LEU A N   1 
ATOM   601  C  CA  . LEU A 1 80  ? 7.600   -0.870  -0.116  1.00 15.62 ? 80   LEU A CA  1 
ATOM   602  C  C   . LEU A 1 80  ? 8.381   -0.883  -1.431  1.00 13.64 ? 80   LEU A C   1 
ATOM   603  O  O   . LEU A 1 80  ? 9.451   -0.284  -1.526  1.00 12.17 ? 80   LEU A O   1 
ATOM   604  C  CB  . LEU A 1 80  ? 7.959   -2.080  0.759   1.00 15.58 ? 80   LEU A CB  1 
ATOM   605  C  CG  . LEU A 1 80  ? 7.883   -1.918  2.287   1.00 16.01 ? 80   LEU A CG  1 
ATOM   606  C  CD1 . LEU A 1 80  ? 9.110   -1.165  2.758   1.00 18.32 ? 80   LEU A CD1 1 
ATOM   607  C  CD2 . LEU A 1 80  ? 6.597   -1.192  2.723   1.00 16.31 ? 80   LEU A CD2 1 
ATOM   608  N  N   . ALA A 1 81  ? 7.828   -1.523  -2.458  1.00 14.30 ? 81   ALA A N   1 
ATOM   609  C  CA  . ALA A 1 81  ? 8.500   -1.568  -3.751  1.00 14.93 ? 81   ALA A CA  1 
ATOM   610  C  C   . ALA A 1 81  ? 8.707   -0.158  -4.298  1.00 14.63 ? 81   ALA A C   1 
ATOM   611  O  O   . ALA A 1 81  ? 9.790   0.180   -4.765  1.00 14.12 ? 81   ALA A O   1 
ATOM   612  C  CB  . ALA A 1 81  ? 7.707   -2.390  -4.728  1.00 14.00 ? 81   ALA A CB  1 
ATOM   613  N  N   . CYS A 1 82  ? 7.666   0.665   -4.254  1.00 13.98 ? 82   CYS A N   1 
ATOM   614  C  CA  . CYS A 1 82  ? 7.791   2.022   -4.757  1.00 13.51 ? 82   CYS A CA  1 
ATOM   615  C  C   . CYS A 1 82  ? 8.619   2.888   -3.833  1.00 13.67 ? 82   CYS A C   1 
ATOM   616  O  O   . CYS A 1 82  ? 9.462   3.652   -4.297  1.00 14.08 ? 82   CYS A O   1 
ATOM   617  C  CB  . CYS A 1 82  ? 6.437   2.676   -4.989  1.00 11.57 ? 82   CYS A CB  1 
ATOM   618  S  SG  . CYS A 1 82  ? 6.612   4.346   -5.683  1.00 12.82 ? 82   CYS A SG  1 
ATOM   619  N  N   . HIS A 1 83  ? 8.403   2.756   -2.530  1.00 13.84 ? 83   HIS A N   1 
ATOM   620  C  CA  . HIS A 1 83  ? 9.152   3.545   -1.562  1.00 13.21 ? 83   HIS A CA  1 
ATOM   621  C  C   . HIS A 1 83  ? 10.657  3.303   -1.632  1.00 13.34 ? 83   HIS A C   1 
ATOM   622  O  O   . HIS A 1 83  ? 11.439  4.226   -1.399  1.00 14.37 ? 83   HIS A O   1 
ATOM   623  C  CB  . HIS A 1 83  ? 8.625   3.335   -0.144  1.00 11.23 ? 83   HIS A CB  1 
ATOM   624  C  CG  . HIS A 1 83  ? 7.342   4.049   0.124   1.00 10.93 ? 83   HIS A CG  1 
ATOM   625  N  ND1 . HIS A 1 83  ? 6.797   4.200   1.384   1.00 7.57  ? 83   HIS A ND1 1 
ATOM   626  C  CD2 . HIS A 1 83  ? 6.513   4.714   -0.714  1.00 9.14  ? 83   HIS A CD2 1 
ATOM   627  C  CE1 . HIS A 1 83  ? 5.696   4.937   1.272   1.00 9.87  ? 83   HIS A CE1 1 
ATOM   628  N  NE2 . HIS A 1 83  ? 5.474   5.278   0.018   1.00 12.37 ? 83   HIS A NE2 1 
ATOM   629  N  N   . SER A 1 84  ? 11.069  2.082   -1.961  1.00 14.54 ? 84   SER A N   1 
ATOM   630  C  CA  . SER A 1 84  ? 12.497  1.782   -2.093  1.00 12.90 ? 84   SER A CA  1 
ATOM   631  C  C   . SER A 1 84  ? 13.101  2.651   -3.187  1.00 12.04 ? 84   SER A C   1 
ATOM   632  O  O   . SER A 1 84  ? 14.157  3.255   -3.012  1.00 13.45 ? 84   SER A O   1 
ATOM   633  C  CB  . SER A 1 84  ? 12.690  0.322   -2.442  1.00 13.50 ? 84   SER A CB  1 
ATOM   634  O  OG  . SER A 1 84  ? 12.346  -0.475  -1.328  1.00 22.44 ? 84   SER A OG  1 
ATOM   635  N  N   . LYS A 1 85  ? 12.377  2.767   -4.292  1.00 11.16 ? 85   LYS A N   1 
ATOM   636  C  CA  . LYS A 1 85  ? 12.830  3.563   -5.423  1.00 11.83 ? 85   LYS A CA  1 
ATOM   637  C  C   . LYS A 1 85  ? 12.865  5.048   -5.100  1.00 11.84 ? 85   LYS A C   1 
ATOM   638  O  O   . LYS A 1 85  ? 13.775  5.762   -5.541  1.00 10.79 ? 85   LYS A O   1 
ATOM   639  C  CB  . LYS A 1 85  ? 11.938  3.308   -6.634  1.00 14.50 ? 85   LYS A CB  1 
ATOM   640  C  CG  . LYS A 1 85  ? 12.035  1.896   -7.187  1.00 16.53 ? 85   LYS A CG  1 
ATOM   641  C  CD  . LYS A 1 85  ? 10.915  1.632   -8.168  1.00 21.43 ? 85   LYS A CD  1 
ATOM   642  C  CE  . LYS A 1 85  ? 11.069  0.267   -8.827  1.00 26.35 ? 85   LYS A CE  1 
ATOM   643  N  NZ  . LYS A 1 85  ? 9.879   -0.052  -9.662  1.00 29.96 ? 85   LYS A NZ  1 
ATOM   644  N  N   . VAL A 1 86  ? 11.853  5.520   -4.366  1.00 12.34 ? 86   VAL A N   1 
ATOM   645  C  CA  . VAL A 1 86  ? 11.791  6.923   -3.967  1.00 13.13 ? 86   VAL A CA  1 
ATOM   646  C  C   . VAL A 1 86  ? 12.967  7.195   -3.039  1.00 12.82 ? 86   VAL A C   1 
ATOM   647  O  O   . VAL A 1 86  ? 13.668  8.186   -3.189  1.00 10.07 ? 86   VAL A O   1 
ATOM   648  C  CB  . VAL A 1 86  ? 10.479  7.278   -3.223  1.00 14.04 ? 86   VAL A CB  1 
ATOM   649  C  CG1 . VAL A 1 86  ? 10.551  8.712   -2.702  1.00 13.22 ? 86   VAL A CG1 1 
ATOM   650  C  CG2 . VAL A 1 86  ? 9.285   7.123   -4.144  1.00 14.13 ? 86   VAL A CG2 1 
ATOM   651  N  N   . VAL A 1 87  ? 13.203  6.282   -2.108  1.00 12.02 ? 87   VAL A N   1 
ATOM   652  C  CA  . VAL A 1 87  ? 14.295  6.414   -1.159  1.00 13.29 ? 87   VAL A CA  1 
ATOM   653  C  C   . VAL A 1 87  ? 15.658  6.361   -1.836  1.00 14.80 ? 87   VAL A C   1 
ATOM   654  O  O   . VAL A 1 87  ? 16.602  6.997   -1.376  1.00 15.07 ? 87   VAL A O   1 
ATOM   655  C  CB  . VAL A 1 87  ? 14.174  5.364   -0.048  1.00 12.89 ? 87   VAL A CB  1 
ATOM   656  C  CG1 . VAL A 1 87  ? 15.490  5.156   0.657   1.00 16.76 ? 87   VAL A CG1 1 
ATOM   657  C  CG2 . VAL A 1 87  ? 13.123  5.827   0.939   1.00 14.86 ? 87   VAL A CG2 1 
ATOM   658  N  N   . ALA A 1 88  ? 15.773  5.611   -2.924  1.00 14.16 ? 88   ALA A N   1 
ATOM   659  C  CA  . ALA A 1 88  ? 17.042  5.554   -3.643  1.00 15.40 ? 88   ALA A CA  1 
ATOM   660  C  C   . ALA A 1 88  ? 17.416  6.959   -4.162  1.00 15.39 ? 88   ALA A C   1 
ATOM   661  O  O   . ALA A 1 88  ? 18.575  7.358   -4.122  1.00 16.79 ? 88   ALA A O   1 
ATOM   662  C  CB  . ALA A 1 88  ? 16.940  4.573   -4.797  1.00 13.62 ? 88   ALA A CB  1 
ATOM   663  N  N   . GLU A 1 89  ? 16.409  7.712   -4.590  1.00 15.09 ? 89   GLU A N   1 
ATOM   664  C  CA  . GLU A 1 89  ? 16.587  9.059   -5.125  1.00 16.01 ? 89   GLU A CA  1 
ATOM   665  C  C   . GLU A 1 89  ? 16.574  10.148  -4.056  1.00 16.14 ? 89   GLU A C   1 
ATOM   666  O  O   . GLU A 1 89  ? 17.110  11.234  -4.259  1.00 16.66 ? 89   GLU A O   1 
ATOM   667  C  CB  . GLU A 1 89  ? 15.495  9.345   -6.163  1.00 15.28 ? 89   GLU A CB  1 
ATOM   668  C  CG  . GLU A 1 89  ? 15.598  8.420   -7.349  1.00 18.80 ? 89   GLU A CG  1 
ATOM   669  C  CD  . GLU A 1 89  ? 14.419  8.502   -8.302  1.00 17.54 ? 89   GLU A CD  1 
ATOM   670  O  OE1 . GLU A 1 89  ? 13.494  9.314   -8.064  1.00 15.59 ? 89   GLU A OE1 1 
ATOM   671  O  OE2 . GLU A 1 89  ? 14.443  7.739   -9.298  1.00 16.00 ? 89   GLU A OE2 1 
ATOM   672  N  N   . LYS A 1 90  ? 15.889  9.879   -2.951  1.00 15.87 ? 90   LYS A N   1 
ATOM   673  C  CA  . LYS A 1 90  ? 15.791  10.815  -1.838  1.00 15.29 ? 90   LYS A CA  1 
ATOM   674  C  C   . LYS A 1 90  ? 16.130  10.025  -0.565  1.00 14.83 ? 90   LYS A C   1 
ATOM   675  O  O   . LYS A 1 90  ? 15.255  9.716   0.255   1.00 14.94 ? 90   LYS A O   1 
ATOM   676  C  CB  . LYS A 1 90  ? 14.374  11.412  -1.775  1.00 15.36 ? 90   LYS A CB  1 
ATOM   677  C  CG  . LYS A 1 90  ? 13.970  12.114  -3.060  1.00 17.07 ? 90   LYS A CG  1 
ATOM   678  C  CD  . LYS A 1 90  ? 12.651  12.826  -2.941  1.00 22.52 ? 90   LYS A CD  1 
ATOM   679  C  CE  . LYS A 1 90  ? 12.774  14.138  -2.197  1.00 26.59 ? 90   LYS A CE  1 
ATOM   680  N  NZ  . LYS A 1 90  ? 11.479  14.882  -2.252  1.00 29.84 ? 90   LYS A NZ  1 
ATOM   681  N  N   . PRO A 1 91  ? 17.426  9.693   -0.385  1.00 14.83 ? 91   PRO A N   1 
ATOM   682  C  CA  . PRO A 1 91  ? 17.909  8.932   0.775   1.00 13.89 ? 91   PRO A CA  1 
ATOM   683  C  C   . PRO A 1 91  ? 17.558  9.495   2.138   1.00 14.03 ? 91   PRO A C   1 
ATOM   684  O  O   . PRO A 1 91  ? 17.482  8.741   3.101   1.00 14.13 ? 91   PRO A O   1 
ATOM   685  C  CB  . PRO A 1 91  ? 19.423  8.851   0.537   1.00 12.91 ? 91   PRO A CB  1 
ATOM   686  C  CG  . PRO A 1 91  ? 19.701  9.995   -0.354  1.00 15.64 ? 91   PRO A CG  1 
ATOM   687  C  CD  . PRO A 1 91  ? 18.541  10.026  -1.283  1.00 11.56 ? 91   PRO A CD  1 
ATOM   688  N  N   . GLU A 1 92  ? 17.303  10.800  2.202   1.00 12.97 ? 92   GLU A N   1 
ATOM   689  C  CA  . GLU A 1 92  ? 16.934  11.452  3.451   1.00 14.01 ? 92   GLU A CA  1 
ATOM   690  C  C   . GLU A 1 92  ? 15.566  10.987  3.940   1.00 13.00 ? 92   GLU A C   1 
ATOM   691  O  O   . GLU A 1 92  ? 15.183  11.284  5.061   1.00 14.00 ? 92   GLU A O   1 
ATOM   692  C  CB  . GLU A 1 92  ? 16.959  12.982  3.300   1.00 15.80 ? 92   GLU A CB  1 
ATOM   693  C  CG  . GLU A 1 92  ? 15.849  13.598  2.447   1.00 19.11 ? 92   GLU A CG  1 
ATOM   694  C  CD  . GLU A 1 92  ? 16.152  13.641  0.944   1.00 19.68 ? 92   GLU A CD  1 
ATOM   695  O  OE1 . GLU A 1 92  ? 15.349  14.258  0.214   1.00 22.73 ? 92   GLU A OE1 1 
ATOM   696  O  OE2 . GLU A 1 92  ? 17.175  13.081  0.485   1.00 19.07 ? 92   GLU A OE2 1 
ATOM   697  N  N   . LEU A 1 93  ? 14.837  10.256  3.099   1.00 13.69 ? 93   LEU A N   1 
ATOM   698  C  CA  . LEU A 1 93  ? 13.504  9.759   3.463   1.00 15.11 ? 93   LEU A CA  1 
ATOM   699  C  C   . LEU A 1 93  ? 13.475  8.250   3.748   1.00 15.36 ? 93   LEU A C   1 
ATOM   700  O  O   . LEU A 1 93  ? 12.400  7.665   3.901   1.00 15.23 ? 93   LEU A O   1 
ATOM   701  C  CB  . LEU A 1 93  ? 12.484  10.099  2.354   1.00 13.24 ? 93   LEU A CB  1 
ATOM   702  C  CG  . LEU A 1 93  ? 12.222  11.569  1.974   1.00 13.31 ? 93   LEU A CG  1 
ATOM   703  C  CD1 . LEU A 1 93  ? 11.405  11.662  0.694   1.00 10.11 ? 93   LEU A CD1 1 
ATOM   704  C  CD2 . LEU A 1 93  ? 11.499  12.261  3.108   1.00 12.75 ? 93   LEU A CD2 1 
ATOM   705  N  N   . LYS A 1 94  ? 14.653  7.639   3.861   1.00 16.70 ? 94   LYS A N   1 
ATOM   706  C  CA  . LYS A 1 94  ? 14.777  6.202   4.118   1.00 15.73 ? 94   LYS A CA  1 
ATOM   707  C  C   . LYS A 1 94  ? 13.967  5.726   5.327   1.00 15.77 ? 94   LYS A C   1 
ATOM   708  O  O   . LYS A 1 94  ? 13.141  4.828   5.214   1.00 14.99 ? 94   LYS A O   1 
ATOM   709  C  CB  . LYS A 1 94  ? 16.253  5.823   4.293   1.00 16.73 ? 94   LYS A CB  1 
ATOM   710  C  CG  . LYS A 1 94  ? 16.510  4.315   4.408   1.00 20.30 ? 94   LYS A CG  1 
ATOM   711  C  CD  . LYS A 1 94  ? 17.985  4.024   4.712   1.00 24.10 ? 94   LYS A CD  1 
ATOM   712  C  CE  . LYS A 1 94  ? 18.263  2.536   4.935   1.00 26.37 ? 94   LYS A CE  1 
ATOM   713  N  NZ  . LYS A 1 94  ? 17.903  1.698   3.744   1.00 29.51 ? 94   LYS A NZ  1 
ATOM   714  N  N   . LYS A 1 95  ? 14.186  6.350   6.478   1.00 14.57 ? 95   LYS A N   1 
ATOM   715  C  CA  . LYS A 1 95  ? 13.469  5.987   7.698   1.00 15.55 ? 95   LYS A CA  1 
ATOM   716  C  C   . LYS A 1 95  ? 11.962  6.240   7.561   1.00 14.38 ? 95   LYS A C   1 
ATOM   717  O  O   . LYS A 1 95  ? 11.138  5.360   7.841   1.00 13.28 ? 95   LYS A O   1 
ATOM   718  C  CB  . LYS A 1 95  ? 14.031  6.796   8.870   1.00 17.89 ? 95   LYS A CB  1 
ATOM   719  C  CG  . LYS A 1 95  ? 13.427  6.508   10.228  1.00 22.52 ? 95   LYS A CG  1 
ATOM   720  C  CD  . LYS A 1 95  ? 13.892  5.170   10.738  1.00 26.46 ? 95   LYS A CD  1 
ATOM   721  C  CE  . LYS A 1 95  ? 13.706  5.071   12.245  1.00 31.75 ? 95   LYS A CE  1 
ATOM   722  N  NZ  . LYS A 1 95  ? 13.940  3.684   12.769  1.00 33.83 ? 95   LYS A NZ  1 
ATOM   723  N  N   . ASP A 1 96  ? 11.608  7.417   7.054   1.00 13.98 ? 96   ASP A N   1 
ATOM   724  C  CA  . ASP A 1 96  ? 10.207  7.789   6.901   1.00 13.73 ? 96   ASP A CA  1 
ATOM   725  C  C   . ASP A 1 96  ? 9.372   6.849   6.042   1.00 11.34 ? 96   ASP A C   1 
ATOM   726  O  O   . ASP A 1 96  ? 8.259   6.475   6.424   1.00 10.84 ? 96   ASP A O   1 
ATOM   727  C  CB  . ASP A 1 96  ? 10.086  9.206   6.326   1.00 15.10 ? 96   ASP A CB  1 
ATOM   728  C  CG  . ASP A 1 96  ? 10.437  10.293  7.334   1.00 18.01 ? 96   ASP A CG  1 
ATOM   729  O  OD1 . ASP A 1 96  ? 10.607  10.003  8.544   1.00 19.78 ? 96   ASP A OD1 1 
ATOM   730  O  OD2 . ASP A 1 96  ? 10.538  11.459  6.900   1.00 18.89 ? 96   ASP A OD2 1 
ATOM   731  N  N   . LEU A 1 97  ? 9.913   6.476   4.888   1.00 10.73 ? 97   LEU A N   1 
ATOM   732  C  CA  . LEU A 1 97  ? 9.204   5.638   3.926   1.00 12.69 ? 97   LEU A CA  1 
ATOM   733  C  C   . LEU A 1 97  ? 9.421   4.134   3.983   1.00 12.18 ? 97   LEU A C   1 
ATOM   734  O  O   . LEU A 1 97  ? 8.603   3.376   3.455   1.00 12.80 ? 97   LEU A O   1 
ATOM   735  C  CB  . LEU A 1 97  ? 9.474   6.124   2.490   1.00 11.44 ? 97   LEU A CB  1 
ATOM   736  C  CG  . LEU A 1 97  ? 9.205   7.598   2.152   1.00 13.84 ? 97   LEU A CG  1 
ATOM   737  C  CD1 . LEU A 1 97  ? 9.182   7.784   0.643   1.00 15.06 ? 97   LEU A CD1 1 
ATOM   738  C  CD2 . LEU A 1 97  ? 7.888   8.053   2.749   1.00 12.03 ? 97   LEU A CD2 1 
ATOM   739  N  N   . THR A 1 98  ? 10.513  3.682   4.581   1.00 11.32 ? 98   THR A N   1 
ATOM   740  C  CA  . THR A 1 98  ? 10.741  2.247   4.621   1.00 12.87 ? 98   THR A CA  1 
ATOM   741  C  C   . THR A 1 98  ? 10.979  1.638   6.010   1.00 14.14 ? 98   THR A C   1 
ATOM   742  O  O   . THR A 1 98  ? 11.053  0.413   6.144   1.00 13.66 ? 98   THR A O   1 
ATOM   743  C  CB  . THR A 1 98  ? 11.883  1.848   3.665   1.00 14.88 ? 98   THR A CB  1 
ATOM   744  O  OG1 . THR A 1 98  ? 13.095  2.491   4.077   1.00 15.09 ? 98   THR A OG1 1 
ATOM   745  C  CG2 . THR A 1 98  ? 11.550  2.254   2.226   1.00 10.87 ? 98   THR A CG2 1 
ATOM   746  N  N   . GLY A 1 99  ? 11.031  2.476   7.046   1.00 13.34 ? 99   GLY A N   1 
ATOM   747  C  CA  . GLY A 1 99  ? 11.264  1.971   8.387   1.00 13.22 ? 99   GLY A CA  1 
ATOM   748  C  C   . GLY A 1 99  ? 10.181  1.087   8.987   1.00 13.16 ? 99   GLY A C   1 
ATOM   749  O  O   . GLY A 1 99  ? 8.992   1.371   8.862   1.00 14.85 ? 99   GLY A O   1 
ATOM   750  N  N   . CYS A 1 100 ? 10.599  0.036   9.683   1.00 13.09 ? 100  CYS A N   1 
ATOM   751  C  CA  . CYS A 1 100 ? 9.659   -0.866  10.331  1.00 13.85 ? 100  CYS A CA  1 
ATOM   752  C  C   . CYS A 1 100 ? 9.162   -0.250  11.638  1.00 14.13 ? 100  CYS A C   1 
ATOM   753  O  O   . CYS A 1 100 ? 8.118   -0.623  12.170  1.00 16.17 ? 100  CYS A O   1 
ATOM   754  C  CB  . CYS A 1 100 ? 10.323  -2.212  10.596  1.00 13.89 ? 100  CYS A CB  1 
ATOM   755  S  SG  . CYS A 1 100 ? 10.987  -2.977  9.105   1.00 14.38 ? 100  CYS A SG  1 
ATOM   756  N  N   . ALA A 1 101 ? 9.894   0.734   12.135  1.00 15.86 ? 101  ALA A N   1 
ATOM   757  C  CA  . ALA A 1 101 ? 9.506   1.408   13.364  1.00 15.81 ? 101  ALA A CA  1 
ATOM   758  C  C   . ALA A 1 101 ? 9.961   2.850   13.222  1.00 13.45 ? 101  ALA A C   1 
ATOM   759  O  O   . ALA A 1 101 ? 10.925  3.113   12.505  1.00 14.97 ? 101  ALA A O   1 
ATOM   760  C  CB  . ALA A 1 101 ? 10.185  0.736   14.555  1.00 14.75 ? 101  ALA A CB  1 
ATOM   761  N  N   . LYS A 1 102 ? 9.239   3.780   13.848  1.00 15.63 ? 102  LYS A N   1 
ATOM   762  C  CA  . LYS A 1 102 ? 9.566   5.216   13.799  1.00 17.40 ? 102  LYS A CA  1 
ATOM   763  C  C   . LYS A 1 102 ? 9.471   5.798   12.392  1.00 15.71 ? 102  LYS A C   1 
ATOM   764  O  O   . LYS A 1 102 ? 10.098  6.818   12.092  1.00 15.85 ? 102  LYS A O   1 
ATOM   765  C  CB  . LYS A 1 102 ? 10.973  5.495   14.350  1.00 19.90 ? 102  LYS A CB  1 
ATOM   766  C  CG  . LYS A 1 102 ? 11.067  5.766   15.839  1.00 23.56 ? 102  LYS A CG  1 
ATOM   767  C  CD  . LYS A 1 102 ? 10.505  4.632   16.647  1.00 29.84 ? 102  LYS A CD  1 
ATOM   768  C  CE  . LYS A 1 102 ? 11.033  4.663   18.072  1.00 34.57 ? 102  LYS A CE  1 
ATOM   769  N  NZ  . LYS A 1 102 ? 10.420  3.560   18.880  1.00 38.25 ? 102  LYS A NZ  1 
ATOM   770  N  N   . SER A 1 103 ? 8.724   5.131   11.525  1.00 13.65 ? 103  SER A N   1 
ATOM   771  C  CA  . SER A 1 103 ? 8.561   5.592   10.155  1.00 13.99 ? 103  SER A CA  1 
ATOM   772  C  C   . SER A 1 103 ? 7.259   6.380   10.074  1.00 13.79 ? 103  SER A C   1 
ATOM   773  O  O   . SER A 1 103 ? 6.596   6.589   11.089  1.00 12.48 ? 103  SER A O   1 
ATOM   774  C  CB  . SER A 1 103 ? 8.544   4.394   9.191   1.00 13.84 ? 103  SER A CB  1 
ATOM   775  O  OG  . SER A 1 103 ? 7.476   3.493   9.467   1.00 15.60 ? 103  SER A OG  1 
ATOM   776  N  N   . LYS A 1 104 ? 6.905   6.858   8.889   1.00 12.46 ? 104  LYS A N   1 
ATOM   777  C  CA  . LYS A 1 104 ? 5.657   7.585   8.749   1.00 12.08 ? 104  LYS A CA  1 
ATOM   778  C  C   . LYS A 1 104 ? 4.482   6.601   8.792   1.00 12.46 ? 104  LYS A C   1 
ATOM   779  O  O   . LYS A 1 104 ? 3.370   6.974   9.152   1.00 14.15 ? 104  LYS A O   1 
ATOM   780  C  CB  . LYS A 1 104 ? 5.648   8.405   7.456   1.00 11.62 ? 104  LYS A CB  1 
ATOM   781  C  CG  . LYS A 1 104 ? 6.609   9.591   7.463   1.00 11.87 ? 104  LYS A CG  1 
ATOM   782  C  CD  . LYS A 1 104 ? 6.283   10.569  8.589   1.00 13.32 ? 104  LYS A CD  1 
ATOM   783  C  CE  . LYS A 1 104 ? 7.183   11.792  8.525   1.00 13.84 ? 104  LYS A CE  1 
ATOM   784  N  NZ  . LYS A 1 104 ? 6.807   12.804  9.533   1.00 17.81 ? 104  LYS A NZ  1 
ATOM   785  N  N   . CYS A 1 105 ? 4.736   5.344   8.433   1.00 11.67 ? 105  CYS A N   1 
ATOM   786  C  CA  . CYS A 1 105 ? 3.698   4.309   8.458   1.00 13.78 ? 105  CYS A CA  1 
ATOM   787  C  C   . CYS A 1 105 ? 3.532   3.702   9.859   1.00 13.98 ? 105  CYS A C   1 
ATOM   788  O  O   . CYS A 1 105 ? 2.426   3.402   10.280  1.00 13.64 ? 105  CYS A O   1 
ATOM   789  C  CB  . CYS A 1 105 ? 4.031   3.178   7.485   1.00 11.40 ? 105  CYS A CB  1 
ATOM   790  S  SG  . CYS A 1 105 ? 4.288   3.662   5.792   1.00 13.21 ? 105  CYS A SG  1 
ATOM   791  N  N   . HIS A 1 106 ? 4.651   3.457   10.529  1.00 14.43 ? 106  HIS A N   1 
ATOM   792  C  CA  . HIS A 1 106 ? 4.653   2.876   11.875  1.00 16.59 ? 106  HIS A CA  1 
ATOM   793  C  C   . HIS A 1 106 ? 5.438   3.829   12.777  1.00 16.10 ? 106  HIS A C   1 
ATOM   794  O  O   . HIS A 1 106 ? 6.639   3.628   12.993  1.00 16.71 ? 106  HIS A O   1 
ATOM   795  C  CB  . HIS A 1 106 ? 5.363   1.512   11.859  1.00 15.55 ? 106  HIS A CB  1 
ATOM   796  C  CG  . HIS A 1 106 ? 4.687   0.481   11.005  1.00 14.13 ? 106  HIS A CG  1 
ATOM   797  N  ND1 . HIS A 1 106 ? 3.422   0.004   11.229  1.00 12.26 ? 106  HIS A ND1 1 
ATOM   798  C  CD2 . HIS A 1 106 ? 5.152   -0.190  9.919   1.00 12.84 ? 106  HIS A CD2 1 
ATOM   799  C  CE1 . HIS A 1 106 ? 3.160   -0.923  10.305  1.00 13.29 ? 106  HIS A CE1 1 
ATOM   800  N  NE2 . HIS A 1 106 ? 4.180   -1.077  9.484   1.00 13.42 ? 106  HIS A NE2 1 
ATOM   801  N  N   . PRO A 1 107 ? 4.778   4.890   13.286  1.00 18.21 ? 107  PRO A N   1 
ATOM   802  C  CA  . PRO A 1 107 ? 5.409   5.897   14.158  1.00 19.87 ? 107  PRO A CA  1 
ATOM   803  C  C   . PRO A 1 107 ? 5.888   5.338   15.497  1.00 22.30 ? 107  PRO A C   1 
ATOM   804  O  O   . PRO A 1 107 ? 5.265   4.376   16.000  1.00 22.98 ? 107  PRO A O   1 
ATOM   805  C  CB  . PRO A 1 107 ? 4.299   6.943   14.360  1.00 18.29 ? 107  PRO A CB  1 
ATOM   806  C  CG  . PRO A 1 107 ? 3.319   6.675   13.236  1.00 18.56 ? 107  PRO A CG  1 
ATOM   807  C  CD  . PRO A 1 107 ? 3.341   5.176   13.130  1.00 17.30 ? 107  PRO A CD  1 
ATOM   808  O  OXT . PRO A 1 107 ? 6.884   5.882   16.027  1.00 24.36 ? 107  PRO A OXT 1 
HETATM 809  FE FE  . HEC B 2 .   ? -6.824  5.407   -3.044  1.00 15.77 ? 201  HEC A FE  1 
HETATM 810  C  CHA . HEC B 2 .   ? -8.493  4.208   -0.398  1.00 12.49 ? 201  HEC A CHA 1 
HETATM 811  C  CHB . HEC B 2 .   ? -9.676  6.660   -4.367  1.00 13.79 ? 201  HEC A CHB 1 
HETATM 812  C  CHC . HEC B 2 .   ? -5.107  6.754   -5.586  1.00 12.25 ? 201  HEC A CHC 1 
HETATM 813  C  CHD . HEC B 2 .   ? -4.126  3.582   -2.143  1.00 11.03 ? 201  HEC A CHD 1 
HETATM 814  N  NA  . HEC B 2 .   ? -8.674  5.445   -2.512  1.00 13.82 ? 201  HEC A NA  1 
HETATM 815  C  C1A . HEC B 2 .   ? -9.221  4.903   -1.380  1.00 15.33 ? 201  HEC A C1A 1 
HETATM 816  C  C2A . HEC B 2 .   ? -10.654 5.159   -1.395  1.00 16.83 ? 201  HEC A C2A 1 
HETATM 817  C  C3A . HEC B 2 .   ? -10.997 5.788   -2.503  1.00 15.40 ? 201  HEC A C3A 1 
HETATM 818  C  C4A . HEC B 2 .   ? -9.753  5.986   -3.189  1.00 14.00 ? 201  HEC A C4A 1 
HETATM 819  C  CMA . HEC B 2 .   ? -12.411 6.244   -2.895  1.00 16.31 ? 201  HEC A CMA 1 
HETATM 820  C  CAA A HEC B 2 .   ? -11.613 4.801   -0.291  0.50 18.74 ? 201  HEC A CAA 1 
HETATM 821  C  CAA B HEC B 2 .   ? -11.613 4.801   -0.291  0.50 19.05 ? 201  HEC A CAA 1 
HETATM 822  C  CBA A HEC B 2 .   ? -11.978 3.336   -0.342  0.50 23.41 ? 201  HEC A CBA 1 
HETATM 823  C  CBA B HEC B 2 .   ? -12.125 3.386   -0.429  0.50 23.63 ? 201  HEC A CBA 1 
HETATM 824  C  CGA A HEC B 2 .   ? -12.034 2.731   1.035   0.50 27.49 ? 201  HEC A CGA 1 
HETATM 825  C  CGA B HEC B 2 .   ? -11.171 2.390   0.173   0.50 27.58 ? 201  HEC A CGA 1 
HETATM 826  O  O1A A HEC B 2 .   ? -10.953 2.426   1.586   0.50 28.91 ? 201  HEC A O1A 1 
HETATM 827  O  O1A B HEC B 2 .   ? -10.604 1.585   -0.598  0.50 28.88 ? 201  HEC A O1A 1 
HETATM 828  O  O2A A HEC B 2 .   ? -13.155 2.580   1.578   0.50 30.94 ? 201  HEC A O2A 1 
HETATM 829  O  O2A B HEC B 2 .   ? -10.970 2.427   1.411   0.50 31.39 ? 201  HEC A O2A 1 
HETATM 830  N  NB  . HEC B 2 .   ? -7.304  6.477   -4.675  1.00 13.91 ? 201  HEC A NB  1 
HETATM 831  C  C1B . HEC B 2 .   ? -8.547  6.872   -5.094  1.00 13.88 ? 201  HEC A C1B 1 
HETATM 832  C  C2B . HEC B 2 .   ? -8.510  7.636   -6.338  1.00 13.58 ? 201  HEC A C2B 1 
HETATM 833  C  C3B . HEC B 2 .   ? -7.166  7.749   -6.656  1.00 15.27 ? 201  HEC A C3B 1 
HETATM 834  C  C4B . HEC B 2 .   ? -6.448  6.982   -5.614  1.00 11.89 ? 201  HEC A C4B 1 
HETATM 835  C  CMB . HEC B 2 .   ? -9.705  8.164   -7.122  1.00 15.16 ? 201  HEC A CMB 1 
HETATM 836  C  CAB . HEC B 2 .   ? -6.573  8.504   -7.689  1.00 14.39 ? 201  HEC A CAB 1 
HETATM 837  C  CBB . HEC B 2 .   ? -6.748  9.964   -7.833  1.00 16.36 ? 201  HEC A CBB 1 
HETATM 838  N  NC  . HEC B 2 .   ? -5.002  5.216   -3.713  1.00 12.16 ? 201  HEC A NC  1 
HETATM 839  C  C1C . HEC B 2 .   ? -4.419  5.920   -4.719  1.00 12.65 ? 201  HEC A C1C 1 
HETATM 840  C  C2C . HEC B 2 .   ? -3.001  5.633   -4.825  1.00 12.41 ? 201  HEC A C2C 1 
HETATM 841  C  C3C . HEC B 2 .   ? -2.696  4.722   -3.874  1.00 9.75  ? 201  HEC A C3C 1 
HETATM 842  C  C4C . HEC B 2 .   ? -3.979  4.444   -3.211  1.00 11.91 ? 201  HEC A C4C 1 
HETATM 843  C  CMC . HEC B 2 .   ? -2.040  6.249   -5.849  1.00 10.11 ? 201  HEC A CMC 1 
HETATM 844  C  CAC . HEC B 2 .   ? -1.439  4.088   -3.684  1.00 10.49 ? 201  HEC A CAC 1 
HETATM 845  C  CBC . HEC B 2 .   ? -0.234  4.837   -3.384  1.00 11.47 ? 201  HEC A CBC 1 
HETATM 846  N  ND  . HEC B 2 .   ? -6.381  4.194   -1.543  1.00 12.74 ? 201  HEC A ND  1 
HETATM 847  C  C1D . HEC B 2 .   ? -5.212  3.492   -1.336  1.00 12.36 ? 201  HEC A C1D 1 
HETATM 848  C  C2D . HEC B 2 .   ? -5.247  2.753   -0.083  1.00 12.78 ? 201  HEC A C2D 1 
HETATM 849  C  C3D . HEC B 2 .   ? -6.468  2.987   0.454   1.00 13.14 ? 201  HEC A C3D 1 
HETATM 850  C  C4D . HEC B 2 .   ? -7.167  3.864   -0.470  1.00 13.14 ? 201  HEC A C4D 1 
HETATM 851  C  CMD . HEC B 2 .   ? -4.128  1.932   0.560   1.00 13.58 ? 201  HEC A CMD 1 
HETATM 852  C  CAD . HEC B 2 .   ? -7.012  2.353   1.735   1.00 14.93 ? 201  HEC A CAD 1 
HETATM 853  C  CBD . HEC B 2 .   ? -7.800  1.101   1.377   1.00 15.04 ? 201  HEC A CBD 1 
HETATM 854  C  CGD . HEC B 2 .   ? -8.010  0.208   2.561   1.00 17.22 ? 201  HEC A CGD 1 
HETATM 855  O  O1D . HEC B 2 .   ? -7.541  -0.945  2.528   1.00 21.46 ? 201  HEC A O1D 1 
HETATM 856  O  O2D . HEC B 2 .   ? -8.625  0.655   3.540   1.00 19.90 ? 201  HEC A O2D 1 
HETATM 857  FE FE  . HEC C 2 .   ? -4.761  -6.423  -5.361  1.00 16.70 ? 202  HEC A FE  1 
HETATM 858  C  CHA . HEC C 2 .   ? -2.748  -8.574  -6.991  1.00 17.54 ? 202  HEC A CHA 1 
HETATM 859  C  CHB . HEC C 2 .   ? -2.120  -4.632  -4.248  1.00 18.64 ? 202  HEC A CHB 1 
HETATM 860  C  CHC . HEC C 2 .   ? -6.861  -3.988  -4.107  1.00 15.55 ? 202  HEC A CHC 1 
HETATM 861  C  CHD . HEC C 2 .   ? -7.472  -8.401  -6.103  1.00 14.72 ? 202  HEC A CHD 1 
HETATM 862  N  NA  . HEC C 2 .   ? -2.837  -6.588  -5.578  1.00 16.61 ? 202  HEC A NA  1 
HETATM 863  C  C1A . HEC C 2 .   ? -2.145  -7.526  -6.307  1.00 18.85 ? 202  HEC A C1A 1 
HETATM 864  C  C2A . HEC C 2 .   ? -0.720  -7.335  -6.190  1.00 17.90 ? 202  HEC A C2A 1 
HETATM 865  C  C3A . HEC C 2 .   ? -0.560  -6.260  -5.404  1.00 17.43 ? 202  HEC A C3A 1 
HETATM 866  C  C4A . HEC C 2 .   ? -1.867  -5.797  -5.016  1.00 17.69 ? 202  HEC A C4A 1 
HETATM 867  C  CMA . HEC C 2 .   ? 0.745   -5.567  -5.080  1.00 16.85 ? 202  HEC A CMA 1 
HETATM 868  C  CAA . HEC C 2 .   ? 0.356   -8.230  -6.769  1.00 18.36 ? 202  HEC A CAA 1 
HETATM 869  C  CBA . HEC C 2 .   ? 0.447   -9.452  -5.861  1.00 21.12 ? 202  HEC A CBA 1 
HETATM 870  C  CGA . HEC C 2 .   ? 1.335   -10.558 -6.415  1.00 23.51 ? 202  HEC A CGA 1 
HETATM 871  O  O1A . HEC C 2 .   ? 1.975   -10.369 -7.471  1.00 21.12 ? 202  HEC A O1A 1 
HETATM 872  O  O2A . HEC C 2 .   ? 1.387   -11.631 -5.783  1.00 23.40 ? 202  HEC A O2A 1 
HETATM 873  N  NB  . HEC C 2 .   ? -4.548  -4.646  -4.336  1.00 15.87 ? 202  HEC A NB  1 
HETATM 874  C  C1B . HEC C 2 .   ? -3.364  -4.088  -3.919  1.00 16.75 ? 202  HEC A C1B 1 
HETATM 875  C  C2B . HEC C 2 .   ? -3.577  -2.899  -3.138  1.00 15.83 ? 202  HEC A C2B 1 
HETATM 876  C  C3B . HEC C 2 .   ? -4.923  -2.679  -3.130  1.00 15.75 ? 202  HEC A C3B 1 
HETATM 877  C  C4B . HEC C 2 .   ? -5.510  -3.767  -3.915  1.00 14.84 ? 202  HEC A C4B 1 
HETATM 878  C  CMB . HEC C 2 .   ? -2.511  -2.109  -2.371  1.00 15.77 ? 202  HEC A CMB 1 
HETATM 879  C  CAB . HEC C 2 .   ? -5.599  -1.632  -2.464  1.00 15.76 ? 202  HEC A CAB 1 
HETATM 880  C  CBB . HEC C 2 .   ? -5.381  -0.242  -2.898  1.00 14.57 ? 202  HEC A CBB 1 
HETATM 881  N  NC  . HEC C 2 .   ? -6.748  -6.255  -5.113  1.00 16.53 ? 202  HEC A NC  1 
HETATM 882  C  C1C . HEC C 2 .   ? -7.457  -5.153  -4.629  1.00 15.98 ? 202  HEC A C1C 1 
HETATM 883  C  C2C . HEC C 2 .   ? -8.892  -5.424  -4.639  1.00 15.03 ? 202  HEC A C2C 1 
HETATM 884  C  C3C . HEC C 2 .   ? -9.075  -6.706  -5.106  1.00 16.70 ? 202  HEC A C3C 1 
HETATM 885  C  C4C . HEC C 2 .   ? -7.735  -7.206  -5.431  1.00 15.53 ? 202  HEC A C4C 1 
HETATM 886  C  CMC . HEC C 2 .   ? -9.992  -4.475  -4.131  1.00 13.26 ? 202  HEC A CMC 1 
HETATM 887  C  CAC . HEC C 2 .   ? -10.284 -7.426  -5.115  1.00 15.19 ? 202  HEC A CAC 1 
HETATM 888  C  CBC . HEC C 2 .   ? -11.410 -6.874  -5.844  1.00 16.73 ? 202  HEC A CBC 1 
HETATM 889  N  ND  . HEC C 2 .   ? -5.044  -8.140  -6.350  1.00 17.68 ? 202  HEC A ND  1 
HETATM 890  C  C1D . HEC C 2 .   ? -6.245  -8.824  -6.582  1.00 15.01 ? 202  HEC A C1D 1 
HETATM 891  C  C2D . HEC C 2 .   ? -6.042  -9.982  -7.456  1.00 16.29 ? 202  HEC A C2D 1 
HETATM 892  C  C3D . HEC C 2 .   ? -4.702  -10.027 -7.682  1.00 18.29 ? 202  HEC A C3D 1 
HETATM 893  C  C4D . HEC C 2 .   ? -4.095  -8.879  -7.009  1.00 17.67 ? 202  HEC A C4D 1 
HETATM 894  C  CMD . HEC C 2 .   ? -7.098  -10.907 -8.086  1.00 16.09 ? 202  HEC A CMD 1 
HETATM 895  C  CAD . HEC C 2 .   ? -3.959  -11.044 -8.551  1.00 19.01 ? 202  HEC A CAD 1 
HETATM 896  C  CBD . HEC C 2 .   ? -3.356  -10.368 -9.789  1.00 23.81 ? 202  HEC A CBD 1 
HETATM 897  C  CGD . HEC C 2 .   ? -4.409  -9.712  -10.656 1.00 27.33 ? 202  HEC A CGD 1 
HETATM 898  O  O1D . HEC C 2 .   ? -5.406  -10.378 -10.998 1.00 32.09 ? 202  HEC A O1D 1 
HETATM 899  O  O2D . HEC C 2 .   ? -4.260  -8.524  -11.003 1.00 29.22 ? 202  HEC A O2D 1 
HETATM 900  FE FE  . HEC D 2 .   ? 3.757   6.291   -0.463  1.00 11.89 ? 203  HEC A FE  1 
HETATM 901  C  CHA . HEC D 2 .   ? 4.916   9.207   0.795   1.00 12.55 ? 203  HEC A CHA 1 
HETATM 902  C  CHB . HEC D 2 .   ? 2.371   5.485   2.565   1.00 10.67 ? 203  HEC A CHB 1 
HETATM 903  C  CHC . HEC D 2 .   ? 2.499   3.373   -1.765  1.00 13.18 ? 203  HEC A CHC 1 
HETATM 904  C  CHD . HEC D 2 .   ? 5.240   6.960   -3.489  1.00 11.78 ? 203  HEC A CHD 1 
HETATM 905  N  NA  . HEC D 2 .   ? 3.693   7.128   1.271   1.00 11.37 ? 203  HEC A NA  1 
HETATM 906  C  C1A . HEC D 2 .   ? 4.259   8.331   1.623   1.00 12.05 ? 203  HEC A C1A 1 
HETATM 907  C  C2A . HEC D 2 .   ? 4.101   8.541   3.008   1.00 14.47 ? 203  HEC A C2A 1 
HETATM 908  C  C3A . HEC D 2 .   ? 3.379   7.522   3.552   1.00 12.45 ? 203  HEC A C3A 1 
HETATM 909  C  C4A . HEC D 2 .   ? 3.104   6.651   2.450   1.00 12.00 ? 203  HEC A C4A 1 
HETATM 910  C  CMA . HEC D 2 .   ? 2.995   7.346   5.020   1.00 8.53  ? 203  HEC A CMA 1 
HETATM 911  C  CAA . HEC D 2 .   ? 4.761   9.661   3.782   1.00 17.16 ? 203  HEC A CAA 1 
HETATM 912  C  CBA . HEC D 2 .   ? 3.920   10.919  3.862   1.00 22.81 ? 203  HEC A CBA 1 
HETATM 913  C  CGA . HEC D 2 .   ? 4.399   11.824  4.976   1.00 27.64 ? 203  HEC A CGA 1 
HETATM 914  O  O1A . HEC D 2 .   ? 5.313   12.648  4.737   1.00 31.16 ? 203  HEC A O1A 1 
HETATM 915  O  O2A . HEC D 2 .   ? 3.888   11.676  6.102   1.00 29.41 ? 203  HEC A O2A 1 
HETATM 916  N  NB  . HEC D 2 .   ? 2.666   4.751   0.275   1.00 11.70 ? 203  HEC A NB  1 
HETATM 917  C  C1B . HEC D 2 .   ? 2.206   4.567   1.558   1.00 12.29 ? 203  HEC A C1B 1 
HETATM 918  C  C2B . HEC D 2 .   ? 1.520   3.302   1.679   1.00 11.09 ? 203  HEC A C2B 1 
HETATM 919  C  C3B . HEC D 2 .   ? 1.475   2.737   0.450   1.00 11.02 ? 203  HEC A C3B 1 
HETATM 920  C  C4B . HEC D 2 .   ? 2.226   3.624   -0.415  1.00 11.85 ? 203  HEC A C4B 1 
HETATM 921  C  CMB . HEC D 2 .   ? 1.079   2.663   3.000   1.00 11.10 ? 203  HEC A CMB 1 
HETATM 922  C  CAB . HEC D 2 .   ? 0.807   1.563   0.084   1.00 10.75 ? 203  HEC A CAB 1 
HETATM 923  C  CBB . HEC D 2 .   ? -0.633  1.446   0.218   1.00 8.29  ? 203  HEC A CBB 1 
HETATM 924  N  NC  . HEC D 2 .   ? 3.882   5.366   -2.265  1.00 13.40 ? 203  HEC A NC  1 
HETATM 925  C  C1C . HEC D 2 .   ? 3.262   4.170   -2.626  1.00 13.52 ? 203  HEC A C1C 1 
HETATM 926  C  C2C . HEC D 2 .   ? 3.488   3.848   -4.008  1.00 14.16 ? 203  HEC A C2C 1 
HETATM 927  C  C3C . HEC D 2 .   ? 4.309   4.864   -4.493  1.00 12.81 ? 203  HEC A C3C 1 
HETATM 928  C  C4C . HEC D 2 .   ? 4.540   5.783   -3.401  1.00 12.92 ? 203  HEC A C4C 1 
HETATM 929  C  CMC . HEC D 2 .   ? 2.913   2.602   -4.696  1.00 13.79 ? 203  HEC A CMC 1 
HETATM 930  C  CAC . HEC D 2 .   ? 4.913   5.004   -5.743  1.00 11.31 ? 203  HEC A CAC 1 
HETATM 931  C  CBC . HEC D 2 .   ? 4.255   4.635   -7.005  1.00 12.14 ? 203  HEC A CBC 1 
HETATM 932  N  ND  . HEC D 2 .   ? 4.840   7.749   -1.182  1.00 13.25 ? 203  HEC A ND  1 
HETATM 933  C  C1D . HEC D 2 .   ? 5.324   7.908   -2.477  1.00 14.97 ? 203  HEC A C1D 1 
HETATM 934  C  C2D . HEC D 2 .   ? 5.877   9.241   -2.653  1.00 15.12 ? 203  HEC A C2D 1 
HETATM 935  C  C3D . HEC D 2 .   ? 5.817   9.848   -1.417  1.00 14.17 ? 203  HEC A C3D 1 
HETATM 936  C  C4D . HEC D 2 .   ? 5.174   8.938   -0.528  1.00 14.80 ? 203  HEC A C4D 1 
HETATM 937  C  CMD . HEC D 2 .   ? 6.335   9.876   -3.985  1.00 14.97 ? 203  HEC A CMD 1 
HETATM 938  C  CAD . HEC D 2 .   ? 6.358   11.221  -1.044  1.00 16.04 ? 203  HEC A CAD 1 
HETATM 939  C  CBD . HEC D 2 .   ? 7.878   11.287  -0.876  1.00 15.56 ? 203  HEC A CBD 1 
HETATM 940  C  CGD . HEC D 2 .   ? 8.422   12.715  -0.868  1.00 19.47 ? 203  HEC A CGD 1 
HETATM 941  O  O1D . HEC D 2 .   ? 8.134   13.485  0.088   1.00 17.35 ? 203  HEC A O1D 1 
HETATM 942  O  O2D . HEC D 2 .   ? 9.156   13.054  -1.826  1.00 16.76 ? 203  HEC A O2D 1 
HETATM 943  FE FE  . HEC E 2 .   ? 4.193   -2.435  7.925   1.00 14.63 ? 204  HEC A FE  1 
HETATM 944  C  CHA . HEC E 2 .   ? 1.163   -3.594  9.010   1.00 12.22 ? 204  HEC A CHA 1 
HETATM 945  C  CHB . HEC E 2 .   ? 5.750   -4.975  9.697   1.00 12.87 ? 204  HEC A CHB 1 
HETATM 946  C  CHC . HEC E 2 .   ? 7.252   -1.099  7.213   1.00 10.64 ? 204  HEC A CHC 1 
HETATM 947  C  CHD . HEC E 2 .   ? 2.750   -0.225  5.879   1.00 12.43 ? 204  HEC A CHD 1 
HETATM 948  N  NA  . HEC E 2 .   ? 3.596   -3.929  9.216   1.00 16.04 ? 204  HEC A NA  1 
HETATM 949  C  C1A . HEC E 2 .   ? 2.290   -4.223  9.588   1.00 13.37 ? 204  HEC A C1A 1 
HETATM 950  C  C2A . HEC E 2 .   ? 2.296   -5.372  10.517  1.00 13.15 ? 204  HEC A C2A 1 
HETATM 951  C  C3A . HEC E 2 .   ? 3.556   -5.767  10.703  1.00 13.95 ? 204  HEC A C3A 1 
HETATM 952  C  C4A . HEC E 2 .   ? 4.385   -4.882  9.864   1.00 14.13 ? 204  HEC A C4A 1 
HETATM 953  C  CMA . HEC E 2 .   ? 3.992   -6.845  11.677  1.00 15.29 ? 204  HEC A CMA 1 
HETATM 954  C  CAA . HEC E 2 .   ? 1.115   -6.002  11.182  1.00 12.21 ? 204  HEC A CAA 1 
HETATM 955  C  CBA . HEC E 2 .   ? 0.279   -6.803  10.211  1.00 14.92 ? 204  HEC A CBA 1 
HETATM 956  C  CGA . HEC E 2 .   ? -1.124  -7.095  10.741  1.00 18.59 ? 204  HEC A CGA 1 
HETATM 957  O  O1A . HEC E 2 .   ? -1.650  -6.309  11.559  1.00 18.07 ? 204  HEC A O1A 1 
HETATM 958  O  O2A . HEC E 2 .   ? -1.714  -8.115  10.329  1.00 19.65 ? 204  HEC A O2A 1 
HETATM 959  N  NB  . HEC E 2 .   ? 6.063   -2.981  8.258   1.00 14.31 ? 204  HEC A NB  1 
HETATM 960  C  C1B . HEC E 2 .   ? 6.521   -4.105  8.939   1.00 13.90 ? 204  HEC A C1B 1 
HETATM 961  C  C2B . HEC E 2 .   ? 7.942   -4.193  8.844   1.00 13.56 ? 204  HEC A C2B 1 
HETATM 962  C  C3B . HEC E 2 .   ? 8.391   -3.113  8.159   1.00 12.69 ? 204  HEC A C3B 1 
HETATM 963  C  C4B . HEC E 2 .   ? 7.222   -2.341  7.833   1.00 13.32 ? 204  HEC A C4B 1 
HETATM 964  C  CMB . HEC E 2 .   ? 8.773   -5.385  9.267   1.00 11.48 ? 204  HEC A CMB 1 
HETATM 965  C  CAB . HEC E 2 .   ? 9.705   -2.854  7.789   1.00 13.43 ? 204  HEC A CAB 1 
HETATM 966  C  CBB . HEC E 2 .   ? 10.167  -3.326  6.480   1.00 13.73 ? 204  HEC A CBB 1 
HETATM 967  N  NC  . HEC E 2 .   ? 4.876   -0.910  6.865   1.00 11.43 ? 204  HEC A NC  1 
HETATM 968  C  C1C . HEC E 2 .   ? 6.142   -0.419  6.776   1.00 11.93 ? 204  HEC A C1C 1 
HETATM 969  C  C2C . HEC E 2 .   ? 6.159   0.826   5.980   1.00 11.41 ? 204  HEC A C2C 1 
HETATM 970  C  C3C . HEC E 2 .   ? 4.871   1.064   5.529   1.00 11.69 ? 204  HEC A C3C 1 
HETATM 971  C  C4C . HEC E 2 .   ? 4.111   -0.067  6.060   1.00 12.03 ? 204  HEC A C4C 1 
HETATM 972  C  CMC . HEC E 2 .   ? 7.411   1.642   5.709   1.00 7.67  ? 204  HEC A CMC 1 
HETATM 973  C  CAC . HEC E 2 .   ? 4.338   2.146   4.815   1.00 10.05 ? 204  HEC A CAC 1 
HETATM 974  C  CBC . HEC E 2 .   ? 4.780   2.379   3.452   1.00 9.74  ? 204  HEC A CBC 1 
HETATM 975  N  ND  . HEC E 2 .   ? 2.340   -2.026  7.511   1.00 12.65 ? 204  HEC A ND  1 
HETATM 976  C  C1D . HEC E 2 .   ? 1.907   -1.136  6.538   1.00 12.92 ? 204  HEC A C1D 1 
HETATM 977  C  C2D . HEC E 2 .   ? 0.495   -1.236  6.342   1.00 11.19 ? 204  HEC A C2D 1 
HETATM 978  C  C3D . HEC E 2 .   ? 0.016   -2.112  7.247   1.00 11.97 ? 204  HEC A C3D 1 
HETATM 979  C  C4D . HEC E 2 .   ? 1.174   -2.605  8.002   1.00 13.65 ? 204  HEC A C4D 1 
HETATM 980  C  CMD . HEC E 2 .   ? -0.293  -0.492  5.285   1.00 11.40 ? 204  HEC A CMD 1 
HETATM 981  C  CAD . HEC E 2 .   ? -1.463  -2.519  7.396   1.00 14.25 ? 204  HEC A CAD 1 
HETATM 982  C  CBD . HEC E 2 .   ? -1.963  -3.577  6.403   1.00 13.01 ? 204  HEC A CBD 1 
HETATM 983  C  CGD . HEC E 2 .   ? -1.319  -4.943  6.601   1.00 15.51 ? 204  HEC A CGD 1 
HETATM 984  O  O1D . HEC E 2 .   ? -1.971  -5.823  7.194   1.00 17.88 ? 204  HEC A O1D 1 
HETATM 985  O  O2D . HEC E 2 .   ? -0.171  -5.154  6.153   1.00 15.52 ? 204  HEC A O2D 1 
HETATM 986  S  S   . SO4 F 3 .   ? -4.405  13.032  2.947   0.75 20.94 ? 300  SO4 A S   1 
HETATM 987  O  O1  . SO4 F 3 .   ? -4.514  11.740  3.597   0.75 28.23 ? 300  SO4 A O1  1 
HETATM 988  O  O2  . SO4 F 3 .   ? -3.020  13.208  2.397   0.75 25.18 ? 300  SO4 A O2  1 
HETATM 989  O  O3  . SO4 F 3 .   ? -5.429  13.194  1.774   0.75 25.94 ? 300  SO4 A O3  1 
HETATM 990  O  O4  . SO4 F 3 .   ? -4.768  14.140  3.964   0.75 24.24 ? 300  SO4 A O4  1 
HETATM 991  S  S   . SO4 G 3 .   ? -0.396  0.041   16.122  0.85 37.80 ? 301  SO4 A S   1 
HETATM 992  O  O1  . SO4 G 3 .   ? -1.289  -0.483  17.174  0.85 35.24 ? 301  SO4 A O1  1 
HETATM 993  O  O2  . SO4 G 3 .   ? 0.139   1.406   16.536  0.85 37.38 ? 301  SO4 A O2  1 
HETATM 994  O  O3  . SO4 G 3 .   ? 0.820   -0.885  15.839  0.85 36.25 ? 301  SO4 A O3  1 
HETATM 995  O  O4  . SO4 G 3 .   ? -1.173  0.090   14.781  0.85 35.58 ? 301  SO4 A O4  1 
HETATM 996  O  O   . HOH H 4 .   ? -14.113 10.820  -1.219  1.00 32.64 ? 2001 HOH A O   1 
HETATM 997  O  O   . HOH H 4 .   ? -12.451 13.484  -0.503  1.00 28.99 ? 2002 HOH A O   1 
HETATM 998  O  O   . HOH H 4 .   ? -14.374 17.637  7.525   1.00 29.49 ? 2003 HOH A O   1 
HETATM 999  O  O   . HOH H 4 .   ? 8.110   -4.645  12.434  1.00 22.58 ? 2004 HOH A O   1 
HETATM 1000 O  O   . HOH H 4 .   ? -10.358 8.782   7.809   1.00 19.07 ? 2005 HOH A O   1 
HETATM 1001 O  O   . HOH H 4 .   ? -10.230 5.707   7.513   1.00 28.18 ? 2006 HOH A O   1 
HETATM 1002 O  O   . HOH H 4 .   ? -10.524 2.901   5.868   1.00 31.94 ? 2007 HOH A O   1 
HETATM 1003 O  O   . HOH H 4 .   ? -5.977  3.811   13.412  1.00 12.91 ? 2008 HOH A O   1 
HETATM 1004 O  O   . HOH H 4 .   ? -11.406 2.724   8.551   1.00 23.22 ? 2009 HOH A O   1 
HETATM 1005 O  O   . HOH H 4 .   ? -4.717  13.801  -3.767  1.00 29.67 ? 2010 HOH A O   1 
HETATM 1006 O  O   . HOH H 4 .   ? -8.696  -1.390  6.013   1.00 17.63 ? 2011 HOH A O   1 
HETATM 1007 O  O   . HOH H 4 .   ? -12.186 -2.997  13.334  1.00 15.01 ? 2012 HOH A O   1 
HETATM 1008 O  O   . HOH H 4 .   ? -8.166  -4.182  5.785   1.00 19.14 ? 2013 HOH A O   1 
HETATM 1009 O  O   . HOH H 4 .   ? -2.285  -11.498 13.694  1.00 26.67 ? 2014 HOH A O   1 
HETATM 1010 O  O   . HOH H 4 .   ? 19.899  2.808   7.859   1.00 35.28 ? 2015 HOH A O   1 
HETATM 1011 O  O   . HOH H 4 .   ? 1.934   -9.092  13.465  1.00 32.20 ? 2016 HOH A O   1 
HETATM 1012 O  O   . HOH H 4 .   ? -3.436  -5.073  -14.240 1.00 24.89 ? 2017 HOH A O   1 
HETATM 1013 O  O   . HOH H 4 .   ? -4.310  -0.729  -16.326 1.00 38.10 ? 2018 HOH A O   1 
HETATM 1014 O  O   . HOH H 4 .   ? 5.571   -5.307  14.806  1.00 29.60 ? 2019 HOH A O   1 
HETATM 1015 O  O   . HOH H 4 .   ? -6.353  -3.414  12.931  1.00 34.91 ? 2020 HOH A O   1 
HETATM 1016 O  O   . HOH H 4 .   ? -8.240  0.556   13.725  1.00 37.33 ? 2021 HOH A O   1 
HETATM 1017 O  O   . HOH H 4 .   ? -0.039  4.914   10.491  1.00 8.60  ? 2022 HOH A O   1 
HETATM 1018 O  O   . HOH H 4 .   ? -6.012  9.404   2.340   1.00 14.15 ? 2023 HOH A O   1 
HETATM 1019 O  O   . HOH H 4 .   ? -3.843  11.157  -4.329  1.00 20.22 ? 2024 HOH A O   1 
HETATM 1020 O  O   . HOH H 4 .   ? -5.866  -18.988 1.865   1.00 29.70 ? 2025 HOH A O   1 
HETATM 1021 O  O   . HOH H 4 .   ? 1.380   17.080  -2.242  1.00 42.72 ? 2026 HOH A O   1 
HETATM 1022 O  O   . HOH H 4 .   ? 2.526   12.411  -5.750  1.00 23.79 ? 2027 HOH A O   1 
HETATM 1023 O  O   . HOH H 4 .   ? -2.888  13.299  -11.050 1.00 37.42 ? 2028 HOH A O   1 
HETATM 1024 O  O   . HOH H 4 .   ? -3.213  16.067  -3.081  1.00 32.35 ? 2029 HOH A O   1 
HETATM 1025 O  O   . HOH H 4 .   ? -0.607  10.828  -12.583 1.00 27.10 ? 2030 HOH A O   1 
HETATM 1026 O  O   . HOH H 4 .   ? -3.488  9.954   -6.954  1.00 14.12 ? 2031 HOH A O   1 
HETATM 1027 O  O   . HOH H 4 .   ? -2.095  3.585   -16.946 1.00 32.97 ? 2032 HOH A O   1 
HETATM 1028 O  O   . HOH H 4 .   ? 2.226   7.117   -14.803 1.00 37.95 ? 2033 HOH A O   1 
HETATM 1029 O  O   . HOH H 4 .   ? -1.998  -1.260  -12.158 1.00 25.46 ? 2034 HOH A O   1 
HETATM 1030 O  O   . HOH H 4 .   ? -5.624  5.705   -12.681 1.00 15.62 ? 2035 HOH A O   1 
HETATM 1031 O  O   . HOH H 4 .   ? 0.562   -1.477  -10.097 1.00 14.24 ? 2036 HOH A O   1 
HETATM 1032 O  O   . HOH H 4 .   ? -1.251  -2.536  -6.716  1.00 18.65 ? 2037 HOH A O   1 
HETATM 1033 O  O   . HOH H 4 .   ? -8.663  -0.893  -4.759  1.00 16.43 ? 2038 HOH A O   1 
HETATM 1034 O  O   . HOH H 4 .   ? -9.457  0.995   -10.595 1.00 22.13 ? 2039 HOH A O   1 
HETATM 1035 O  O   . HOH H 4 .   ? -8.299  -2.525  -7.093  1.00 12.70 ? 2040 HOH A O   1 
HETATM 1036 O  O   . HOH H 4 .   ? 18.024  5.108   8.288   1.00 34.99 ? 2041 HOH A O   1 
HETATM 1037 O  O   . HOH H 4 .   ? -5.177  -6.817  -13.092 1.00 34.84 ? 2042 HOH A O   1 
HETATM 1038 O  O   . HOH H 4 .   ? -4.069  -2.473  -13.326 1.00 11.70 ? 2043 HOH A O   1 
HETATM 1039 O  O   . HOH H 4 .   ? 15.539  3.157   8.683   1.00 34.75 ? 2044 HOH A O   1 
HETATM 1040 O  O   . HOH H 4 .   ? 14.708  -0.964  7.721   1.00 33.02 ? 2045 HOH A O   1 
HETATM 1041 O  O   . HOH H 4 .   ? -9.047  -12.200 -10.935 1.00 34.78 ? 2046 HOH A O   1 
HETATM 1042 O  O   . HOH H 4 .   ? -7.280  -7.656  -15.109 1.00 21.30 ? 2047 HOH A O   1 
HETATM 1043 O  O   . HOH H 4 .   ? -14.324 -0.788  -15.196 1.00 29.00 ? 2048 HOH A O   1 
HETATM 1044 O  O   . HOH H 4 .   ? -15.156 -0.018  -6.565  1.00 30.84 ? 2049 HOH A O   1 
HETATM 1045 O  O   . HOH H 4 .   ? -8.363  3.249   -12.566 1.00 28.85 ? 2050 HOH A O   1 
HETATM 1046 O  O   . HOH H 4 .   ? -14.419 -1.465  -0.297  1.00 26.31 ? 2051 HOH A O   1 
HETATM 1047 O  O   . HOH H 4 .   ? -12.933 -12.960 3.447   1.00 28.44 ? 2052 HOH A O   1 
HETATM 1048 O  O   . HOH H 4 .   ? -1.646  -10.450 5.776   1.00 15.98 ? 2053 HOH A O   1 
HETATM 1049 O  O   . HOH H 4 .   ? -6.823  -17.186 3.642   1.00 28.72 ? 2054 HOH A O   1 
HETATM 1050 O  O   . HOH H 4 .   ? -3.715  -17.638 6.667   1.00 30.00 ? 2055 HOH A O   1 
HETATM 1051 O  O   . HOH H 4 .   ? -6.072  -14.952 8.402   1.00 16.01 ? 2056 HOH A O   1 
HETATM 1052 O  O   . HOH H 4 .   ? 4.172   -10.346 12.422  1.00 25.80 ? 2057 HOH A O   1 
HETATM 1053 O  O   . HOH H 4 .   ? 0.664   -10.259 11.289  1.00 31.82 ? 2058 HOH A O   1 
HETATM 1054 O  O   . HOH H 4 .   ? 2.849   -16.999 6.465   1.00 32.46 ? 2059 HOH A O   1 
HETATM 1055 O  O   . HOH H 4 .   ? -2.136  -16.324 1.739   1.00 32.43 ? 2060 HOH A O   1 
HETATM 1056 O  O   . HOH H 4 .   ? -2.937  -16.256 -0.817  1.00 30.73 ? 2061 HOH A O   1 
HETATM 1057 O  O   . HOH H 4 .   ? 6.293   -9.380  10.488  1.00 30.26 ? 2062 HOH A O   1 
HETATM 1058 O  O   . HOH H 4 .   ? 9.833   -9.338  -0.730  1.00 35.67 ? 2063 HOH A O   1 
HETATM 1059 O  O   . HOH H 4 .   ? 4.073   -4.178  -11.348 1.00 33.45 ? 2064 HOH A O   1 
HETATM 1060 O  O   . HOH H 4 .   ? 0.104   -3.305  -12.630 1.00 29.81 ? 2065 HOH A O   1 
HETATM 1061 O  O   . HOH H 4 .   ? 5.939   -4.505  -6.580  1.00 35.37 ? 2066 HOH A O   1 
HETATM 1062 O  O   . HOH H 4 .   ? 0.538   0.126   -3.372  1.00 20.81 ? 2067 HOH A O   1 
HETATM 1063 O  O   . HOH H 4 .   ? 6.600   -2.367  -8.483  1.00 40.37 ? 2068 HOH A O   1 
HETATM 1064 O  O   . HOH H 4 .   ? 12.197  -1.656  -5.728  1.00 29.62 ? 2069 HOH A O   1 
HETATM 1065 O  O   . HOH H 4 .   ? 16.455  1.369   -1.723  1.00 27.87 ? 2070 HOH A O   1 
HETATM 1066 O  O   . HOH H 4 .   ? 14.795  4.828   -7.859  1.00 11.43 ? 2071 HOH A O   1 
HETATM 1067 O  O   . HOH H 4 .   ? 7.814   0.329   -7.815  1.00 31.83 ? 2072 HOH A O   1 
HETATM 1068 O  O   . HOH H 4 .   ? 16.505  13.239  -6.166  1.00 29.69 ? 2073 HOH A O   1 
HETATM 1069 O  O   . HOH H 4 .   ? 18.716  8.854   5.723   1.00 23.15 ? 2074 HOH A O   1 
HETATM 1070 O  O   . HOH H 4 .   ? 12.892  15.307  1.275   1.00 21.35 ? 2075 HOH A O   1 
HETATM 1071 O  O   . HOH H 4 .   ? 16.221  8.090   7.219   1.00 20.22 ? 2076 HOH A O   1 
HETATM 1072 O  O   . HOH H 4 .   ? 13.646  9.318   6.871   1.00 17.97 ? 2077 HOH A O   1 
HETATM 1073 O  O   . HOH H 4 .   ? 9.452   9.570   11.225  1.00 36.53 ? 2078 HOH A O   1 
HETATM 1074 O  O   . HOH H 4 .   ? 13.468  11.030  10.239  1.00 35.14 ? 2079 HOH A O   1 
HETATM 1075 O  O   . HOH H 4 .   ? 14.862  1.154   6.151   1.00 27.67 ? 2080 HOH A O   1 
HETATM 1076 O  O   . HOH H 4 .   ? 6.363   -2.670  11.751  1.00 15.46 ? 2081 HOH A O   1 
HETATM 1077 O  O   . HOH H 4 .   ? 13.474  -0.360  10.319  1.00 17.82 ? 2082 HOH A O   1 
HETATM 1078 O  O   . HOH H 4 .   ? 7.086   -0.548  14.976  1.00 23.07 ? 2083 HOH A O   1 
HETATM 1079 O  O   . HOH H 4 .   ? 7.855   2.562   15.739  1.00 28.95 ? 2084 HOH A O   1 
HETATM 1080 O  O   . HOH H 4 .   ? 6.962   9.037   12.409  1.00 29.75 ? 2085 HOH A O   1 
HETATM 1081 O  O   . HOH H 4 .   ? 5.118   14.361  7.528   1.00 16.82 ? 2086 HOH A O   1 
HETATM 1082 O  O   . HOH H 4 .   ? 8.823   14.523  10.347  1.00 23.24 ? 2087 HOH A O   1 
HETATM 1083 O  O   . HOH H 4 .   ? 6.615   14.798  12.224  1.00 20.11 ? 2088 HOH A O   1 
HETATM 1084 O  O   . HOH H 4 .   ? 7.337   11.540  12.497  1.00 35.89 ? 2089 HOH A O   1 
HETATM 1085 O  O   . HOH H 4 .   ? 1.575   0.976   13.332  1.00 29.30 ? 2090 HOH A O   1 
HETATM 1086 O  O   . HOH H 4 .   ? 8.256   8.318   14.588  1.00 31.20 ? 2091 HOH A O   1 
HETATM 1087 O  O   . HOH H 4 .   ? -13.062 5.295   2.847   1.00 36.54 ? 2092 HOH A O   1 
HETATM 1088 O  O   . HOH H 4 .   ? -7.918  -9.859  -11.953 1.00 18.07 ? 2093 HOH A O   1 
HETATM 1089 O  O   . HOH H 4 .   ? 10.026  16.472  0.780   1.00 36.43 ? 2094 HOH A O   1 
HETATM 1090 O  O   . HOH H 4 .   ? -1.339  -8.406  7.672   1.00 9.68  ? 2095 HOH A O   1 
HETATM 1091 O  O   . HOH H 4 .   ? -1.442  14.953  3.594   1.00 35.45 ? 2096 HOH A O   1 
HETATM 1092 O  O   . HOH H 4 .   ? -4.121  -0.485  15.702  1.00 30.00 ? 2097 HOH A O   1 
# 
